data_2DKM
#
_entry.id   2DKM
#
_entity_poly.entity_id   1
_entity_poly.type   'polypeptide(L)'
_entity_poly.pdbx_seq_one_letter_code
;GSSGSSGPLPPPRALTLAAVTPRTVHLTWQPSAGATHYLVRCSPASPKGEEEEREVQVGRPEVLLDGLEPGRDYEVSVQS
LRGPEGSEARGIRARTPTSGPSSG
;
_entity_poly.pdbx_strand_id   A
#
# COMPACT_ATOMS: atom_id res chain seq x y z
N GLY A 1 -12.66 8.45 17.54
CA GLY A 1 -13.85 7.79 17.06
C GLY A 1 -14.59 8.60 16.02
N SER A 2 -15.43 7.93 15.24
CA SER A 2 -16.20 8.59 14.19
C SER A 2 -17.54 9.10 14.74
N SER A 3 -17.61 10.41 14.97
CA SER A 3 -18.83 11.03 15.49
C SER A 3 -20.06 10.32 14.94
N GLY A 4 -20.09 10.11 13.63
CA GLY A 4 -21.22 9.44 13.00
C GLY A 4 -21.92 10.33 11.99
N SER A 5 -21.22 10.63 10.89
CA SER A 5 -21.78 11.48 9.84
C SER A 5 -21.13 11.18 8.50
N SER A 6 -21.88 11.37 7.42
CA SER A 6 -21.37 11.12 6.07
C SER A 6 -21.05 12.43 5.37
N GLY A 7 -19.76 12.77 5.33
CA GLY A 7 -19.34 14.00 4.68
C GLY A 7 -17.88 13.97 4.27
N PRO A 8 -16.98 14.04 5.26
CA PRO A 8 -15.54 14.01 5.03
C PRO A 8 -15.04 12.66 4.54
N LEU A 9 -13.84 12.63 3.98
CA LEU A 9 -13.25 11.40 3.47
C LEU A 9 -12.00 11.02 4.25
N PRO A 10 -12.19 10.36 5.40
CA PRO A 10 -11.08 9.93 6.26
C PRO A 10 -10.26 8.81 5.62
N PRO A 11 -8.95 9.06 5.47
CA PRO A 11 -8.02 8.08 4.89
C PRO A 11 -7.78 6.88 5.79
N PRO A 12 -7.12 5.85 5.24
CA PRO A 12 -6.83 4.62 5.99
C PRO A 12 -5.78 4.84 7.07
N ARG A 13 -6.13 4.47 8.30
CA ARG A 13 -5.22 4.63 9.43
C ARG A 13 -4.90 3.28 10.07
N ALA A 14 -5.87 2.37 10.02
CA ALA A 14 -5.70 1.05 10.60
C ALA A 14 -4.88 0.15 9.68
N LEU A 15 -3.68 0.61 9.33
CA LEU A 15 -2.79 -0.15 8.45
C LEU A 15 -2.00 -1.18 9.25
N THR A 16 -2.22 -2.46 8.93
CA THR A 16 -1.54 -3.55 9.61
C THR A 16 -1.18 -4.66 8.63
N LEU A 17 -0.04 -5.31 8.88
CA LEU A 17 0.42 -6.40 8.02
C LEU A 17 -0.29 -7.70 8.36
N ALA A 18 -1.14 -8.17 7.46
CA ALA A 18 -1.88 -9.41 7.66
C ALA A 18 -0.94 -10.61 7.68
N ALA A 19 0.06 -10.60 6.80
CA ALA A 19 1.02 -11.68 6.73
C ALA A 19 2.34 -11.21 6.11
N VAL A 20 3.43 -11.84 6.52
CA VAL A 20 4.75 -11.48 6.01
C VAL A 20 5.40 -12.65 5.29
N THR A 21 5.41 -12.59 3.96
CA THR A 21 6.00 -13.66 3.15
C THR A 21 7.16 -13.12 2.32
N PRO A 22 8.26 -13.90 2.27
CA PRO A 22 9.46 -13.54 1.51
C PRO A 22 9.22 -13.59 0.01
N ARG A 23 8.03 -14.01 -0.39
CA ARG A 23 7.69 -14.10 -1.81
C ARG A 23 6.53 -13.17 -2.15
N THR A 24 5.74 -12.80 -1.14
CA THR A 24 4.61 -11.92 -1.34
C THR A 24 4.33 -11.10 -0.08
N VAL A 25 3.68 -9.95 -0.26
CA VAL A 25 3.34 -9.08 0.86
C VAL A 25 1.85 -8.79 0.91
N HIS A 26 1.24 -9.05 2.06
CA HIS A 26 -0.19 -8.82 2.24
C HIS A 26 -0.44 -7.69 3.24
N LEU A 27 -1.33 -6.77 2.88
CA LEU A 27 -1.66 -5.65 3.75
C LEU A 27 -3.16 -5.48 3.88
N THR A 28 -3.59 -4.88 4.98
CA THR A 28 -5.01 -4.66 5.22
C THR A 28 -5.24 -3.38 6.03
N TRP A 29 -6.19 -2.57 5.59
CA TRP A 29 -6.51 -1.32 6.28
C TRP A 29 -8.01 -1.15 6.42
N GLN A 30 -8.42 -0.07 7.10
CA GLN A 30 -9.83 0.20 7.32
C GLN A 30 -10.43 0.91 6.11
N PRO A 31 -11.69 0.56 5.79
CA PRO A 31 -12.41 1.15 4.65
C PRO A 31 -12.78 2.62 4.90
N SER A 32 -12.86 3.39 3.82
CA SER A 32 -13.20 4.81 3.92
C SER A 32 -14.70 5.01 3.70
N ALA A 33 -15.22 6.12 4.22
CA ALA A 33 -16.63 6.45 4.08
C ALA A 33 -16.85 7.42 2.92
N GLY A 34 -17.37 6.91 1.82
CA GLY A 34 -17.63 7.75 0.66
C GLY A 34 -16.85 7.31 -0.56
N ALA A 35 -15.58 6.98 -0.36
CA ALA A 35 -14.72 6.54 -1.44
C ALA A 35 -15.25 5.25 -2.08
N THR A 36 -15.03 5.11 -3.39
CA THR A 36 -15.49 3.92 -4.10
C THR A 36 -14.32 2.98 -4.40
N HIS A 37 -13.12 3.54 -4.47
CA HIS A 37 -11.93 2.74 -4.74
C HIS A 37 -10.71 3.35 -4.07
N TYR A 38 -9.61 2.59 -4.04
CA TYR A 38 -8.37 3.05 -3.41
C TYR A 38 -7.19 2.87 -4.36
N LEU A 39 -6.31 3.87 -4.38
CA LEU A 39 -5.12 3.82 -5.24
C LEU A 39 -3.94 3.23 -4.49
N VAL A 40 -3.41 2.13 -5.01
CA VAL A 40 -2.27 1.45 -4.40
C VAL A 40 -0.99 1.71 -5.21
N ARG A 41 -0.06 2.42 -4.59
CA ARG A 41 1.21 2.72 -5.24
C ARG A 41 2.36 1.95 -4.61
N CYS A 42 2.89 0.98 -5.33
CA CYS A 42 4.00 0.16 -4.83
C CYS A 42 5.33 0.71 -5.31
N SER A 43 6.10 1.28 -4.40
CA SER A 43 7.41 1.84 -4.74
C SER A 43 8.50 1.28 -3.82
N PRO A 44 9.69 1.08 -4.38
CA PRO A 44 10.84 0.55 -3.64
C PRO A 44 11.38 1.54 -2.62
N ALA A 45 11.64 1.07 -1.40
CA ALA A 45 12.16 1.92 -0.33
C ALA A 45 13.61 2.30 -0.60
N SER A 46 14.23 1.63 -1.57
CA SER A 46 15.62 1.90 -1.92
C SER A 46 15.72 2.55 -3.29
N PRO A 47 16.66 3.49 -3.44
CA PRO A 47 16.88 4.19 -4.71
C PRO A 47 17.48 3.29 -5.78
N LYS A 48 17.70 2.03 -5.43
CA LYS A 48 18.26 1.06 -6.37
C LYS A 48 17.16 0.34 -7.13
N GLY A 49 17.21 0.43 -8.45
CA GLY A 49 16.20 -0.23 -9.27
C GLY A 49 15.85 0.56 -10.52
N GLU A 50 15.56 -0.15 -11.60
CA GLU A 50 15.21 0.51 -12.86
C GLU A 50 13.70 0.69 -12.97
N GLU A 51 12.96 -0.39 -12.81
CA GLU A 51 11.51 -0.36 -12.89
C GLU A 51 10.93 0.68 -11.93
N GLU A 52 10.11 1.58 -12.47
CA GLU A 52 9.50 2.64 -11.67
C GLU A 52 8.48 2.05 -10.70
N GLU A 53 7.78 2.93 -9.98
CA GLU A 53 6.76 2.50 -9.02
C GLU A 53 5.52 2.01 -9.74
N ARG A 54 4.82 1.07 -9.11
CA ARG A 54 3.60 0.51 -9.69
C ARG A 54 2.36 1.22 -9.14
N GLU A 55 1.34 1.35 -9.98
CA GLU A 55 0.10 2.00 -9.59
C GLU A 55 -1.11 1.19 -10.02
N VAL A 56 -1.82 0.63 -9.05
CA VAL A 56 -3.00 -0.17 -9.32
C VAL A 56 -4.17 0.25 -8.44
N GLN A 57 -5.38 -0.10 -8.88
CA GLN A 57 -6.58 0.24 -8.12
C GLN A 57 -7.32 -1.01 -7.67
N VAL A 58 -7.60 -1.10 -6.38
CA VAL A 58 -8.30 -2.24 -5.81
C VAL A 58 -9.64 -1.83 -5.21
N GLY A 59 -10.59 -2.75 -5.20
CA GLY A 59 -11.91 -2.47 -4.65
C GLY A 59 -11.96 -2.71 -3.15
N ARG A 60 -11.07 -3.55 -2.65
CA ARG A 60 -11.03 -3.86 -1.22
C ARG A 60 -9.82 -3.22 -0.57
N PRO A 61 -9.93 -2.93 0.74
CA PRO A 61 -8.86 -2.32 1.52
C PRO A 61 -7.68 -3.27 1.73
N GLU A 62 -7.77 -4.46 1.15
CA GLU A 62 -6.72 -5.45 1.27
C GLU A 62 -6.04 -5.71 -0.07
N VAL A 63 -4.72 -5.61 -0.11
CA VAL A 63 -3.96 -5.83 -1.33
C VAL A 63 -2.78 -6.76 -1.08
N LEU A 64 -2.47 -7.60 -2.07
CA LEU A 64 -1.37 -8.54 -1.96
C LEU A 64 -0.45 -8.45 -3.18
N LEU A 65 0.81 -8.11 -2.94
CA LEU A 65 1.78 -7.99 -4.02
C LEU A 65 2.55 -9.30 -4.20
N ASP A 66 2.20 -10.04 -5.26
CA ASP A 66 2.85 -11.31 -5.55
C ASP A 66 4.16 -11.08 -6.31
N GLY A 67 5.16 -11.90 -6.02
CA GLY A 67 6.44 -11.77 -6.70
C GLY A 67 7.33 -10.73 -6.07
N LEU A 68 7.92 -11.06 -4.92
CA LEU A 68 8.79 -10.14 -4.21
C LEU A 68 10.11 -10.81 -3.86
N GLU A 69 10.99 -10.06 -3.20
CA GLU A 69 12.30 -10.57 -2.81
C GLU A 69 12.45 -10.58 -1.30
N PRO A 70 13.13 -11.60 -0.76
CA PRO A 70 13.36 -11.75 0.68
C PRO A 70 14.33 -10.70 1.21
N GLY A 71 13.96 -10.09 2.33
CA GLY A 71 14.82 -9.08 2.94
C GLY A 71 14.85 -7.79 2.12
N ARG A 72 13.69 -7.35 1.67
CA ARG A 72 13.59 -6.14 0.87
C ARG A 72 12.49 -5.22 1.41
N ASP A 73 12.82 -3.93 1.55
CA ASP A 73 11.86 -2.96 2.05
C ASP A 73 11.07 -2.33 0.91
N TYR A 74 9.77 -2.15 1.13
CA TYR A 74 8.90 -1.57 0.12
C TYR A 74 8.06 -0.45 0.71
N GLU A 75 7.52 0.39 -0.17
CA GLU A 75 6.70 1.52 0.26
C GLU A 75 5.36 1.53 -0.47
N VAL A 76 4.30 1.18 0.25
CA VAL A 76 2.96 1.14 -0.33
C VAL A 76 2.08 2.23 0.26
N SER A 77 1.65 3.16 -0.58
CA SER A 77 0.79 4.26 -0.14
C SER A 77 -0.64 4.05 -0.59
N VAL A 78 -1.56 4.02 0.38
CA VAL A 78 -2.97 3.82 0.10
C VAL A 78 -3.74 5.14 0.17
N GLN A 79 -4.66 5.34 -0.76
CA GLN A 79 -5.47 6.56 -0.79
C GLN A 79 -6.93 6.24 -1.10
N SER A 80 -7.83 6.90 -0.38
CA SER A 80 -9.27 6.68 -0.59
C SER A 80 -9.79 7.53 -1.74
N LEU A 81 -9.92 6.92 -2.91
CA LEU A 81 -10.41 7.62 -4.09
C LEU A 81 -11.93 7.52 -4.19
N ARG A 82 -12.58 8.66 -4.37
CA ARG A 82 -14.03 8.70 -4.48
C ARG A 82 -14.46 9.18 -5.86
N GLY A 83 -13.60 9.97 -6.50
CA GLY A 83 -13.90 10.48 -7.82
C GLY A 83 -12.92 11.56 -8.26
N PRO A 84 -13.31 12.83 -8.04
CA PRO A 84 -12.47 13.97 -8.41
C PRO A 84 -11.23 14.09 -7.55
N GLU A 85 -11.41 14.04 -6.24
CA GLU A 85 -10.30 14.14 -5.29
C GLU A 85 -10.33 12.98 -4.30
N GLY A 86 -9.14 12.59 -3.83
CA GLY A 86 -9.05 11.50 -2.88
C GLY A 86 -8.61 11.97 -1.51
N SER A 87 -8.31 11.02 -0.63
CA SER A 87 -7.89 11.33 0.73
C SER A 87 -6.37 11.52 0.80
N GLU A 88 -5.88 11.78 2.00
CA GLU A 88 -4.44 11.99 2.20
C GLU A 88 -3.67 10.70 1.93
N ALA A 89 -2.36 10.84 1.73
CA ALA A 89 -1.50 9.69 1.46
C ALA A 89 -1.10 8.99 2.76
N ARG A 90 -1.50 7.72 2.90
CA ARG A 90 -1.18 6.96 4.08
C ARG A 90 -0.60 5.60 3.71
N GLY A 91 0.72 5.45 3.91
CA GLY A 91 1.37 4.20 3.59
C GLY A 91 2.15 3.63 4.76
N ILE A 92 2.50 2.36 4.67
CA ILE A 92 3.25 1.69 5.74
C ILE A 92 4.61 1.23 5.24
N ARG A 93 5.52 0.96 6.19
CA ARG A 93 6.86 0.50 5.85
C ARG A 93 6.90 -1.01 5.70
N ALA A 94 6.77 -1.49 4.47
CA ALA A 94 6.79 -2.93 4.20
C ALA A 94 8.09 -3.55 4.71
N ARG A 95 8.10 -4.88 4.80
CA ARG A 95 9.28 -5.60 5.27
C ARG A 95 9.07 -7.10 5.16
N THR A 96 10.12 -7.82 4.76
CA THR A 96 10.04 -9.27 4.61
C THR A 96 11.33 -9.94 5.08
N PRO A 97 11.20 -11.11 5.73
CA PRO A 97 12.35 -11.87 6.23
C PRO A 97 13.19 -12.46 5.11
N THR A 98 14.10 -13.36 5.47
CA THR A 98 14.98 -14.00 4.49
C THR A 98 14.97 -15.51 4.67
N SER A 99 14.55 -16.22 3.63
CA SER A 99 14.50 -17.68 3.67
C SER A 99 15.81 -18.29 3.19
N GLY A 100 15.87 -19.61 3.14
CA GLY A 100 17.07 -20.29 2.70
C GLY A 100 18.13 -20.34 3.79
N PRO A 101 19.39 -20.59 3.38
CA PRO A 101 20.52 -20.67 4.31
C PRO A 101 20.88 -19.32 4.90
N SER A 102 21.05 -19.28 6.23
CA SER A 102 21.40 -18.05 6.92
C SER A 102 22.85 -18.06 7.36
N SER A 103 23.67 -17.28 6.67
CA SER A 103 25.10 -17.19 6.97
C SER A 103 25.38 -16.06 7.95
N GLY A 104 25.17 -16.33 9.23
CA GLY A 104 25.40 -15.31 10.25
C GLY A 104 24.49 -14.11 10.09
N GLY A 1 -36.36 7.84 0.52
CA GLY A 1 -36.46 9.29 0.50
C GLY A 1 -35.25 9.94 -0.15
N SER A 2 -35.19 11.27 -0.08
CA SER A 2 -34.08 12.01 -0.67
C SER A 2 -32.75 11.52 -0.13
N SER A 3 -32.08 10.67 -0.89
CA SER A 3 -30.79 10.12 -0.50
C SER A 3 -29.65 10.80 -1.24
N GLY A 4 -28.42 10.55 -0.80
CA GLY A 4 -27.26 11.15 -1.43
C GLY A 4 -26.78 12.38 -0.70
N SER A 5 -25.61 12.28 -0.09
CA SER A 5 -25.04 13.40 0.65
C SER A 5 -23.51 13.36 0.62
N SER A 6 -22.89 14.52 0.48
CA SER A 6 -21.44 14.61 0.43
C SER A 6 -20.84 14.64 1.83
N GLY A 7 -19.81 13.83 2.05
CA GLY A 7 -19.17 13.78 3.34
C GLY A 7 -17.65 13.73 3.24
N PRO A 8 -16.98 13.76 4.40
CA PRO A 8 -15.52 13.72 4.46
C PRO A 8 -14.95 12.36 4.06
N LEU A 9 -13.74 12.36 3.52
CA LEU A 9 -13.10 11.13 3.09
C LEU A 9 -11.84 10.86 3.91
N PRO A 10 -12.02 10.25 5.10
CA PRO A 10 -10.90 9.93 5.99
C PRO A 10 -10.02 8.82 5.46
N PRO A 11 -8.72 9.08 5.38
CA PRO A 11 -7.74 8.10 4.88
C PRO A 11 -7.55 6.93 5.83
N PRO A 12 -6.84 5.89 5.36
CA PRO A 12 -6.57 4.69 6.17
C PRO A 12 -5.60 4.97 7.31
N ARG A 13 -6.01 4.61 8.52
CA ARG A 13 -5.18 4.83 9.70
C ARG A 13 -4.77 3.49 10.32
N ALA A 14 -5.67 2.52 10.27
CA ALA A 14 -5.40 1.20 10.82
C ALA A 14 -4.62 0.34 9.83
N LEU A 15 -3.44 0.82 9.45
CA LEU A 15 -2.61 0.09 8.50
C LEU A 15 -1.79 -0.99 9.21
N THR A 16 -2.10 -2.24 8.91
CA THR A 16 -1.39 -3.37 9.52
C THR A 16 -1.14 -4.48 8.51
N LEU A 17 0.03 -5.09 8.59
CA LEU A 17 0.41 -6.17 7.67
C LEU A 17 -0.26 -7.48 8.08
N ALA A 18 -1.26 -7.90 7.32
CA ALA A 18 -1.97 -9.14 7.61
C ALA A 18 -1.01 -10.32 7.66
N ALA A 19 -0.17 -10.45 6.64
CA ALA A 19 0.79 -11.54 6.58
C ALA A 19 2.12 -11.05 5.98
N VAL A 20 3.21 -11.72 6.35
CA VAL A 20 4.53 -11.36 5.85
C VAL A 20 5.19 -12.55 5.14
N THR A 21 5.21 -12.49 3.82
CA THR A 21 5.80 -13.56 3.02
C THR A 21 6.98 -13.04 2.20
N PRO A 22 8.07 -13.82 2.16
CA PRO A 22 9.27 -13.46 1.41
C PRO A 22 9.06 -13.51 -0.10
N ARG A 23 7.84 -13.82 -0.50
CA ARG A 23 7.50 -13.91 -1.93
C ARG A 23 6.37 -12.95 -2.27
N THR A 24 5.56 -12.62 -1.28
CA THR A 24 4.43 -11.70 -1.48
C THR A 24 4.17 -10.88 -0.23
N VAL A 25 3.50 -9.73 -0.42
CA VAL A 25 3.18 -8.85 0.70
C VAL A 25 1.69 -8.56 0.77
N HIS A 26 1.09 -8.84 1.92
CA HIS A 26 -0.34 -8.62 2.12
C HIS A 26 -0.58 -7.56 3.19
N LEU A 27 -1.26 -6.49 2.81
CA LEU A 27 -1.56 -5.39 3.73
C LEU A 27 -3.07 -5.20 3.88
N THR A 28 -3.49 -4.79 5.07
CA THR A 28 -4.90 -4.57 5.34
C THR A 28 -5.11 -3.30 6.17
N TRP A 29 -5.99 -2.43 5.69
CA TRP A 29 -6.28 -1.18 6.38
C TRP A 29 -7.78 -1.02 6.60
N GLN A 30 -8.16 0.03 7.33
CA GLN A 30 -9.57 0.30 7.61
C GLN A 30 -10.26 0.88 6.38
N PRO A 31 -11.52 0.48 6.18
CA PRO A 31 -12.32 0.95 5.04
C PRO A 31 -12.70 2.42 5.17
N SER A 32 -12.66 3.13 4.04
CA SER A 32 -13.01 4.55 4.03
C SER A 32 -14.50 4.74 3.84
N ALA A 33 -14.92 6.01 3.71
CA ALA A 33 -16.33 6.33 3.53
C ALA A 33 -16.59 6.84 2.11
N GLY A 34 -17.71 6.41 1.53
CA GLY A 34 -18.05 6.83 0.19
C GLY A 34 -16.88 6.73 -0.78
N ALA A 35 -15.97 5.80 -0.50
CA ALA A 35 -14.81 5.60 -1.35
C ALA A 35 -15.10 4.60 -2.46
N THR A 36 -15.17 5.10 -3.69
CA THR A 36 -15.44 4.24 -4.84
C THR A 36 -14.39 3.16 -4.99
N HIS A 37 -13.13 3.53 -4.78
CA HIS A 37 -12.02 2.60 -4.88
C HIS A 37 -10.82 3.08 -4.08
N TYR A 38 -9.75 2.28 -4.09
CA TYR A 38 -8.53 2.63 -3.36
C TYR A 38 -7.30 2.47 -4.24
N LEU A 39 -6.49 3.51 -4.31
CA LEU A 39 -5.27 3.48 -5.12
C LEU A 39 -4.07 3.05 -4.28
N VAL A 40 -3.36 2.03 -4.76
CA VAL A 40 -2.18 1.53 -4.06
C VAL A 40 -0.92 1.74 -4.89
N ARG A 41 0.01 2.51 -4.34
CA ARG A 41 1.27 2.79 -5.03
C ARG A 41 2.42 2.02 -4.38
N CYS A 42 3.05 1.15 -5.17
CA CYS A 42 4.17 0.35 -4.68
C CYS A 42 5.49 0.89 -5.19
N SER A 43 6.42 1.11 -4.28
CA SER A 43 7.73 1.64 -4.63
C SER A 43 8.81 1.16 -3.66
N PRO A 44 10.01 0.93 -4.18
CA PRO A 44 11.15 0.46 -3.37
C PRO A 44 11.65 1.53 -2.41
N ALA A 45 11.98 1.10 -1.19
CA ALA A 45 12.48 2.03 -0.18
C ALA A 45 13.93 2.42 -0.46
N SER A 46 14.70 1.47 -0.96
CA SER A 46 16.11 1.72 -1.27
C SER A 46 16.25 2.42 -2.61
N PRO A 47 17.23 3.35 -2.70
CA PRO A 47 17.49 4.10 -3.93
C PRO A 47 18.08 3.24 -5.03
N LYS A 48 18.31 1.97 -4.72
CA LYS A 48 18.89 1.03 -5.68
C LYS A 48 17.80 0.51 -6.63
N GLY A 49 17.47 1.33 -7.63
CA GLY A 49 16.46 0.94 -8.60
C GLY A 49 15.74 2.13 -9.20
N GLU A 50 15.86 2.27 -10.52
CA GLU A 50 15.22 3.39 -11.22
C GLU A 50 13.96 2.91 -11.95
N GLU A 51 13.15 2.12 -11.26
CA GLU A 51 11.92 1.60 -11.84
C GLU A 51 10.72 2.46 -11.45
N GLU A 52 10.09 3.08 -12.44
CA GLU A 52 8.93 3.93 -12.18
C GLU A 52 8.04 3.33 -11.10
N GLU A 53 7.25 4.18 -10.46
CA GLU A 53 6.35 3.74 -9.40
C GLU A 53 5.16 2.98 -9.98
N ARG A 54 4.77 1.90 -9.31
CA ARG A 54 3.64 1.08 -9.76
C ARG A 54 2.33 1.57 -9.14
N GLU A 55 1.32 1.73 -9.98
CA GLU A 55 0.01 2.19 -9.53
C GLU A 55 -1.07 1.16 -9.83
N VAL A 56 -1.76 0.72 -8.78
CA VAL A 56 -2.82 -0.28 -8.93
C VAL A 56 -4.08 0.15 -8.18
N GLN A 57 -5.22 -0.39 -8.60
CA GLN A 57 -6.50 -0.07 -7.97
C GLN A 57 -7.19 -1.32 -7.46
N VAL A 58 -7.55 -1.32 -6.18
CA VAL A 58 -8.22 -2.46 -5.56
C VAL A 58 -9.58 -2.06 -5.00
N GLY A 59 -10.57 -2.93 -5.21
CA GLY A 59 -11.90 -2.65 -4.71
C GLY A 59 -12.04 -2.92 -3.23
N ARG A 60 -10.95 -3.32 -2.59
CA ARG A 60 -10.95 -3.61 -1.16
C ARG A 60 -9.73 -3.00 -0.48
N PRO A 61 -9.84 -2.75 0.83
CA PRO A 61 -8.75 -2.16 1.62
C PRO A 61 -7.60 -3.14 1.82
N GLU A 62 -7.70 -4.31 1.20
CA GLU A 62 -6.67 -5.33 1.31
C GLU A 62 -5.99 -5.57 -0.04
N VAL A 63 -4.68 -5.38 -0.09
CA VAL A 63 -3.92 -5.58 -1.32
C VAL A 63 -2.84 -6.64 -1.14
N LEU A 64 -2.64 -7.47 -2.15
CA LEU A 64 -1.63 -8.52 -2.09
C LEU A 64 -0.66 -8.39 -3.27
N LEU A 65 0.59 -8.06 -2.96
CA LEU A 65 1.62 -7.92 -3.99
C LEU A 65 2.35 -9.24 -4.21
N ASP A 66 2.10 -9.86 -5.35
CA ASP A 66 2.73 -11.13 -5.69
C ASP A 66 4.01 -10.89 -6.49
N GLY A 67 5.06 -11.66 -6.16
CA GLY A 67 6.32 -11.51 -6.85
C GLY A 67 7.24 -10.52 -6.18
N LEU A 68 7.79 -10.91 -5.03
CA LEU A 68 8.70 -10.03 -4.29
C LEU A 68 9.94 -10.80 -3.84
N GLU A 69 10.80 -10.12 -3.09
CA GLU A 69 12.03 -10.74 -2.60
C GLU A 69 12.13 -10.60 -1.07
N PRO A 70 12.84 -11.55 -0.44
CA PRO A 70 13.04 -11.56 1.01
C PRO A 70 13.95 -10.43 1.47
N GLY A 71 13.91 -10.14 2.77
CA GLY A 71 14.73 -9.08 3.33
C GLY A 71 14.75 -7.85 2.45
N ARG A 72 13.56 -7.29 2.20
CA ARG A 72 13.45 -6.09 1.37
C ARG A 72 12.43 -5.13 1.96
N ASP A 73 12.74 -3.84 1.92
CA ASP A 73 11.85 -2.81 2.44
C ASP A 73 11.08 -2.13 1.31
N TYR A 74 9.79 -2.43 1.22
CA TYR A 74 8.94 -1.85 0.19
C TYR A 74 8.07 -0.74 0.76
N GLU A 75 7.63 0.17 -0.11
CA GLU A 75 6.79 1.28 0.31
C GLU A 75 5.41 1.21 -0.36
N VAL A 76 4.38 0.97 0.45
CA VAL A 76 3.02 0.88 -0.07
C VAL A 76 2.17 2.04 0.44
N SER A 77 1.62 2.80 -0.50
CA SER A 77 0.78 3.95 -0.15
C SER A 77 -0.66 3.72 -0.60
N VAL A 78 -1.58 3.76 0.35
CA VAL A 78 -3.00 3.57 0.05
C VAL A 78 -3.75 4.89 0.05
N GLN A 79 -4.61 5.08 -0.96
CA GLN A 79 -5.38 6.31 -1.08
C GLN A 79 -6.84 5.99 -1.38
N SER A 80 -7.74 6.44 -0.50
CA SER A 80 -9.16 6.19 -0.68
C SER A 80 -9.74 7.14 -1.72
N LEU A 81 -10.08 6.60 -2.89
CA LEU A 81 -10.65 7.40 -3.97
C LEU A 81 -12.16 7.49 -3.84
N ARG A 82 -12.71 8.66 -4.18
CA ARG A 82 -14.14 8.87 -4.09
C ARG A 82 -14.69 9.39 -5.43
N GLY A 83 -13.94 9.17 -6.50
CA GLY A 83 -14.36 9.62 -7.81
C GLY A 83 -13.38 10.58 -8.43
N PRO A 84 -13.66 11.89 -8.30
CA PRO A 84 -12.81 12.95 -8.85
C PRO A 84 -11.48 13.07 -8.11
N GLU A 85 -11.55 13.16 -6.79
CA GLU A 85 -10.36 13.27 -5.97
C GLU A 85 -10.34 12.20 -4.87
N GLY A 86 -9.13 11.79 -4.47
CA GLY A 86 -9.00 10.78 -3.45
C GLY A 86 -8.56 11.36 -2.11
N SER A 87 -8.28 10.48 -1.15
CA SER A 87 -7.85 10.91 0.17
C SER A 87 -6.33 11.11 0.22
N GLU A 88 -5.84 11.56 1.37
CA GLU A 88 -4.41 11.79 1.56
C GLU A 88 -3.63 10.49 1.40
N ALA A 89 -2.33 10.62 1.15
CA ALA A 89 -1.47 9.46 0.98
C ALA A 89 -0.99 8.92 2.32
N ARG A 90 -1.39 7.68 2.64
CA ARG A 90 -1.01 7.06 3.89
C ARG A 90 -0.47 5.65 3.65
N GLY A 91 0.84 5.52 3.58
CA GLY A 91 1.46 4.22 3.35
C GLY A 91 2.25 3.75 4.56
N ILE A 92 2.58 2.46 4.58
CA ILE A 92 3.34 1.88 5.67
C ILE A 92 4.63 1.25 5.17
N ARG A 93 5.62 1.15 6.06
CA ARG A 93 6.91 0.57 5.70
C ARG A 93 6.82 -0.96 5.66
N ALA A 94 6.75 -1.51 4.45
CA ALA A 94 6.67 -2.95 4.26
C ALA A 94 8.02 -3.62 4.54
N ARG A 95 7.96 -4.84 5.05
CA ARG A 95 9.18 -5.59 5.36
C ARG A 95 8.98 -7.09 5.14
N THR A 96 10.07 -7.80 4.91
CA THR A 96 10.01 -9.24 4.67
C THR A 96 11.23 -9.94 5.24
N PRO A 97 11.02 -11.11 5.87
CA PRO A 97 12.09 -11.90 6.46
C PRO A 97 13.01 -12.52 5.41
N THR A 98 13.87 -13.44 5.85
CA THR A 98 14.80 -14.11 4.95
C THR A 98 14.80 -15.61 5.18
N SER A 99 13.98 -16.32 4.41
CA SER A 99 13.89 -17.77 4.52
C SER A 99 15.15 -18.45 4.00
N GLY A 100 15.47 -19.62 4.54
CA GLY A 100 16.65 -20.35 4.12
C GLY A 100 17.36 -21.03 5.27
N PRO A 101 18.70 -21.08 5.21
CA PRO A 101 19.51 -21.70 6.24
C PRO A 101 19.52 -20.91 7.54
N SER A 102 19.40 -21.62 8.66
CA SER A 102 19.39 -20.97 9.97
C SER A 102 20.05 -21.86 11.02
N SER A 103 20.41 -21.26 12.15
CA SER A 103 21.06 -21.99 13.24
C SER A 103 20.02 -22.66 14.13
N GLY A 104 20.32 -23.90 14.53
CA GLY A 104 19.41 -24.64 15.39
C GLY A 104 19.06 -23.88 16.65
N GLY A 1 -12.03 22.38 -16.48
CA GLY A 1 -12.86 22.47 -15.29
C GLY A 1 -12.06 22.30 -14.01
N SER A 2 -12.68 22.63 -12.88
CA SER A 2 -12.02 22.51 -11.59
C SER A 2 -12.77 21.54 -10.68
N SER A 3 -12.17 21.24 -9.54
CA SER A 3 -12.78 20.31 -8.59
C SER A 3 -12.75 20.88 -7.17
N GLY A 4 -13.58 20.33 -6.29
CA GLY A 4 -13.63 20.80 -4.93
C GLY A 4 -13.66 19.66 -3.92
N SER A 5 -14.21 19.93 -2.74
CA SER A 5 -14.28 18.92 -1.69
C SER A 5 -15.69 18.34 -1.61
N SER A 6 -15.92 17.24 -2.32
CA SER A 6 -17.22 16.58 -2.32
C SER A 6 -17.30 15.52 -1.24
N GLY A 7 -17.69 15.94 -0.04
CA GLY A 7 -17.80 15.01 1.08
C GLY A 7 -16.46 14.65 1.67
N PRO A 8 -16.44 14.33 2.97
CA PRO A 8 -15.21 13.97 3.68
C PRO A 8 -14.67 12.61 3.23
N LEU A 9 -13.36 12.53 3.06
CA LEU A 9 -12.71 11.29 2.63
C LEU A 9 -11.59 10.91 3.60
N PRO A 10 -11.97 10.22 4.69
CA PRO A 10 -11.02 9.78 5.71
C PRO A 10 -10.10 8.66 5.21
N PRO A 11 -8.78 8.91 5.25
CA PRO A 11 -7.79 7.93 4.80
C PRO A 11 -7.70 6.73 5.73
N PRO A 12 -6.96 5.69 5.29
CA PRO A 12 -6.77 4.47 6.07
C PRO A 12 -5.91 4.69 7.30
N ARG A 13 -6.28 4.06 8.41
CA ARG A 13 -5.53 4.19 9.66
C ARG A 13 -5.10 2.82 10.18
N ALA A 14 -5.99 1.84 10.05
CA ALA A 14 -5.71 0.49 10.51
C ALA A 14 -4.77 -0.23 9.56
N LEU A 15 -3.68 0.44 9.19
CA LEU A 15 -2.69 -0.13 8.28
C LEU A 15 -1.73 -1.05 9.01
N THR A 16 -2.02 -2.35 8.99
CA THR A 16 -1.17 -3.33 9.66
C THR A 16 -0.82 -4.49 8.72
N LEU A 17 0.39 -4.99 8.85
CA LEU A 17 0.86 -6.10 8.02
C LEU A 17 0.06 -7.37 8.30
N ALA A 18 -0.87 -7.69 7.41
CA ALA A 18 -1.70 -8.88 7.57
C ALA A 18 -0.84 -10.14 7.60
N ALA A 19 0.05 -10.27 6.62
CA ALA A 19 0.93 -11.44 6.53
C ALA A 19 2.25 -11.08 5.84
N VAL A 20 3.36 -11.33 6.53
CA VAL A 20 4.67 -11.03 5.99
C VAL A 20 5.28 -12.26 5.32
N THR A 21 5.35 -12.23 4.00
CA THR A 21 5.91 -13.34 3.23
C THR A 21 7.06 -12.88 2.35
N PRO A 22 8.14 -13.69 2.32
CA PRO A 22 9.33 -13.38 1.52
C PRO A 22 9.07 -13.50 0.02
N ARG A 23 7.86 -13.91 -0.33
CA ARG A 23 7.48 -14.06 -1.73
C ARG A 23 6.42 -13.05 -2.13
N THR A 24 5.52 -12.74 -1.19
CA THR A 24 4.45 -11.78 -1.43
C THR A 24 4.18 -10.93 -0.20
N VAL A 25 3.57 -9.77 -0.42
CA VAL A 25 3.24 -8.86 0.68
C VAL A 25 1.74 -8.61 0.76
N HIS A 26 1.18 -8.85 1.95
CA HIS A 26 -0.25 -8.65 2.16
C HIS A 26 -0.50 -7.53 3.17
N LEU A 27 -1.34 -6.58 2.80
CA LEU A 27 -1.66 -5.45 3.66
C LEU A 27 -3.17 -5.28 3.81
N THR A 28 -3.60 -4.90 4.99
CA THR A 28 -5.02 -4.70 5.27
C THR A 28 -5.27 -3.40 6.02
N TRP A 29 -6.31 -2.67 5.62
CA TRP A 29 -6.64 -1.40 6.26
C TRP A 29 -8.16 -1.23 6.36
N GLN A 30 -8.59 -0.11 6.91
CA GLN A 30 -10.01 0.18 7.06
C GLN A 30 -10.55 0.91 5.84
N PRO A 31 -11.75 0.53 5.39
CA PRO A 31 -12.41 1.14 4.23
C PRO A 31 -12.86 2.57 4.51
N SER A 32 -12.82 3.40 3.48
CA SER A 32 -13.23 4.80 3.61
C SER A 32 -14.69 4.97 3.21
N ALA A 33 -15.44 5.72 4.03
CA ALA A 33 -16.85 5.96 3.76
C ALA A 33 -17.03 6.88 2.56
N GLY A 34 -17.68 6.37 1.52
CA GLY A 34 -17.91 7.15 0.32
C GLY A 34 -16.99 6.76 -0.81
N ALA A 35 -15.75 6.42 -0.48
CA ALA A 35 -14.77 6.02 -1.47
C ALA A 35 -15.23 4.76 -2.21
N THR A 36 -15.33 4.86 -3.54
CA THR A 36 -15.76 3.73 -4.36
C THR A 36 -14.58 2.85 -4.73
N HIS A 37 -13.38 3.26 -4.32
CA HIS A 37 -12.16 2.49 -4.59
C HIS A 37 -10.96 3.11 -3.89
N TYR A 38 -9.81 2.45 -4.01
CA TYR A 38 -8.59 2.93 -3.39
C TYR A 38 -7.40 2.73 -4.32
N LEU A 39 -6.41 3.61 -4.20
CA LEU A 39 -5.21 3.53 -5.04
C LEU A 39 -4.06 2.92 -4.27
N VAL A 40 -3.36 1.97 -4.90
CA VAL A 40 -2.23 1.30 -4.28
C VAL A 40 -0.94 1.57 -5.04
N ARG A 41 -0.02 2.31 -4.42
CA ARG A 41 1.25 2.64 -5.03
C ARG A 41 2.37 1.77 -4.47
N CYS A 42 3.01 1.00 -5.34
CA CYS A 42 4.09 0.11 -4.93
C CYS A 42 5.43 0.65 -5.41
N SER A 43 6.30 1.01 -4.45
CA SER A 43 7.61 1.55 -4.77
C SER A 43 8.64 1.12 -3.72
N PRO A 44 9.88 0.90 -4.17
CA PRO A 44 10.98 0.49 -3.29
C PRO A 44 11.42 1.62 -2.36
N ALA A 45 11.91 1.25 -1.18
CA ALA A 45 12.37 2.22 -0.20
C ALA A 45 13.79 2.68 -0.51
N SER A 46 14.51 1.88 -1.29
CA SER A 46 15.89 2.20 -1.64
C SER A 46 15.96 2.81 -3.04
N PRO A 47 16.70 3.92 -3.18
CA PRO A 47 16.86 4.62 -4.45
C PRO A 47 17.70 3.83 -5.44
N LYS A 48 18.14 2.65 -5.03
CA LYS A 48 18.95 1.79 -5.89
C LYS A 48 18.50 1.89 -7.35
N GLY A 49 17.22 1.62 -7.58
CA GLY A 49 16.69 1.68 -8.93
C GLY A 49 15.87 2.94 -9.16
N GLU A 50 15.59 3.23 -10.44
CA GLU A 50 14.81 4.41 -10.79
C GLU A 50 13.60 4.04 -11.64
N GLU A 51 12.91 2.98 -11.24
CA GLU A 51 11.73 2.51 -11.96
C GLU A 51 10.49 3.28 -11.53
N GLU A 52 9.76 3.80 -12.49
CA GLU A 52 8.54 4.56 -12.22
C GLU A 52 7.71 3.87 -11.13
N GLU A 53 7.05 4.67 -10.31
CA GLU A 53 6.23 4.14 -9.22
C GLU A 53 4.96 3.48 -9.77
N ARG A 54 4.75 2.22 -9.38
CA ARG A 54 3.58 1.47 -9.83
C ARG A 54 2.34 1.89 -9.06
N GLU A 55 1.19 1.83 -9.73
CA GLU A 55 -0.08 2.20 -9.10
C GLU A 55 -1.21 1.31 -9.60
N VAL A 56 -1.82 0.56 -8.67
CA VAL A 56 -2.92 -0.33 -9.00
C VAL A 56 -4.17 0.02 -8.21
N GLN A 57 -5.33 -0.34 -8.75
CA GLN A 57 -6.60 -0.07 -8.08
C GLN A 57 -7.28 -1.37 -7.65
N VAL A 58 -7.70 -1.43 -6.39
CA VAL A 58 -8.36 -2.61 -5.86
C VAL A 58 -9.73 -2.27 -5.29
N GLY A 59 -10.68 -3.19 -5.42
CA GLY A 59 -12.02 -2.96 -4.91
C GLY A 59 -12.14 -3.29 -3.44
N ARG A 60 -11.03 -3.70 -2.83
CA ARG A 60 -11.01 -4.04 -1.41
C ARG A 60 -9.89 -3.32 -0.68
N PRO A 61 -10.09 -3.07 0.61
CA PRO A 61 -9.09 -2.39 1.45
C PRO A 61 -7.86 -3.24 1.70
N GLU A 62 -7.82 -4.42 1.09
CA GLU A 62 -6.70 -5.33 1.25
C GLU A 62 -6.08 -5.68 -0.10
N VAL A 63 -4.79 -5.38 -0.25
CA VAL A 63 -4.08 -5.66 -1.49
C VAL A 63 -2.94 -6.66 -1.27
N LEU A 64 -2.76 -7.56 -2.22
CA LEU A 64 -1.71 -8.57 -2.13
C LEU A 64 -0.78 -8.50 -3.33
N LEU A 65 0.47 -8.15 -3.09
CA LEU A 65 1.46 -8.04 -4.15
C LEU A 65 2.25 -9.33 -4.28
N ASP A 66 2.26 -9.90 -5.49
CA ASP A 66 2.99 -11.14 -5.75
C ASP A 66 4.22 -10.88 -6.60
N GLY A 67 5.32 -11.55 -6.27
CA GLY A 67 6.55 -11.38 -7.00
C GLY A 67 7.50 -10.40 -6.33
N LEU A 68 7.95 -10.74 -5.14
CA LEU A 68 8.86 -9.88 -4.39
C LEU A 68 10.09 -10.66 -3.92
N GLU A 69 11.06 -9.94 -3.36
CA GLU A 69 12.27 -10.57 -2.87
C GLU A 69 12.37 -10.49 -1.35
N PRO A 70 12.92 -11.54 -0.73
CA PRO A 70 13.07 -11.62 0.72
C PRO A 70 14.11 -10.64 1.25
N GLY A 71 13.93 -10.18 2.48
CA GLY A 71 14.87 -9.25 3.07
C GLY A 71 14.96 -7.94 2.30
N ARG A 72 13.80 -7.36 1.98
CA ARG A 72 13.76 -6.11 1.23
C ARG A 72 12.67 -5.20 1.78
N ASP A 73 12.96 -3.90 1.83
CA ASP A 73 12.00 -2.92 2.33
C ASP A 73 11.23 -2.28 1.19
N TYR A 74 9.93 -2.11 1.37
CA TYR A 74 9.09 -1.49 0.34
C TYR A 74 8.18 -0.43 0.95
N GLU A 75 7.66 0.45 0.09
CA GLU A 75 6.77 1.52 0.55
C GLU A 75 5.42 1.44 -0.15
N VAL A 76 4.41 0.98 0.58
CA VAL A 76 3.06 0.85 0.04
C VAL A 76 2.16 1.96 0.56
N SER A 77 1.70 2.81 -0.35
CA SER A 77 0.83 3.92 0.02
C SER A 77 -0.61 3.66 -0.45
N VAL A 78 -1.56 4.05 0.38
CA VAL A 78 -2.98 3.87 0.05
C VAL A 78 -3.73 5.19 0.06
N GLN A 79 -4.52 5.42 -0.98
CA GLN A 79 -5.29 6.65 -1.10
C GLN A 79 -6.74 6.36 -1.48
N SER A 80 -7.66 6.72 -0.60
CA SER A 80 -9.08 6.49 -0.84
C SER A 80 -9.59 7.38 -1.97
N LEU A 81 -9.95 6.76 -3.09
CA LEU A 81 -10.46 7.49 -4.24
C LEU A 81 -11.98 7.44 -4.30
N ARG A 82 -12.60 8.58 -4.55
CA ARG A 82 -14.05 8.66 -4.63
C ARG A 82 -14.50 8.98 -6.05
N GLY A 83 -13.78 9.88 -6.71
CA GLY A 83 -14.12 10.25 -8.07
C GLY A 83 -13.24 11.36 -8.60
N PRO A 84 -13.61 12.61 -8.34
CA PRO A 84 -12.85 13.78 -8.78
C PRO A 84 -11.51 13.92 -8.07
N GLU A 85 -11.56 13.87 -6.74
CA GLU A 85 -10.35 13.99 -5.93
C GLU A 85 -10.23 12.84 -4.94
N GLY A 86 -9.00 12.48 -4.60
CA GLY A 86 -8.78 11.39 -3.66
C GLY A 86 -8.37 11.88 -2.29
N SER A 87 -7.78 11.00 -1.50
CA SER A 87 -7.34 11.34 -0.15
C SER A 87 -5.82 11.45 -0.08
N GLU A 88 -5.32 11.86 1.08
CA GLU A 88 -3.88 12.01 1.28
C GLU A 88 -3.18 10.66 1.16
N ALA A 89 -1.86 10.70 0.96
CA ALA A 89 -1.07 9.48 0.84
C ALA A 89 -0.73 8.90 2.21
N ARG A 90 -1.18 7.68 2.46
CA ARG A 90 -0.93 7.01 3.73
C ARG A 90 -0.40 5.60 3.51
N GLY A 91 0.93 5.46 3.57
CA GLY A 91 1.54 4.16 3.38
C GLY A 91 2.22 3.65 4.63
N ILE A 92 2.54 2.36 4.65
CA ILE A 92 3.22 1.75 5.79
C ILE A 92 4.40 0.90 5.34
N ARG A 93 5.42 0.84 6.20
CA ARG A 93 6.62 0.06 5.89
C ARG A 93 6.28 -1.42 5.74
N ALA A 94 6.83 -2.05 4.71
CA ALA A 94 6.59 -3.46 4.44
C ALA A 94 7.90 -4.25 4.44
N ARG A 95 8.24 -4.81 5.60
CA ARG A 95 9.47 -5.60 5.73
C ARG A 95 9.19 -7.08 5.54
N THR A 96 10.18 -7.80 5.02
CA THR A 96 10.04 -9.24 4.80
C THR A 96 11.29 -9.99 5.26
N PRO A 97 11.07 -11.18 5.82
CA PRO A 97 12.17 -12.03 6.32
C PRO A 97 13.01 -12.60 5.18
N THR A 98 13.82 -13.61 5.51
CA THR A 98 14.68 -14.24 4.52
C THR A 98 14.79 -15.74 4.77
N SER A 99 14.19 -16.54 3.87
CA SER A 99 14.23 -17.99 4.00
C SER A 99 15.50 -18.56 3.39
N GLY A 100 16.58 -17.79 3.46
CA GLY A 100 17.84 -18.23 2.91
C GLY A 100 18.62 -19.10 3.88
N PRO A 101 19.94 -19.18 3.69
CA PRO A 101 20.83 -19.98 4.53
C PRO A 101 20.99 -19.38 5.93
N SER A 102 20.22 -19.90 6.88
CA SER A 102 20.26 -19.41 8.26
C SER A 102 21.38 -20.10 9.04
N SER A 103 21.86 -19.43 10.08
CA SER A 103 22.94 -19.97 10.90
C SER A 103 23.04 -19.22 12.22
N GLY A 104 22.89 -19.95 13.33
CA GLY A 104 22.97 -19.33 14.64
C GLY A 104 22.78 -20.34 15.76
N GLY A 1 -9.55 26.22 -8.51
CA GLY A 1 -9.69 25.69 -7.15
C GLY A 1 -11.11 25.27 -6.83
N SER A 2 -11.27 24.10 -6.23
CA SER A 2 -12.58 23.59 -5.87
C SER A 2 -13.32 24.58 -4.99
N SER A 3 -14.59 24.82 -5.32
CA SER A 3 -15.41 25.76 -4.56
C SER A 3 -15.35 25.45 -3.07
N GLY A 4 -15.59 24.19 -2.73
CA GLY A 4 -15.55 23.78 -1.33
C GLY A 4 -15.17 22.32 -1.17
N SER A 5 -16.07 21.54 -0.55
CA SER A 5 -15.82 20.13 -0.33
C SER A 5 -17.09 19.31 -0.57
N SER A 6 -16.95 18.22 -1.31
CA SER A 6 -18.09 17.35 -1.62
C SER A 6 -18.16 16.19 -0.63
N GLY A 7 -17.82 16.46 0.62
CA GLY A 7 -17.86 15.43 1.65
C GLY A 7 -16.48 15.04 2.13
N PRO A 8 -16.37 14.71 3.42
CA PRO A 8 -15.10 14.31 4.04
C PRO A 8 -14.62 12.95 3.54
N LEU A 9 -13.31 12.84 3.34
CA LEU A 9 -12.72 11.58 2.87
C LEU A 9 -11.57 11.16 3.76
N PRO A 10 -11.89 10.47 4.87
CA PRO A 10 -10.90 9.99 5.83
C PRO A 10 -10.05 8.85 5.26
N PRO A 11 -8.72 9.06 5.26
CA PRO A 11 -7.77 8.06 4.74
C PRO A 11 -7.68 6.83 5.64
N PRO A 12 -7.00 5.79 5.14
CA PRO A 12 -6.82 4.53 5.88
C PRO A 12 -5.89 4.69 7.07
N ARG A 13 -6.39 4.35 8.26
CA ARG A 13 -5.61 4.45 9.48
C ARG A 13 -5.32 3.07 10.07
N ALA A 14 -6.25 2.15 9.88
CA ALA A 14 -6.10 0.79 10.37
C ALA A 14 -5.12 -0.01 9.51
N LEU A 15 -3.98 0.59 9.21
CA LEU A 15 -2.96 -0.07 8.40
C LEU A 15 -2.15 -1.06 9.23
N THR A 16 -2.19 -2.33 8.83
CA THR A 16 -1.46 -3.37 9.53
C THR A 16 -1.10 -4.53 8.59
N LEU A 17 0.10 -5.05 8.74
CA LEU A 17 0.57 -6.16 7.90
C LEU A 17 -0.15 -7.45 8.28
N ALA A 18 -0.99 -7.93 7.37
CA ALA A 18 -1.73 -9.17 7.59
C ALA A 18 -0.80 -10.37 7.69
N ALA A 19 0.09 -10.49 6.70
CA ALA A 19 1.06 -11.59 6.67
C ALA A 19 2.34 -11.18 5.98
N VAL A 20 3.47 -11.38 6.66
CA VAL A 20 4.77 -11.02 6.10
C VAL A 20 5.44 -12.23 5.47
N THR A 21 5.36 -12.33 4.14
CA THR A 21 5.96 -13.44 3.42
C THR A 21 7.11 -12.96 2.55
N PRO A 22 8.21 -13.74 2.55
CA PRO A 22 9.41 -13.41 1.76
C PRO A 22 9.17 -13.58 0.26
N ARG A 23 7.99 -14.04 -0.10
CA ARG A 23 7.63 -14.24 -1.50
C ARG A 23 6.54 -13.27 -1.93
N THR A 24 5.67 -12.92 -1.00
CA THR A 24 4.57 -12.00 -1.29
C THR A 24 4.24 -11.14 -0.07
N VAL A 25 3.86 -9.89 -0.31
CA VAL A 25 3.51 -8.97 0.76
C VAL A 25 2.01 -8.73 0.81
N HIS A 26 1.43 -8.95 1.99
CA HIS A 26 -0.01 -8.76 2.18
C HIS A 26 -0.27 -7.62 3.15
N LEU A 27 -1.13 -6.68 2.73
CA LEU A 27 -1.46 -5.54 3.57
C LEU A 27 -2.99 -5.36 3.65
N THR A 28 -3.45 -4.83 4.77
CA THR A 28 -4.87 -4.60 4.98
C THR A 28 -5.13 -3.30 5.73
N TRP A 29 -6.25 -2.65 5.43
CA TRP A 29 -6.60 -1.40 6.09
C TRP A 29 -8.12 -1.23 6.16
N GLN A 30 -8.55 -0.17 6.81
CA GLN A 30 -9.98 0.10 6.95
C GLN A 30 -10.51 0.89 5.75
N PRO A 31 -11.70 0.51 5.28
CA PRO A 31 -12.33 1.16 4.12
C PRO A 31 -12.81 2.58 4.44
N SER A 32 -12.78 3.45 3.45
CA SER A 32 -13.19 4.84 3.62
C SER A 32 -14.71 4.97 3.48
N ALA A 33 -15.19 6.19 3.61
CA ALA A 33 -16.62 6.46 3.49
C ALA A 33 -16.92 7.34 2.28
N GLY A 34 -17.65 6.78 1.32
CA GLY A 34 -17.99 7.53 0.12
C GLY A 34 -17.13 7.15 -1.08
N ALA A 35 -15.90 6.72 -0.80
CA ALA A 35 -14.99 6.32 -1.86
C ALA A 35 -15.53 5.13 -2.64
N THR A 36 -15.43 5.20 -3.96
CA THR A 36 -15.91 4.12 -4.82
C THR A 36 -14.79 3.16 -5.19
N HIS A 37 -13.56 3.54 -4.85
CA HIS A 37 -12.40 2.71 -5.13
C HIS A 37 -11.17 3.20 -4.37
N TYR A 38 -10.24 2.29 -4.12
CA TYR A 38 -9.01 2.63 -3.39
C TYR A 38 -7.77 2.35 -4.23
N LEU A 39 -6.83 3.29 -4.21
CA LEU A 39 -5.60 3.14 -4.97
C LEU A 39 -4.51 2.48 -4.12
N VAL A 40 -3.49 1.94 -4.78
CA VAL A 40 -2.38 1.29 -4.09
C VAL A 40 -1.07 1.52 -4.83
N ARG A 41 -0.23 2.38 -4.27
CA ARG A 41 1.07 2.68 -4.88
C ARG A 41 2.15 1.75 -4.35
N CYS A 42 2.66 0.89 -5.22
CA CYS A 42 3.70 -0.06 -4.85
C CYS A 42 5.07 0.38 -5.37
N SER A 43 5.99 0.67 -4.45
CA SER A 43 7.33 1.11 -4.83
C SER A 43 8.36 0.63 -3.82
N PRO A 44 9.56 0.28 -4.30
CA PRO A 44 10.65 -0.19 -3.45
C PRO A 44 11.23 0.91 -2.57
N ALA A 45 11.59 0.55 -1.35
CA ALA A 45 12.17 1.51 -0.41
C ALA A 45 13.63 1.80 -0.74
N SER A 46 14.19 1.04 -1.68
CA SER A 46 15.57 1.21 -2.08
C SER A 46 15.66 1.78 -3.50
N PRO A 47 16.50 2.81 -3.66
CA PRO A 47 16.71 3.47 -4.96
C PRO A 47 17.44 2.57 -5.96
N LYS A 48 17.87 1.41 -5.49
CA LYS A 48 18.58 0.46 -6.34
C LYS A 48 17.62 -0.27 -7.27
N GLY A 49 17.71 0.03 -8.57
CA GLY A 49 16.85 -0.61 -9.53
C GLY A 49 16.13 0.39 -10.42
N GLU A 50 14.86 0.12 -10.72
CA GLU A 50 14.07 1.01 -11.55
C GLU A 50 13.19 1.92 -10.71
N GLU A 51 13.77 3.02 -10.25
CA GLU A 51 13.03 3.98 -9.42
C GLU A 51 11.71 4.36 -10.09
N GLU A 52 10.63 3.75 -9.60
CA GLU A 52 9.30 4.03 -10.15
C GLU A 52 8.22 3.39 -9.28
N GLU A 53 7.13 4.14 -9.06
CA GLU A 53 6.02 3.65 -8.25
C GLU A 53 4.93 3.05 -9.13
N ARG A 54 4.31 1.99 -8.63
CA ARG A 54 3.24 1.32 -9.36
C ARG A 54 1.87 1.74 -8.84
N GLU A 55 1.16 2.55 -9.64
CA GLU A 55 -0.15 3.02 -9.25
C GLU A 55 -1.25 2.09 -9.77
N VAL A 56 -1.95 1.44 -8.85
CA VAL A 56 -3.03 0.52 -9.22
C VAL A 56 -4.28 0.78 -8.38
N GLN A 57 -5.43 0.48 -8.96
CA GLN A 57 -6.70 0.67 -8.27
C GLN A 57 -7.27 -0.66 -7.78
N VAL A 58 -7.35 -0.80 -6.45
CA VAL A 58 -7.87 -2.03 -5.85
C VAL A 58 -9.26 -1.81 -5.28
N GLY A 59 -10.19 -2.69 -5.65
CA GLY A 59 -11.55 -2.57 -5.15
C GLY A 59 -11.69 -3.02 -3.72
N ARG A 60 -10.58 -3.46 -3.12
CA ARG A 60 -10.59 -3.92 -1.74
C ARG A 60 -9.48 -3.24 -0.94
N PRO A 61 -9.75 -3.02 0.35
CA PRO A 61 -8.78 -2.38 1.26
C PRO A 61 -7.59 -3.28 1.56
N GLU A 62 -7.56 -4.44 0.93
CA GLU A 62 -6.47 -5.39 1.13
C GLU A 62 -5.75 -5.69 -0.19
N VAL A 63 -4.44 -5.45 -0.21
CA VAL A 63 -3.64 -5.69 -1.40
C VAL A 63 -2.58 -6.75 -1.14
N LEU A 64 -2.39 -7.65 -2.12
CA LEU A 64 -1.41 -8.71 -2.00
C LEU A 64 -0.40 -8.64 -3.14
N LEU A 65 0.82 -8.21 -2.82
CA LEU A 65 1.88 -8.11 -3.82
C LEU A 65 2.57 -9.45 -4.03
N ASP A 66 2.49 -9.97 -5.24
CA ASP A 66 3.12 -11.25 -5.57
C ASP A 66 4.43 -11.04 -6.31
N GLY A 67 5.44 -11.82 -5.95
CA GLY A 67 6.74 -11.71 -6.59
C GLY A 67 7.63 -10.69 -5.91
N LEU A 68 8.19 -11.07 -4.75
CA LEU A 68 9.06 -10.18 -4.00
C LEU A 68 10.29 -10.93 -3.49
N GLU A 69 11.28 -10.17 -3.01
CA GLU A 69 12.50 -10.76 -2.50
C GLU A 69 12.55 -10.67 -0.97
N PRO A 70 13.12 -11.71 -0.33
CA PRO A 70 13.24 -11.77 1.13
C PRO A 70 14.26 -10.76 1.65
N GLY A 71 14.02 -10.28 2.88
CA GLY A 71 14.93 -9.32 3.49
C GLY A 71 14.99 -8.02 2.71
N ARG A 72 13.84 -7.58 2.20
CA ARG A 72 13.77 -6.34 1.45
C ARG A 72 12.58 -5.49 1.90
N ASP A 73 12.82 -4.20 2.08
CA ASP A 73 11.78 -3.28 2.52
C ASP A 73 11.05 -2.68 1.31
N TYR A 74 9.73 -2.54 1.43
CA TYR A 74 8.94 -1.97 0.35
C TYR A 74 8.06 -0.83 0.87
N GLU A 75 7.54 -0.02 -0.06
CA GLU A 75 6.69 1.10 0.29
C GLU A 75 5.34 1.00 -0.40
N VAL A 76 4.28 0.83 0.40
CA VAL A 76 2.93 0.72 -0.13
C VAL A 76 2.03 1.81 0.44
N SER A 77 1.58 2.72 -0.42
CA SER A 77 0.71 3.81 0.00
C SER A 77 -0.72 3.58 -0.49
N VAL A 78 -1.69 3.97 0.34
CA VAL A 78 -3.09 3.80 0.00
C VAL A 78 -3.82 5.14 0.02
N GLN A 79 -4.52 5.44 -1.07
CA GLN A 79 -5.25 6.70 -1.17
C GLN A 79 -6.71 6.43 -1.56
N SER A 80 -7.62 6.77 -0.65
CA SER A 80 -9.05 6.57 -0.88
C SER A 80 -9.55 7.48 -2.01
N LEU A 81 -10.06 6.87 -3.07
CA LEU A 81 -10.57 7.62 -4.21
C LEU A 81 -12.09 7.59 -4.24
N ARG A 82 -12.69 8.77 -4.38
CA ARG A 82 -14.15 8.88 -4.42
C ARG A 82 -14.60 9.60 -5.69
N GLY A 83 -13.92 10.70 -6.01
CA GLY A 83 -14.26 11.47 -7.19
C GLY A 83 -13.04 11.97 -7.94
N PRO A 84 -13.11 13.21 -8.43
CA PRO A 84 -12.01 13.83 -9.17
C PRO A 84 -10.80 14.13 -8.29
N GLU A 85 -11.00 14.01 -6.97
CA GLU A 85 -9.93 14.28 -6.02
C GLU A 85 -9.76 13.11 -5.05
N GLY A 86 -8.52 12.78 -4.72
CA GLY A 86 -8.25 11.69 -3.80
C GLY A 86 -7.69 12.17 -2.48
N SER A 87 -7.68 11.29 -1.49
CA SER A 87 -7.18 11.62 -0.17
C SER A 87 -5.66 11.65 -0.16
N GLU A 88 -5.08 12.04 0.97
CA GLU A 88 -3.63 12.12 1.10
C GLU A 88 -3.00 10.74 0.94
N ALA A 89 -1.68 10.71 0.81
CA ALA A 89 -0.95 9.46 0.64
C ALA A 89 -0.53 8.89 2.00
N ARG A 90 -1.09 7.74 2.36
CA ARG A 90 -0.78 7.10 3.62
C ARG A 90 -0.26 5.68 3.39
N GLY A 91 1.04 5.49 3.58
CA GLY A 91 1.64 4.18 3.39
C GLY A 91 2.40 3.70 4.62
N ILE A 92 2.71 2.41 4.65
CA ILE A 92 3.44 1.84 5.77
C ILE A 92 4.78 1.27 5.33
N ARG A 93 5.69 1.10 6.27
CA ARG A 93 7.01 0.57 5.98
C ARG A 93 6.99 -0.95 5.95
N ALA A 94 6.68 -1.52 4.79
CA ALA A 94 6.63 -2.96 4.63
C ALA A 94 8.00 -3.59 4.84
N ARG A 95 8.03 -4.76 5.47
CA ARG A 95 9.28 -5.45 5.73
C ARG A 95 9.09 -6.97 5.62
N THR A 96 10.14 -7.66 5.20
CA THR A 96 10.09 -9.11 5.05
C THR A 96 11.38 -9.76 5.55
N PRO A 97 11.22 -10.92 6.23
CA PRO A 97 12.36 -11.66 6.78
C PRO A 97 13.22 -12.29 5.70
N THR A 98 14.14 -13.16 6.11
CA THR A 98 15.02 -13.84 5.17
C THR A 98 14.97 -15.35 5.35
N SER A 99 14.63 -16.06 4.28
CA SER A 99 14.53 -17.52 4.32
C SER A 99 15.14 -18.13 3.07
N GLY A 100 15.90 -19.21 3.26
CA GLY A 100 16.53 -19.89 2.14
C GLY A 100 17.64 -20.82 2.57
N PRO A 101 17.79 -21.94 1.84
CA PRO A 101 18.81 -22.94 2.13
C PRO A 101 20.22 -22.44 1.83
N SER A 102 20.32 -21.52 0.86
CA SER A 102 21.61 -20.97 0.47
C SER A 102 21.54 -19.45 0.37
N SER A 103 22.69 -18.82 0.19
CA SER A 103 22.76 -17.37 0.08
C SER A 103 22.91 -16.94 -1.37
N GLY A 104 23.94 -17.47 -2.03
CA GLY A 104 24.18 -17.13 -3.43
C GLY A 104 25.27 -16.10 -3.59
N GLY A 1 -21.52 22.59 -14.67
CA GLY A 1 -21.96 23.82 -14.05
C GLY A 1 -21.17 24.15 -12.78
N SER A 2 -21.89 24.51 -11.73
CA SER A 2 -21.26 24.86 -10.46
C SER A 2 -20.62 23.62 -9.82
N SER A 3 -19.30 23.53 -9.91
CA SER A 3 -18.58 22.39 -9.35
C SER A 3 -18.45 22.53 -7.83
N GLY A 4 -18.72 21.43 -7.12
CA GLY A 4 -18.63 21.46 -5.68
C GLY A 4 -18.28 20.11 -5.10
N SER A 5 -18.30 19.99 -3.77
CA SER A 5 -17.97 18.75 -3.10
C SER A 5 -18.71 18.64 -1.76
N SER A 6 -18.96 17.42 -1.32
CA SER A 6 -19.65 17.19 -0.06
C SER A 6 -19.50 15.73 0.38
N GLY A 7 -18.78 15.53 1.48
CA GLY A 7 -18.56 14.18 2.00
C GLY A 7 -17.13 13.95 2.43
N PRO A 8 -16.95 13.58 3.70
CA PRO A 8 -15.63 13.32 4.27
C PRO A 8 -14.99 12.05 3.70
N LEU A 9 -13.66 12.05 3.62
CA LEU A 9 -12.94 10.90 3.09
C LEU A 9 -11.85 10.45 4.07
N PRO A 10 -12.24 9.63 5.05
CA PRO A 10 -11.32 9.11 6.06
C PRO A 10 -10.32 8.11 5.48
N PRO A 11 -9.04 8.50 5.43
CA PRO A 11 -7.97 7.65 4.90
C PRO A 11 -7.67 6.47 5.81
N PRO A 12 -6.85 5.53 5.31
CA PRO A 12 -6.47 4.33 6.06
C PRO A 12 -5.54 4.65 7.23
N ARG A 13 -5.94 4.21 8.43
CA ARG A 13 -5.16 4.46 9.63
C ARG A 13 -4.62 3.14 10.20
N ALA A 14 -5.52 2.18 10.39
CA ALA A 14 -5.14 0.89 10.94
C ALA A 14 -4.44 0.03 9.88
N LEU A 15 -3.41 0.61 9.26
CA LEU A 15 -2.65 -0.10 8.24
C LEU A 15 -1.69 -1.10 8.86
N THR A 16 -2.12 -2.35 8.96
CA THR A 16 -1.29 -3.41 9.54
C THR A 16 -0.97 -4.48 8.51
N LEU A 17 0.24 -5.02 8.59
CA LEU A 17 0.66 -6.07 7.66
C LEU A 17 -0.19 -7.33 7.83
N ALA A 18 -1.10 -7.54 6.89
CA ALA A 18 -1.98 -8.71 6.93
C ALA A 18 -1.17 -9.99 7.08
N ALA A 19 -0.09 -10.10 6.31
CA ALA A 19 0.77 -11.28 6.36
C ALA A 19 2.10 -11.00 5.69
N VAL A 20 3.20 -11.31 6.40
CA VAL A 20 4.53 -11.10 5.88
C VAL A 20 5.09 -12.37 5.26
N THR A 21 5.13 -12.42 3.94
CA THR A 21 5.64 -13.59 3.22
C THR A 21 6.80 -13.21 2.30
N PRO A 22 7.84 -14.04 2.29
CA PRO A 22 9.03 -13.83 1.46
C PRO A 22 8.75 -14.00 -0.03
N ARG A 23 7.49 -14.27 -0.35
CA ARG A 23 7.07 -14.46 -1.74
C ARG A 23 5.98 -13.47 -2.12
N THR A 24 5.22 -13.02 -1.13
CA THR A 24 4.14 -12.07 -1.36
C THR A 24 3.91 -11.18 -0.14
N VAL A 25 3.30 -10.02 -0.37
CA VAL A 25 3.02 -9.09 0.72
C VAL A 25 1.53 -8.77 0.80
N HIS A 26 0.94 -9.02 1.95
CA HIS A 26 -0.49 -8.76 2.16
C HIS A 26 -0.70 -7.60 3.13
N LEU A 27 -1.36 -6.55 2.68
CA LEU A 27 -1.63 -5.39 3.51
C LEU A 27 -3.12 -5.09 3.57
N THR A 28 -3.61 -4.80 4.77
CA THR A 28 -5.02 -4.49 4.96
C THR A 28 -5.20 -3.23 5.81
N TRP A 29 -6.26 -2.49 5.54
CA TRP A 29 -6.56 -1.27 6.28
C TRP A 29 -8.05 -1.11 6.52
N GLN A 30 -8.43 0.00 7.14
CA GLN A 30 -9.84 0.27 7.43
C GLN A 30 -10.61 0.56 6.15
N PRO A 31 -11.85 0.05 6.07
CA PRO A 31 -12.72 0.25 4.90
C PRO A 31 -13.20 1.69 4.77
N SER A 32 -13.64 2.06 3.57
CA SER A 32 -14.13 3.41 3.32
C SER A 32 -15.63 3.51 3.58
N ALA A 33 -16.04 4.60 4.21
CA ALA A 33 -17.45 4.82 4.52
C ALA A 33 -18.13 5.62 3.41
N GLY A 34 -17.50 5.67 2.25
CA GLY A 34 -18.06 6.39 1.12
C GLY A 34 -17.24 6.23 -0.14
N ALA A 35 -15.94 6.04 0.02
CA ALA A 35 -15.04 5.87 -1.13
C ALA A 35 -15.57 4.80 -2.07
N THR A 36 -14.98 4.73 -3.26
CA THR A 36 -15.38 3.75 -4.26
C THR A 36 -14.29 2.72 -4.51
N HIS A 37 -13.05 3.11 -4.24
CA HIS A 37 -11.91 2.22 -4.42
C HIS A 37 -10.65 2.81 -3.80
N TYR A 38 -9.65 1.97 -3.55
CA TYR A 38 -8.41 2.41 -2.96
C TYR A 38 -7.26 2.29 -3.97
N LEU A 39 -6.40 3.31 -3.99
CA LEU A 39 -5.27 3.34 -4.91
C LEU A 39 -3.99 2.87 -4.20
N VAL A 40 -3.42 1.77 -4.68
CA VAL A 40 -2.19 1.23 -4.10
C VAL A 40 -0.98 1.61 -4.94
N ARG A 41 0.01 2.22 -4.29
CA ARG A 41 1.23 2.63 -4.98
C ARG A 41 2.44 1.93 -4.39
N CYS A 42 3.00 0.99 -5.14
CA CYS A 42 4.17 0.24 -4.69
C CYS A 42 5.46 0.84 -5.26
N SER A 43 6.40 1.15 -4.38
CA SER A 43 7.66 1.74 -4.79
C SER A 43 8.80 1.29 -3.87
N PRO A 44 9.99 1.09 -4.45
CA PRO A 44 11.18 0.68 -3.69
C PRO A 44 11.69 1.76 -2.76
N ALA A 45 12.05 1.38 -1.55
CA ALA A 45 12.56 2.32 -0.56
C ALA A 45 13.98 2.76 -0.91
N SER A 46 14.69 1.92 -1.64
CA SER A 46 16.06 2.21 -2.05
C SER A 46 16.16 2.44 -3.55
N PRO A 47 17.01 3.39 -3.96
CA PRO A 47 17.22 3.73 -5.37
C PRO A 47 17.92 2.62 -6.14
N LYS A 48 18.24 1.53 -5.43
CA LYS A 48 18.92 0.40 -6.05
C LYS A 48 17.93 -0.71 -6.39
N GLY A 49 18.20 -1.42 -7.50
CA GLY A 49 17.33 -2.50 -7.92
C GLY A 49 16.45 -2.10 -9.09
N GLU A 50 15.16 -2.42 -8.99
CA GLU A 50 14.21 -2.09 -10.06
C GLU A 50 13.62 -0.71 -9.85
N GLU A 51 14.36 0.32 -10.29
CA GLU A 51 13.89 1.69 -10.15
C GLU A 51 12.68 1.95 -11.04
N GLU A 52 11.49 1.65 -10.51
CA GLU A 52 10.25 1.84 -11.24
C GLU A 52 9.08 1.99 -10.30
N GLU A 53 8.26 3.01 -10.53
CA GLU A 53 7.09 3.26 -9.69
C GLU A 53 5.94 2.32 -10.05
N ARG A 54 5.07 2.08 -9.08
CA ARG A 54 3.93 1.18 -9.29
C ARG A 54 2.63 1.86 -8.89
N GLU A 55 1.59 1.64 -9.68
CA GLU A 55 0.28 2.23 -9.41
C GLU A 55 -0.85 1.29 -9.83
N VAL A 56 -1.63 0.83 -8.85
CA VAL A 56 -2.73 -0.08 -9.12
C VAL A 56 -3.96 0.28 -8.28
N GLN A 57 -5.12 -0.21 -8.69
CA GLN A 57 -6.35 0.05 -7.97
C GLN A 57 -6.97 -1.24 -7.44
N VAL A 58 -7.51 -1.17 -6.23
CA VAL A 58 -8.12 -2.34 -5.60
C VAL A 58 -9.51 -2.01 -5.08
N GLY A 59 -10.48 -2.86 -5.40
CA GLY A 59 -11.84 -2.64 -4.96
C GLY A 59 -12.00 -2.85 -3.46
N ARG A 60 -11.03 -3.50 -2.84
CA ARG A 60 -11.06 -3.75 -1.41
C ARG A 60 -9.85 -3.14 -0.72
N PRO A 61 -9.99 -2.86 0.58
CA PRO A 61 -8.91 -2.27 1.39
C PRO A 61 -7.77 -3.26 1.63
N GLU A 62 -7.88 -4.44 1.03
CA GLU A 62 -6.85 -5.46 1.18
C GLU A 62 -6.13 -5.72 -0.15
N VAL A 63 -4.81 -5.64 -0.12
CA VAL A 63 -4.01 -5.85 -1.32
C VAL A 63 -2.96 -6.94 -1.08
N LEU A 64 -2.72 -7.74 -2.11
CA LEU A 64 -1.73 -8.82 -2.03
C LEU A 64 -0.80 -8.81 -3.23
N LEU A 65 0.47 -8.50 -2.99
CA LEU A 65 1.46 -8.46 -4.07
C LEU A 65 2.20 -9.79 -4.17
N ASP A 66 2.09 -10.44 -5.32
CA ASP A 66 2.75 -11.71 -5.55
C ASP A 66 4.00 -11.53 -6.42
N GLY A 67 5.02 -12.34 -6.15
CA GLY A 67 6.26 -12.26 -6.91
C GLY A 67 7.17 -11.17 -6.40
N LEU A 68 7.65 -11.33 -5.17
CA LEU A 68 8.55 -10.36 -4.57
C LEU A 68 9.84 -11.02 -4.11
N GLU A 69 10.77 -10.20 -3.62
CA GLU A 69 12.06 -10.71 -3.15
C GLU A 69 12.15 -10.61 -1.62
N PRO A 70 12.77 -11.63 -1.00
CA PRO A 70 12.93 -11.69 0.46
C PRO A 70 13.94 -10.66 0.96
N GLY A 71 13.70 -10.15 2.17
CA GLY A 71 14.58 -9.16 2.74
C GLY A 71 14.69 -7.91 1.89
N ARG A 72 13.53 -7.38 1.48
CA ARG A 72 13.51 -6.17 0.65
C ARG A 72 12.52 -5.16 1.22
N ASP A 73 12.94 -3.89 1.25
CA ASP A 73 12.10 -2.82 1.77
C ASP A 73 11.22 -2.23 0.66
N TYR A 74 9.95 -2.03 0.96
CA TYR A 74 9.01 -1.47 -0.01
C TYR A 74 8.22 -0.31 0.59
N GLU A 75 7.63 0.50 -0.27
CA GLU A 75 6.85 1.65 0.17
C GLU A 75 5.47 1.63 -0.46
N VAL A 76 4.52 1.00 0.24
CA VAL A 76 3.14 0.92 -0.25
C VAL A 76 2.30 2.07 0.29
N SER A 77 1.84 2.93 -0.61
CA SER A 77 1.02 4.08 -0.23
C SER A 77 -0.43 3.87 -0.64
N VAL A 78 -1.34 3.92 0.33
CA VAL A 78 -2.76 3.73 0.06
C VAL A 78 -3.51 5.07 0.12
N GLN A 79 -4.53 5.20 -0.71
CA GLN A 79 -5.33 6.42 -0.76
C GLN A 79 -6.78 6.11 -1.06
N SER A 80 -7.68 6.75 -0.34
CA SER A 80 -9.12 6.54 -0.53
C SER A 80 -9.64 7.39 -1.68
N LEU A 81 -10.12 6.72 -2.72
CA LEU A 81 -10.64 7.40 -3.90
C LEU A 81 -12.17 7.46 -3.85
N ARG A 82 -12.72 8.66 -4.05
CA ARG A 82 -14.16 8.86 -4.04
C ARG A 82 -14.70 9.10 -5.44
N GLY A 83 -13.86 9.69 -6.29
CA GLY A 83 -14.26 9.97 -7.65
C GLY A 83 -13.36 10.98 -8.34
N PRO A 84 -13.71 12.27 -8.20
CA PRO A 84 -12.93 13.36 -8.80
C PRO A 84 -11.58 13.55 -8.12
N GLU A 85 -11.60 13.61 -6.80
CA GLU A 85 -10.37 13.79 -6.03
C GLU A 85 -10.16 12.63 -5.06
N GLY A 86 -8.89 12.34 -4.78
CA GLY A 86 -8.57 11.25 -3.87
C GLY A 86 -8.15 11.74 -2.50
N SER A 87 -8.01 10.81 -1.56
CA SER A 87 -7.62 11.15 -0.20
C SER A 87 -6.10 11.31 -0.09
N GLU A 88 -5.64 11.76 1.08
CA GLU A 88 -4.22 11.96 1.31
C GLU A 88 -3.45 10.65 1.16
N ALA A 89 -2.12 10.74 1.12
CA ALA A 89 -1.28 9.56 0.98
C ALA A 89 -0.96 8.94 2.35
N ARG A 90 -1.41 7.71 2.55
CA ARG A 90 -1.18 7.01 3.81
C ARG A 90 -0.60 5.61 3.56
N GLY A 91 0.72 5.50 3.65
CA GLY A 91 1.37 4.21 3.43
C GLY A 91 2.03 3.68 4.69
N ILE A 92 2.29 2.38 4.70
CA ILE A 92 2.94 1.74 5.85
C ILE A 92 4.26 1.09 5.45
N ARG A 93 5.30 1.38 6.22
CA ARG A 93 6.62 0.83 5.95
C ARG A 93 6.56 -0.70 5.82
N ALA A 94 6.77 -1.19 4.60
CA ALA A 94 6.73 -2.63 4.34
C ALA A 94 8.04 -3.29 4.75
N ARG A 95 8.03 -4.61 4.83
CA ARG A 95 9.22 -5.37 5.21
C ARG A 95 8.96 -6.87 5.10
N THR A 96 9.99 -7.61 4.69
CA THR A 96 9.88 -9.05 4.54
C THR A 96 11.16 -9.75 4.99
N PRO A 97 10.99 -10.90 5.66
CA PRO A 97 12.13 -11.70 6.16
C PRO A 97 12.93 -12.35 5.02
N THR A 98 13.85 -13.23 5.39
CA THR A 98 14.67 -13.92 4.41
C THR A 98 14.57 -15.42 4.58
N SER A 99 14.10 -16.10 3.52
CA SER A 99 13.95 -17.54 3.54
C SER A 99 15.08 -18.22 2.78
N GLY A 100 16.27 -17.65 2.88
CA GLY A 100 17.42 -18.21 2.19
C GLY A 100 18.42 -18.83 3.15
N PRO A 101 18.08 -20.01 3.69
CA PRO A 101 18.95 -20.73 4.64
C PRO A 101 20.21 -21.27 3.97
N SER A 102 21.25 -20.44 3.89
CA SER A 102 22.50 -20.85 3.28
C SER A 102 23.07 -22.09 3.97
N SER A 103 24.17 -22.60 3.43
CA SER A 103 24.81 -23.79 3.99
C SER A 103 26.27 -23.50 4.31
N GLY A 104 26.93 -24.46 4.97
CA GLY A 104 28.32 -24.30 5.32
C GLY A 104 28.54 -24.31 6.82
N GLY A 1 -14.63 17.79 20.41
CA GLY A 1 -13.71 18.25 19.38
C GLY A 1 -14.41 18.59 18.09
N SER A 2 -13.88 18.07 16.98
CA SER A 2 -14.46 18.32 15.67
C SER A 2 -15.16 17.08 15.14
N SER A 3 -15.77 17.20 13.96
CA SER A 3 -16.48 16.09 13.34
C SER A 3 -16.91 16.43 11.93
N GLY A 4 -16.61 15.55 10.99
CA GLY A 4 -16.98 15.77 9.60
C GLY A 4 -17.88 14.69 9.05
N SER A 5 -19.06 15.08 8.59
CA SER A 5 -20.02 14.13 8.04
C SER A 5 -20.16 14.32 6.52
N SER A 6 -20.14 13.21 5.79
CA SER A 6 -20.26 13.25 4.34
C SER A 6 -19.54 14.46 3.77
N GLY A 7 -18.33 14.72 4.24
CA GLY A 7 -17.56 15.85 3.77
C GLY A 7 -16.23 15.45 3.20
N PRO A 8 -15.17 15.51 4.02
CA PRO A 8 -13.81 15.14 3.62
C PRO A 8 -13.66 13.65 3.37
N LEU A 9 -12.42 13.22 3.16
CA LEU A 9 -12.13 11.81 2.91
C LEU A 9 -11.04 11.30 3.84
N PRO A 10 -11.45 10.62 4.92
CA PRO A 10 -10.51 10.07 5.91
C PRO A 10 -9.71 8.90 5.35
N PRO A 11 -8.41 9.11 5.15
CA PRO A 11 -7.50 8.09 4.63
C PRO A 11 -7.26 6.96 5.62
N PRO A 12 -6.62 5.89 5.16
CA PRO A 12 -6.31 4.72 6.00
C PRO A 12 -5.23 5.02 7.04
N ARG A 13 -5.49 4.60 8.27
CA ARG A 13 -4.54 4.82 9.36
C ARG A 13 -4.11 3.50 9.98
N ALA A 14 -5.07 2.64 10.27
CA ALA A 14 -4.79 1.34 10.87
C ALA A 14 -4.21 0.37 9.83
N LEU A 15 -3.08 0.75 9.24
CA LEU A 15 -2.43 -0.07 8.23
C LEU A 15 -1.66 -1.22 8.89
N THR A 16 -2.26 -2.40 8.88
CA THR A 16 -1.64 -3.58 9.47
C THR A 16 -1.36 -4.64 8.41
N LEU A 17 -0.23 -5.32 8.55
CA LEU A 17 0.17 -6.37 7.61
C LEU A 17 -0.54 -7.68 7.93
N ALA A 18 -1.31 -8.18 6.97
CA ALA A 18 -2.04 -9.43 7.15
C ALA A 18 -1.08 -10.62 7.21
N ALA A 19 0.00 -10.53 6.44
CA ALA A 19 0.99 -11.60 6.41
C ALA A 19 2.28 -11.13 5.74
N VAL A 20 3.42 -11.63 6.22
CA VAL A 20 4.72 -11.26 5.66
C VAL A 20 5.35 -12.44 4.92
N THR A 21 5.32 -12.37 3.60
CA THR A 21 5.90 -13.43 2.77
C THR A 21 6.98 -12.88 1.85
N PRO A 22 8.10 -13.60 1.75
CA PRO A 22 9.22 -13.21 0.89
C PRO A 22 8.90 -13.32 -0.59
N ARG A 23 7.67 -13.73 -0.89
CA ARG A 23 7.23 -13.87 -2.27
C ARG A 23 6.05 -12.96 -2.58
N THR A 24 5.29 -12.62 -1.54
CA THR A 24 4.13 -11.74 -1.69
C THR A 24 3.88 -10.94 -0.41
N VAL A 25 3.38 -9.72 -0.58
CA VAL A 25 3.09 -8.85 0.55
C VAL A 25 1.60 -8.60 0.68
N HIS A 26 1.09 -8.75 1.90
CA HIS A 26 -0.33 -8.54 2.16
C HIS A 26 -0.53 -7.43 3.18
N LEU A 27 -1.21 -6.37 2.76
CA LEU A 27 -1.47 -5.23 3.64
C LEU A 27 -2.98 -4.99 3.79
N THR A 28 -3.39 -4.61 4.99
CA THR A 28 -4.80 -4.36 5.27
C THR A 28 -4.98 -3.05 6.04
N TRP A 29 -5.98 -2.26 5.64
CA TRP A 29 -6.24 -0.99 6.31
C TRP A 29 -7.75 -0.81 6.52
N GLN A 30 -8.11 0.29 7.17
CA GLN A 30 -9.51 0.59 7.45
C GLN A 30 -10.19 1.20 6.24
N PRO A 31 -11.43 0.76 5.96
CA PRO A 31 -12.21 1.26 4.83
C PRO A 31 -12.67 2.70 5.02
N SER A 32 -12.74 3.45 3.92
CA SER A 32 -13.16 4.83 3.96
C SER A 32 -14.68 4.95 4.03
N ALA A 33 -15.17 6.18 3.98
CA ALA A 33 -16.62 6.42 4.02
C ALA A 33 -17.11 7.03 2.72
N GLY A 34 -17.38 6.16 1.74
CA GLY A 34 -17.86 6.63 0.45
C GLY A 34 -16.97 6.19 -0.70
N ALA A 35 -15.66 6.13 -0.44
CA ALA A 35 -14.69 5.73 -1.45
C ALA A 35 -15.10 4.41 -2.10
N THR A 36 -15.26 4.42 -3.42
CA THR A 36 -15.66 3.22 -4.15
C THR A 36 -14.44 2.33 -4.44
N HIS A 37 -13.25 2.92 -4.36
CA HIS A 37 -12.03 2.18 -4.61
C HIS A 37 -10.82 2.90 -4.00
N TYR A 38 -9.68 2.23 -3.99
CA TYR A 38 -8.46 2.81 -3.43
C TYR A 38 -7.27 2.54 -4.35
N LEU A 39 -6.35 3.50 -4.39
CA LEU A 39 -5.15 3.37 -5.23
C LEU A 39 -3.94 2.99 -4.38
N VAL A 40 -3.32 1.87 -4.72
CA VAL A 40 -2.15 1.39 -4.00
C VAL A 40 -0.88 1.57 -4.84
N ARG A 41 0.07 2.33 -4.30
CA ARG A 41 1.32 2.58 -4.99
C ARG A 41 2.46 1.79 -4.35
N CYS A 42 3.10 0.94 -5.14
CA CYS A 42 4.21 0.12 -4.65
C CYS A 42 5.55 0.72 -5.07
N SER A 43 6.18 1.45 -4.16
CA SER A 43 7.47 2.08 -4.43
C SER A 43 8.52 1.61 -3.44
N PRO A 44 9.76 1.43 -3.92
CA PRO A 44 10.89 1.00 -3.09
C PRO A 44 11.33 2.06 -2.10
N ALA A 45 11.58 1.65 -0.87
CA ALA A 45 12.02 2.56 0.18
C ALA A 45 13.45 3.03 -0.06
N SER A 46 14.25 2.17 -0.69
CA SER A 46 15.64 2.49 -0.98
C SER A 46 15.75 3.41 -2.19
N PRO A 47 16.70 4.35 -2.13
CA PRO A 47 16.93 5.31 -3.22
C PRO A 47 17.53 4.66 -4.45
N LYS A 48 17.82 3.36 -4.35
CA LYS A 48 18.39 2.61 -5.46
C LYS A 48 17.49 2.68 -6.68
N GLY A 49 17.76 3.65 -7.56
CA GLY A 49 16.95 3.80 -8.76
C GLY A 49 15.50 4.10 -8.46
N GLU A 50 15.09 5.34 -8.70
CA GLU A 50 13.72 5.76 -8.46
C GLU A 50 12.92 5.79 -9.76
N GLU A 51 12.73 4.63 -10.37
CA GLU A 51 12.00 4.53 -11.62
C GLU A 51 10.49 4.66 -11.36
N GLU A 52 9.71 4.61 -12.44
CA GLU A 52 8.26 4.71 -12.33
C GLU A 52 7.72 3.77 -11.26
N GLU A 53 6.85 4.28 -10.41
CA GLU A 53 6.26 3.49 -9.34
C GLU A 53 5.06 2.70 -9.86
N ARG A 54 4.78 1.57 -9.20
CA ARG A 54 3.66 0.72 -9.60
C ARG A 54 2.35 1.23 -9.00
N GLU A 55 1.31 1.28 -9.82
CA GLU A 55 0.00 1.75 -9.37
C GLU A 55 -1.08 0.70 -9.65
N VAL A 56 -1.82 0.33 -8.60
CA VAL A 56 -2.88 -0.65 -8.73
C VAL A 56 -4.15 -0.18 -8.03
N GLN A 57 -5.28 -0.74 -8.45
CA GLN A 57 -6.57 -0.38 -7.85
C GLN A 57 -7.26 -1.61 -7.26
N VAL A 58 -7.81 -1.45 -6.06
CA VAL A 58 -8.50 -2.55 -5.40
C VAL A 58 -9.80 -2.06 -4.75
N GLY A 59 -10.87 -2.82 -4.95
CA GLY A 59 -12.15 -2.45 -4.37
C GLY A 59 -12.18 -2.59 -2.87
N ARG A 60 -11.34 -3.48 -2.34
CA ARG A 60 -11.27 -3.69 -0.90
C ARG A 60 -10.02 -3.02 -0.31
N PRO A 61 -10.08 -2.71 0.98
CA PRO A 61 -8.98 -2.06 1.70
C PRO A 61 -7.79 -2.99 1.88
N GLU A 62 -7.89 -4.19 1.32
CA GLU A 62 -6.82 -5.18 1.42
C GLU A 62 -6.18 -5.43 0.06
N VAL A 63 -4.86 -5.34 0.00
CA VAL A 63 -4.13 -5.56 -1.25
C VAL A 63 -3.04 -6.61 -1.06
N LEU A 64 -2.80 -7.40 -2.10
CA LEU A 64 -1.78 -8.43 -2.05
C LEU A 64 -0.86 -8.34 -3.26
N LEU A 65 0.39 -7.99 -3.02
CA LEU A 65 1.38 -7.86 -4.09
C LEU A 65 2.16 -9.17 -4.26
N ASP A 66 2.03 -9.76 -5.44
CA ASP A 66 2.72 -11.02 -5.74
C ASP A 66 3.93 -10.77 -6.64
N GLY A 67 5.06 -11.34 -6.26
CA GLY A 67 6.28 -11.17 -7.04
C GLY A 67 7.21 -10.14 -6.44
N LEU A 68 7.83 -10.47 -5.32
CA LEU A 68 8.75 -9.56 -4.65
C LEU A 68 10.04 -10.28 -4.27
N GLU A 69 10.94 -9.55 -3.61
CA GLU A 69 12.22 -10.13 -3.19
C GLU A 69 12.33 -10.13 -1.67
N PRO A 70 12.96 -11.18 -1.13
CA PRO A 70 13.15 -11.33 0.32
C PRO A 70 14.15 -10.32 0.88
N GLY A 71 13.92 -9.89 2.11
CA GLY A 71 14.80 -8.92 2.74
C GLY A 71 14.81 -7.58 2.03
N ARG A 72 13.61 -7.08 1.72
CA ARG A 72 13.47 -5.80 1.03
C ARG A 72 12.34 -4.98 1.63
N ASP A 73 12.53 -3.67 1.70
CA ASP A 73 11.53 -2.77 2.25
C ASP A 73 10.78 -2.05 1.15
N TYR A 74 9.46 -1.93 1.31
CA TYR A 74 8.62 -1.26 0.32
C TYR A 74 7.65 -0.28 0.98
N GLU A 75 7.51 0.89 0.38
CA GLU A 75 6.62 1.92 0.91
C GLU A 75 5.28 1.90 0.18
N VAL A 76 4.44 0.92 0.51
CA VAL A 76 3.13 0.81 -0.10
C VAL A 76 2.18 1.89 0.39
N SER A 77 1.93 2.89 -0.45
CA SER A 77 1.05 3.99 -0.10
C SER A 77 -0.39 3.68 -0.49
N VAL A 78 -1.34 4.13 0.34
CA VAL A 78 -2.75 3.90 0.09
C VAL A 78 -3.52 5.22 0.00
N GLN A 79 -4.43 5.31 -0.97
CA GLN A 79 -5.22 6.51 -1.14
C GLN A 79 -6.67 6.16 -1.50
N SER A 80 -7.60 6.68 -0.71
CA SER A 80 -9.02 6.41 -0.95
C SER A 80 -9.56 7.28 -2.08
N LEU A 81 -10.10 6.64 -3.11
CA LEU A 81 -10.66 7.35 -4.25
C LEU A 81 -12.18 7.42 -4.17
N ARG A 82 -12.70 8.63 -3.98
CA ARG A 82 -14.14 8.84 -3.89
C ARG A 82 -14.58 9.98 -4.79
N GLY A 83 -14.29 9.86 -6.09
CA GLY A 83 -14.66 10.89 -7.03
C GLY A 83 -13.49 11.42 -7.82
N PRO A 84 -13.58 12.67 -8.28
CA PRO A 84 -12.52 13.32 -9.07
C PRO A 84 -11.29 13.62 -8.22
N GLU A 85 -11.43 13.46 -6.91
CA GLU A 85 -10.32 13.72 -5.99
C GLU A 85 -10.05 12.52 -5.09
N GLY A 86 -8.79 12.29 -4.78
CA GLY A 86 -8.43 11.17 -3.93
C GLY A 86 -7.89 11.61 -2.58
N SER A 87 -7.89 10.70 -1.62
CA SER A 87 -7.40 11.00 -0.28
C SER A 87 -5.89 11.22 -0.29
N GLU A 88 -5.32 11.43 0.90
CA GLU A 88 -3.89 11.65 1.03
C GLU A 88 -3.11 10.35 0.85
N ALA A 89 -1.80 10.47 0.67
CA ALA A 89 -0.94 9.30 0.50
C ALA A 89 -0.45 8.78 1.83
N ARG A 90 -0.94 7.61 2.23
CA ARG A 90 -0.54 7.00 3.50
C ARG A 90 -0.02 5.58 3.28
N GLY A 91 1.29 5.41 3.43
CA GLY A 91 1.89 4.10 3.24
C GLY A 91 2.57 3.60 4.49
N ILE A 92 2.86 2.30 4.52
CA ILE A 92 3.53 1.69 5.68
C ILE A 92 4.83 1.03 5.27
N ARG A 93 5.82 1.08 6.16
CA ARG A 93 7.12 0.48 5.90
C ARG A 93 7.01 -1.04 5.80
N ALA A 94 6.88 -1.53 4.57
CA ALA A 94 6.76 -2.97 4.34
C ALA A 94 8.11 -3.66 4.53
N ARG A 95 8.06 -4.90 4.99
CA ARG A 95 9.28 -5.68 5.21
C ARG A 95 9.03 -7.17 4.97
N THR A 96 10.09 -7.89 4.63
CA THR A 96 9.98 -9.31 4.36
C THR A 96 11.25 -10.05 4.79
N PRO A 97 11.09 -11.25 5.35
CA PRO A 97 12.21 -12.08 5.80
C PRO A 97 13.04 -12.63 4.64
N THR A 98 13.87 -13.62 4.93
CA THR A 98 14.72 -14.23 3.92
C THR A 98 14.67 -15.74 4.00
N SER A 99 14.23 -16.37 2.92
CA SER A 99 14.14 -17.83 2.86
C SER A 99 15.50 -18.46 2.61
N GLY A 100 16.20 -17.94 1.60
CA GLY A 100 17.51 -18.46 1.27
C GLY A 100 18.31 -18.86 2.50
N PRO A 101 19.01 -17.87 3.09
CA PRO A 101 19.82 -18.10 4.29
C PRO A 101 18.98 -18.38 5.53
N SER A 102 19.36 -19.42 6.27
CA SER A 102 18.63 -19.80 7.47
C SER A 102 19.14 -19.03 8.68
N SER A 103 18.27 -18.82 9.66
CA SER A 103 18.64 -18.09 10.88
C SER A 103 17.80 -18.56 12.06
N GLY A 104 18.22 -18.18 13.27
CA GLY A 104 17.50 -18.56 14.46
C GLY A 104 17.79 -17.65 15.63
N GLY A 1 4.16 23.38 -4.28
CA GLY A 1 2.73 23.60 -4.45
C GLY A 1 1.97 23.45 -3.15
N SER A 2 1.16 24.45 -2.82
CA SER A 2 0.38 24.45 -1.60
C SER A 2 -1.08 24.79 -1.88
N SER A 3 -1.96 23.81 -1.72
CA SER A 3 -3.38 24.01 -1.96
C SER A 3 -4.20 22.83 -1.41
N GLY A 4 -5.20 23.15 -0.60
CA GLY A 4 -6.03 22.11 -0.02
C GLY A 4 -7.08 21.61 -0.99
N SER A 5 -6.65 20.85 -1.98
CA SER A 5 -7.55 20.30 -2.99
C SER A 5 -8.42 19.20 -2.39
N SER A 6 -7.77 18.19 -1.82
CA SER A 6 -8.48 17.06 -1.22
C SER A 6 -9.67 17.54 -0.41
N GLY A 7 -10.74 16.76 -0.42
CA GLY A 7 -11.94 17.12 0.33
C GLY A 7 -12.17 16.21 1.52
N PRO A 8 -13.43 16.15 1.98
CA PRO A 8 -13.81 15.32 3.13
C PRO A 8 -13.74 13.84 2.82
N LEU A 9 -12.64 13.21 3.21
CA LEU A 9 -12.45 11.78 2.97
C LEU A 9 -11.42 11.21 3.94
N PRO A 10 -11.91 10.46 4.94
CA PRO A 10 -11.05 9.84 5.95
C PRO A 10 -10.21 8.69 5.38
N PRO A 11 -8.89 8.92 5.28
CA PRO A 11 -7.95 7.92 4.76
C PRO A 11 -7.79 6.73 5.70
N PRO A 12 -7.18 5.64 5.18
CA PRO A 12 -6.95 4.43 5.96
C PRO A 12 -5.89 4.63 7.04
N ARG A 13 -6.28 4.41 8.29
CA ARG A 13 -5.37 4.57 9.41
C ARG A 13 -5.06 3.23 10.05
N ALA A 14 -6.02 2.31 9.99
CA ALA A 14 -5.84 0.97 10.56
C ALA A 14 -4.96 0.11 9.67
N LEU A 15 -3.77 0.59 9.37
CA LEU A 15 -2.84 -0.15 8.52
C LEU A 15 -2.01 -1.13 9.34
N THR A 16 -2.15 -2.42 9.04
CA THR A 16 -1.43 -3.46 9.74
C THR A 16 -1.04 -4.60 8.80
N LEU A 17 0.17 -5.11 8.98
CA LEU A 17 0.66 -6.20 8.14
C LEU A 17 -0.21 -7.45 8.30
N ALA A 18 -0.97 -7.77 7.26
CA ALA A 18 -1.84 -8.93 7.29
C ALA A 18 -1.03 -10.23 7.28
N ALA A 19 0.01 -10.26 6.46
CA ALA A 19 0.86 -11.44 6.37
C ALA A 19 2.20 -11.10 5.70
N VAL A 20 3.29 -11.39 6.39
CA VAL A 20 4.62 -11.12 5.88
C VAL A 20 5.21 -12.34 5.19
N THR A 21 5.30 -12.29 3.86
CA THR A 21 5.84 -13.39 3.09
C THR A 21 7.04 -12.95 2.25
N PRO A 22 8.10 -13.78 2.25
CA PRO A 22 9.32 -13.49 1.49
C PRO A 22 9.11 -13.58 -0.01
N ARG A 23 7.88 -13.88 -0.42
CA ARG A 23 7.55 -13.99 -1.83
C ARG A 23 6.43 -13.02 -2.21
N THR A 24 5.63 -12.63 -1.22
CA THR A 24 4.53 -11.71 -1.46
C THR A 24 4.25 -10.87 -0.22
N VAL A 25 3.54 -9.76 -0.41
CA VAL A 25 3.20 -8.87 0.70
C VAL A 25 1.69 -8.62 0.76
N HIS A 26 1.11 -8.93 1.92
CA HIS A 26 -0.33 -8.75 2.11
C HIS A 26 -0.60 -7.65 3.13
N LEU A 27 -1.34 -6.63 2.71
CA LEU A 27 -1.66 -5.51 3.59
C LEU A 27 -3.17 -5.35 3.73
N THR A 28 -3.62 -4.92 4.89
CA THR A 28 -5.04 -4.72 5.16
C THR A 28 -5.28 -3.47 6.00
N TRP A 29 -6.18 -2.61 5.53
CA TRP A 29 -6.50 -1.38 6.23
C TRP A 29 -8.01 -1.24 6.43
N GLN A 30 -8.42 -0.19 7.14
CA GLN A 30 -9.83 0.06 7.39
C GLN A 30 -10.48 0.80 6.23
N PRO A 31 -11.68 0.37 5.84
CA PRO A 31 -12.43 0.99 4.75
C PRO A 31 -12.93 2.38 5.09
N SER A 32 -13.14 3.20 4.08
CA SER A 32 -13.62 4.56 4.27
C SER A 32 -15.14 4.60 4.33
N ALA A 33 -15.69 5.81 4.42
CA ALA A 33 -17.15 5.98 4.48
C ALA A 33 -17.65 6.78 3.28
N GLY A 34 -17.37 6.27 2.09
CA GLY A 34 -17.81 6.94 0.87
C GLY A 34 -17.00 6.51 -0.34
N ALA A 35 -15.69 6.40 -0.18
CA ALA A 35 -14.82 6.00 -1.28
C ALA A 35 -15.28 4.68 -1.89
N THR A 36 -15.26 4.62 -3.22
CA THR A 36 -15.68 3.42 -3.93
C THR A 36 -14.49 2.54 -4.27
N HIS A 37 -13.29 3.12 -4.25
CA HIS A 37 -12.08 2.38 -4.54
C HIS A 37 -10.87 3.04 -3.88
N TYR A 38 -9.76 2.30 -3.80
CA TYR A 38 -8.55 2.81 -3.19
C TYR A 38 -7.36 2.64 -4.12
N LEU A 39 -6.47 3.63 -4.12
CA LEU A 39 -5.28 3.59 -4.97
C LEU A 39 -4.08 3.03 -4.22
N VAL A 40 -3.47 2.00 -4.78
CA VAL A 40 -2.31 1.36 -4.16
C VAL A 40 -1.05 1.59 -4.99
N ARG A 41 -0.21 2.51 -4.54
CA ARG A 41 1.02 2.83 -5.23
C ARG A 41 2.20 2.05 -4.65
N CYS A 42 2.70 1.10 -5.42
CA CYS A 42 3.82 0.27 -4.97
C CYS A 42 5.15 0.88 -5.41
N SER A 43 6.08 1.02 -4.47
CA SER A 43 7.39 1.60 -4.76
C SER A 43 8.44 1.05 -3.79
N PRO A 44 9.65 0.82 -4.31
CA PRO A 44 10.78 0.30 -3.52
C PRO A 44 11.29 1.32 -2.51
N ALA A 45 11.70 0.84 -1.35
CA ALA A 45 12.23 1.70 -0.30
C ALA A 45 13.60 2.26 -0.68
N SER A 46 14.35 1.49 -1.45
CA SER A 46 15.68 1.90 -1.89
C SER A 46 15.79 1.88 -3.41
N PRO A 47 16.41 2.92 -3.97
CA PRO A 47 16.60 3.04 -5.42
C PRO A 47 17.59 2.02 -5.97
N LYS A 48 18.19 1.25 -5.07
CA LYS A 48 19.16 0.23 -5.46
C LYS A 48 18.49 -0.90 -6.22
N GLY A 49 19.08 -1.27 -7.36
CA GLY A 49 18.52 -2.35 -8.16
C GLY A 49 17.53 -1.84 -9.20
N GLU A 50 16.56 -2.67 -9.54
CA GLU A 50 15.55 -2.31 -10.53
C GLU A 50 14.32 -1.70 -9.85
N GLU A 51 14.41 -0.41 -9.51
CA GLU A 51 13.30 0.28 -8.86
C GLU A 51 12.33 0.82 -9.89
N GLU A 52 11.05 0.86 -9.52
CA GLU A 52 10.01 1.35 -10.41
C GLU A 52 8.74 1.69 -9.62
N GLU A 53 8.17 2.86 -9.91
CA GLU A 53 6.95 3.30 -9.24
C GLU A 53 5.71 2.70 -9.89
N ARG A 54 5.12 1.73 -9.22
CA ARG A 54 3.92 1.07 -9.74
C ARG A 54 2.68 1.51 -8.99
N GLU A 55 1.54 1.49 -9.66
CA GLU A 55 0.28 1.90 -9.05
C GLU A 55 -0.89 1.08 -9.61
N VAL A 56 -1.76 0.64 -8.71
CA VAL A 56 -2.92 -0.16 -9.11
C VAL A 56 -4.15 0.21 -8.30
N GLN A 57 -5.32 -0.18 -8.79
CA GLN A 57 -6.57 0.12 -8.11
C GLN A 57 -7.25 -1.16 -7.62
N VAL A 58 -7.56 -1.21 -6.33
CA VAL A 58 -8.21 -2.36 -5.74
C VAL A 58 -9.57 -2.00 -5.15
N GLY A 59 -10.54 -2.88 -5.31
CA GLY A 59 -11.87 -2.64 -4.78
C GLY A 59 -11.96 -2.90 -3.29
N ARG A 60 -11.01 -3.68 -2.77
CA ARG A 60 -10.99 -4.01 -1.34
C ARG A 60 -9.85 -3.29 -0.64
N PRO A 61 -10.01 -3.06 0.67
CA PRO A 61 -9.00 -2.37 1.48
C PRO A 61 -7.75 -3.24 1.70
N GLU A 62 -7.74 -4.41 1.07
CA GLU A 62 -6.60 -5.32 1.20
C GLU A 62 -5.86 -5.45 -0.13
N VAL A 63 -4.53 -5.49 -0.06
CA VAL A 63 -3.70 -5.61 -1.25
C VAL A 63 -2.63 -6.67 -1.07
N LEU A 64 -2.45 -7.48 -2.10
CA LEU A 64 -1.45 -8.56 -2.06
C LEU A 64 -0.49 -8.45 -3.24
N LEU A 65 0.77 -8.20 -2.94
CA LEU A 65 1.80 -8.08 -3.98
C LEU A 65 2.54 -9.40 -4.17
N ASP A 66 2.23 -10.09 -5.26
CA ASP A 66 2.87 -11.37 -5.55
C ASP A 66 4.17 -11.15 -6.32
N GLY A 67 5.16 -12.00 -6.05
CA GLY A 67 6.44 -11.90 -6.73
C GLY A 67 7.34 -10.87 -6.07
N LEU A 68 7.93 -11.24 -4.94
CA LEU A 68 8.83 -10.36 -4.21
C LEU A 68 10.07 -11.10 -3.73
N GLU A 69 11.06 -10.35 -3.27
CA GLU A 69 12.30 -10.95 -2.78
C GLU A 69 12.41 -10.84 -1.26
N PRO A 70 12.96 -11.87 -0.63
CA PRO A 70 13.13 -11.91 0.83
C PRO A 70 14.17 -10.91 1.32
N GLY A 71 13.97 -10.40 2.53
CA GLY A 71 14.91 -9.44 3.10
C GLY A 71 14.97 -8.16 2.30
N ARG A 72 13.81 -7.63 1.92
CA ARG A 72 13.74 -6.41 1.14
C ARG A 72 12.63 -5.50 1.66
N ASP A 73 12.89 -4.19 1.66
CA ASP A 73 11.91 -3.22 2.14
C ASP A 73 11.12 -2.64 0.97
N TYR A 74 9.83 -2.42 1.19
CA TYR A 74 8.97 -1.87 0.15
C TYR A 74 8.16 -0.70 0.69
N GLU A 75 7.59 0.08 -0.22
CA GLU A 75 6.78 1.24 0.16
C GLU A 75 5.45 1.25 -0.58
N VAL A 76 4.35 1.09 0.16
CA VAL A 76 3.03 1.08 -0.45
C VAL A 76 2.15 2.16 0.17
N SER A 77 1.69 3.09 -0.65
CA SER A 77 0.85 4.18 -0.20
C SER A 77 -0.60 3.98 -0.65
N VAL A 78 -1.52 4.00 0.30
CA VAL A 78 -2.93 3.82 0.00
C VAL A 78 -3.69 5.14 0.09
N GLN A 79 -4.43 5.46 -0.96
CA GLN A 79 -5.21 6.70 -1.00
C GLN A 79 -6.65 6.43 -1.39
N SER A 80 -7.58 6.68 -0.47
CA SER A 80 -9.00 6.46 -0.73
C SER A 80 -9.49 7.36 -1.86
N LEU A 81 -10.01 6.75 -2.91
CA LEU A 81 -10.53 7.49 -4.05
C LEU A 81 -12.05 7.42 -4.11
N ARG A 82 -12.70 8.58 -3.99
CA ARG A 82 -14.16 8.65 -4.04
C ARG A 82 -14.64 9.04 -5.44
N GLY A 83 -13.85 9.84 -6.13
CA GLY A 83 -14.21 10.28 -7.46
C GLY A 83 -13.20 11.24 -8.06
N PRO A 84 -13.49 12.55 -7.95
CA PRO A 84 -12.61 13.59 -8.47
C PRO A 84 -11.32 13.71 -7.69
N GLU A 85 -11.43 13.68 -6.36
CA GLU A 85 -10.26 13.79 -5.49
C GLU A 85 -10.23 12.65 -4.48
N GLY A 86 -9.02 12.27 -4.06
CA GLY A 86 -8.87 11.19 -3.11
C GLY A 86 -8.44 11.68 -1.74
N SER A 87 -8.16 10.75 -0.85
CA SER A 87 -7.74 11.10 0.51
C SER A 87 -6.22 11.28 0.58
N GLU A 88 -5.74 11.73 1.73
CA GLU A 88 -4.32 11.95 1.93
C GLU A 88 -3.53 10.67 1.70
N ALA A 89 -2.21 10.79 1.57
CA ALA A 89 -1.35 9.65 1.35
C ALA A 89 -0.99 8.96 2.66
N ARG A 90 -1.37 7.70 2.80
CA ARG A 90 -1.10 6.94 4.00
C ARG A 90 -0.49 5.59 3.67
N GLY A 91 0.84 5.51 3.75
CA GLY A 91 1.53 4.26 3.45
C GLY A 91 2.13 3.63 4.68
N ILE A 92 2.43 2.33 4.59
CA ILE A 92 3.02 1.60 5.71
C ILE A 92 4.40 1.06 5.35
N ARG A 93 5.27 0.96 6.34
CA ARG A 93 6.62 0.46 6.13
C ARG A 93 6.62 -1.06 5.98
N ALA A 94 6.70 -1.52 4.73
CA ALA A 94 6.71 -2.95 4.45
C ALA A 94 8.03 -3.58 4.87
N ARG A 95 8.04 -4.91 4.95
CA ARG A 95 9.24 -5.64 5.35
C ARG A 95 9.02 -7.14 5.24
N THR A 96 10.08 -7.85 4.82
CA THR A 96 10.00 -9.31 4.67
C THR A 96 11.26 -9.98 5.21
N PRO A 97 11.08 -11.14 5.85
CA PRO A 97 12.19 -11.91 6.43
C PRO A 97 13.07 -12.53 5.35
N THR A 98 14.01 -13.37 5.77
CA THR A 98 14.92 -14.03 4.85
C THR A 98 14.92 -15.54 5.06
N SER A 99 14.38 -16.27 4.09
CA SER A 99 14.32 -17.73 4.18
C SER A 99 15.23 -18.37 3.13
N GLY A 100 16.30 -19.00 3.60
CA GLY A 100 17.24 -19.66 2.70
C GLY A 100 18.58 -19.94 3.36
N PRO A 101 19.52 -20.50 2.58
CA PRO A 101 20.85 -20.84 3.07
C PRO A 101 21.69 -19.60 3.36
N SER A 102 21.74 -19.20 4.63
CA SER A 102 22.50 -18.04 5.04
C SER A 102 23.97 -18.16 4.60
N SER A 103 24.41 -17.23 3.78
CA SER A 103 25.80 -17.23 3.30
C SER A 103 26.45 -15.88 3.51
N GLY A 104 27.58 -15.86 4.20
CA GLY A 104 28.29 -14.63 4.45
C GLY A 104 29.80 -14.80 4.38
N GLY A 1 -18.62 17.30 15.29
CA GLY A 1 -17.47 16.54 15.71
C GLY A 1 -17.83 15.36 16.58
N SER A 2 -18.01 14.20 15.96
CA SER A 2 -18.38 12.99 16.70
C SER A 2 -18.41 11.79 15.76
N SER A 3 -18.36 10.59 16.35
CA SER A 3 -18.37 9.36 15.58
C SER A 3 -19.27 9.50 14.34
N GLY A 4 -18.64 9.83 13.22
CA GLY A 4 -19.39 9.99 11.98
C GLY A 4 -18.51 10.39 10.81
N SER A 5 -18.80 9.84 9.64
CA SER A 5 -18.03 10.15 8.44
C SER A 5 -18.82 11.05 7.49
N SER A 6 -18.40 12.31 7.41
CA SER A 6 -19.07 13.27 6.55
C SER A 6 -18.17 14.48 6.27
N GLY A 7 -18.05 14.84 5.00
CA GLY A 7 -17.22 15.96 4.62
C GLY A 7 -15.93 15.53 3.95
N PRO A 8 -14.82 15.58 4.70
CA PRO A 8 -13.49 15.20 4.19
C PRO A 8 -13.38 13.70 3.95
N LEU A 9 -12.26 13.29 3.35
CA LEU A 9 -12.03 11.88 3.07
C LEU A 9 -11.00 11.29 4.02
N PRO A 10 -11.48 10.59 5.06
CA PRO A 10 -10.61 9.96 6.05
C PRO A 10 -9.85 8.77 5.49
N PRO A 11 -8.52 8.94 5.35
CA PRO A 11 -7.64 7.89 4.82
C PRO A 11 -7.50 6.71 5.79
N PRO A 12 -6.88 5.63 5.31
CA PRO A 12 -6.66 4.41 6.11
C PRO A 12 -5.63 4.63 7.21
N ARG A 13 -6.01 4.32 8.44
CA ARG A 13 -5.12 4.48 9.58
C ARG A 13 -4.76 3.12 10.19
N ALA A 14 -5.76 2.25 10.30
CA ALA A 14 -5.55 0.93 10.87
C ALA A 14 -4.83 0.01 9.87
N LEU A 15 -3.66 0.44 9.44
CA LEU A 15 -2.87 -0.33 8.48
C LEU A 15 -2.08 -1.43 9.19
N THR A 16 -2.46 -2.68 8.96
CA THR A 16 -1.79 -3.82 9.57
C THR A 16 -1.43 -4.87 8.53
N LEU A 17 -0.25 -5.44 8.66
CA LEU A 17 0.22 -6.47 7.73
C LEU A 17 -0.37 -7.83 8.09
N ALA A 18 -1.37 -8.27 7.33
CA ALA A 18 -2.01 -9.55 7.56
C ALA A 18 -0.98 -10.67 7.61
N ALA A 19 -0.03 -10.64 6.68
CA ALA A 19 1.01 -11.66 6.62
C ALA A 19 2.28 -11.11 5.98
N VAL A 20 3.42 -11.73 6.30
CA VAL A 20 4.71 -11.29 5.77
C VAL A 20 5.39 -12.42 5.00
N THR A 21 5.38 -12.31 3.67
CA THR A 21 6.00 -13.32 2.82
C THR A 21 7.10 -12.71 1.96
N PRO A 22 8.24 -13.42 1.85
CA PRO A 22 9.38 -12.97 1.06
C PRO A 22 9.10 -13.02 -0.44
N ARG A 23 7.88 -13.40 -0.79
CA ARG A 23 7.49 -13.49 -2.19
C ARG A 23 6.27 -12.61 -2.48
N THR A 24 5.44 -12.41 -1.45
CA THR A 24 4.24 -11.59 -1.59
C THR A 24 3.97 -10.82 -0.31
N VAL A 25 3.39 -9.63 -0.46
CA VAL A 25 3.06 -8.78 0.69
C VAL A 25 1.56 -8.55 0.79
N HIS A 26 0.99 -8.90 1.95
CA HIS A 26 -0.45 -8.72 2.17
C HIS A 26 -0.70 -7.65 3.23
N LEU A 27 -1.40 -6.60 2.84
CA LEU A 27 -1.71 -5.50 3.75
C LEU A 27 -3.21 -5.30 3.86
N THR A 28 -3.66 -4.83 5.03
CA THR A 28 -5.08 -4.59 5.26
C THR A 28 -5.29 -3.33 6.10
N TRP A 29 -6.27 -2.53 5.72
CA TRP A 29 -6.59 -1.30 6.43
C TRP A 29 -8.09 -1.14 6.61
N GLN A 30 -8.49 -0.06 7.28
CA GLN A 30 -9.90 0.21 7.52
C GLN A 30 -10.55 0.85 6.30
N PRO A 31 -11.79 0.44 6.01
CA PRO A 31 -12.56 0.95 4.87
C PRO A 31 -12.97 2.41 5.05
N SER A 32 -13.07 3.13 3.95
CA SER A 32 -13.46 4.55 3.99
C SER A 32 -14.97 4.69 3.95
N ALA A 33 -15.44 5.94 3.91
CA ALA A 33 -16.87 6.22 3.87
C ALA A 33 -17.22 7.07 2.65
N GLY A 34 -17.57 6.40 1.56
CA GLY A 34 -17.92 7.11 0.34
C GLY A 34 -17.05 6.74 -0.83
N ALA A 35 -15.82 6.30 -0.53
CA ALA A 35 -14.87 5.91 -1.58
C ALA A 35 -15.36 4.66 -2.32
N THR A 36 -15.04 4.59 -3.60
CA THR A 36 -15.44 3.45 -4.42
C THR A 36 -14.26 2.52 -4.70
N HIS A 37 -13.05 3.01 -4.40
CA HIS A 37 -11.84 2.22 -4.62
C HIS A 37 -10.64 2.90 -3.99
N TYR A 38 -9.58 2.13 -3.78
CA TYR A 38 -8.36 2.66 -3.18
C TYR A 38 -7.15 2.41 -4.09
N LEU A 39 -6.30 3.43 -4.22
CA LEU A 39 -5.12 3.33 -5.06
C LEU A 39 -3.91 2.86 -4.25
N VAL A 40 -3.21 1.86 -4.76
CA VAL A 40 -2.03 1.33 -4.09
C VAL A 40 -0.77 1.54 -4.92
N ARG A 41 0.03 2.52 -4.53
CA ARG A 41 1.28 2.82 -5.24
C ARG A 41 2.45 2.06 -4.62
N CYS A 42 2.98 1.11 -5.37
CA CYS A 42 4.11 0.31 -4.90
C CYS A 42 5.43 0.89 -5.41
N SER A 43 6.26 1.36 -4.49
CA SER A 43 7.55 1.95 -4.85
C SER A 43 8.66 1.41 -3.94
N PRO A 44 9.82 1.12 -4.53
CA PRO A 44 10.98 0.60 -3.80
C PRO A 44 11.59 1.65 -2.89
N ALA A 45 12.05 1.22 -1.71
CA ALA A 45 12.67 2.11 -0.75
C ALA A 45 14.12 2.41 -1.13
N SER A 46 14.58 1.79 -2.21
CA SER A 46 15.95 1.99 -2.67
C SER A 46 16.07 3.27 -3.49
N PRO A 47 17.20 3.96 -3.34
CA PRO A 47 17.47 5.21 -4.05
C PRO A 47 17.70 4.99 -5.54
N LYS A 48 17.67 3.73 -5.96
CA LYS A 48 17.87 3.38 -7.36
C LYS A 48 17.00 4.23 -8.26
N GLY A 49 15.70 4.02 -8.20
CA GLY A 49 14.77 4.78 -9.02
C GLY A 49 13.93 5.75 -8.21
N GLU A 50 13.30 6.70 -8.88
CA GLU A 50 12.47 7.69 -8.23
C GLU A 50 11.05 7.69 -8.79
N GLU A 51 10.93 8.01 -10.07
CA GLU A 51 9.62 8.04 -10.72
C GLU A 51 9.32 6.70 -11.37
N GLU A 52 9.62 5.61 -10.66
CA GLU A 52 9.38 4.27 -11.17
C GLU A 52 8.61 3.43 -10.14
N GLU A 53 7.33 3.73 -9.98
CA GLU A 53 6.49 3.01 -9.03
C GLU A 53 5.27 2.41 -9.73
N ARG A 54 4.75 1.32 -9.17
CA ARG A 54 3.59 0.65 -9.73
C ARG A 54 2.30 1.22 -9.16
N GLU A 55 1.26 1.29 -9.98
CA GLU A 55 -0.02 1.81 -9.56
C GLU A 55 -1.14 0.82 -9.85
N VAL A 56 -1.86 0.42 -8.81
CA VAL A 56 -2.95 -0.54 -8.94
C VAL A 56 -4.18 -0.07 -8.17
N GLN A 57 -5.35 -0.59 -8.56
CA GLN A 57 -6.60 -0.22 -7.91
C GLN A 57 -7.29 -1.45 -7.33
N VAL A 58 -7.54 -1.44 -6.03
CA VAL A 58 -8.20 -2.56 -5.36
C VAL A 58 -9.54 -2.14 -4.78
N GLY A 59 -10.60 -2.78 -5.24
CA GLY A 59 -11.93 -2.45 -4.75
C GLY A 59 -12.08 -2.70 -3.27
N ARG A 60 -11.10 -3.37 -2.67
CA ARG A 60 -11.12 -3.68 -1.25
C ARG A 60 -9.95 -3.04 -0.53
N PRO A 61 -10.12 -2.77 0.78
CA PRO A 61 -9.08 -2.16 1.60
C PRO A 61 -7.90 -3.09 1.84
N GLU A 62 -7.95 -4.27 1.24
CA GLU A 62 -6.88 -5.26 1.39
C GLU A 62 -6.15 -5.48 0.07
N VAL A 63 -4.86 -5.15 0.07
CA VAL A 63 -4.04 -5.30 -1.12
C VAL A 63 -2.98 -6.38 -0.93
N LEU A 64 -2.71 -7.14 -1.99
CA LEU A 64 -1.73 -8.21 -1.93
C LEU A 64 -0.80 -8.16 -3.15
N LEU A 65 0.46 -7.83 -2.92
CA LEU A 65 1.44 -7.75 -4.00
C LEU A 65 2.18 -9.07 -4.15
N ASP A 66 2.57 -9.39 -5.39
CA ASP A 66 3.28 -10.62 -5.67
C ASP A 66 4.60 -10.33 -6.38
N GLY A 67 5.58 -11.21 -6.18
CA GLY A 67 6.88 -11.03 -6.81
C GLY A 67 7.83 -10.22 -5.96
N LEU A 68 7.51 -10.10 -4.67
CA LEU A 68 8.34 -9.34 -3.75
C LEU A 68 9.68 -10.04 -3.52
N GLU A 69 10.63 -9.32 -2.93
CA GLU A 69 11.95 -9.87 -2.66
C GLU A 69 12.19 -10.02 -1.16
N PRO A 70 12.87 -11.10 -0.77
CA PRO A 70 13.18 -11.39 0.63
C PRO A 70 14.19 -10.41 1.21
N GLY A 71 13.81 -9.74 2.30
CA GLY A 71 14.69 -8.78 2.94
C GLY A 71 14.70 -7.44 2.23
N ARG A 72 13.58 -7.10 1.62
CA ARG A 72 13.46 -5.82 0.91
C ARG A 72 12.30 -5.00 1.46
N ASP A 73 12.55 -3.71 1.67
CA ASP A 73 11.54 -2.81 2.21
C ASP A 73 10.78 -2.12 1.07
N TYR A 74 9.46 -2.21 1.10
CA TYR A 74 8.63 -1.60 0.07
C TYR A 74 7.77 -0.47 0.66
N GLU A 75 7.66 0.62 -0.07
CA GLU A 75 6.88 1.77 0.37
C GLU A 75 5.50 1.77 -0.29
N VAL A 76 4.52 1.21 0.40
CA VAL A 76 3.16 1.15 -0.12
C VAL A 76 2.30 2.28 0.43
N SER A 77 1.84 3.15 -0.46
CA SER A 77 1.01 4.28 -0.06
C SER A 77 -0.44 4.09 -0.52
N VAL A 78 -1.36 4.07 0.43
CA VAL A 78 -2.78 3.91 0.13
C VAL A 78 -3.50 5.25 0.09
N GLN A 79 -4.39 5.40 -0.88
CA GLN A 79 -5.14 6.65 -1.02
C GLN A 79 -6.59 6.36 -1.43
N SER A 80 -7.52 6.72 -0.56
CA SER A 80 -8.94 6.49 -0.81
C SER A 80 -9.40 7.28 -2.03
N LEU A 81 -9.69 6.57 -3.12
CA LEU A 81 -10.14 7.19 -4.35
C LEU A 81 -11.66 7.12 -4.48
N ARG A 82 -12.29 8.28 -4.53
CA ARG A 82 -13.75 8.35 -4.65
C ARG A 82 -14.16 8.62 -6.09
N GLY A 83 -13.36 9.43 -6.78
CA GLY A 83 -13.67 9.75 -8.17
C GLY A 83 -12.87 10.95 -8.67
N PRO A 84 -13.37 12.16 -8.41
CA PRO A 84 -12.72 13.40 -8.83
C PRO A 84 -11.42 13.65 -8.06
N GLU A 85 -11.50 13.57 -6.74
CA GLU A 85 -10.34 13.80 -5.89
C GLU A 85 -10.13 12.64 -4.92
N GLY A 86 -8.88 12.39 -4.56
CA GLY A 86 -8.58 11.30 -3.64
C GLY A 86 -8.21 11.81 -2.26
N SER A 87 -8.19 10.89 -1.30
CA SER A 87 -7.86 11.24 0.08
C SER A 87 -6.36 11.39 0.26
N GLU A 88 -5.94 11.74 1.48
CA GLU A 88 -4.53 11.91 1.79
C GLU A 88 -3.76 10.63 1.50
N ALA A 89 -2.43 10.76 1.42
CA ALA A 89 -1.57 9.61 1.15
C ALA A 89 -1.02 9.03 2.44
N ARG A 90 -1.34 7.76 2.71
CA ARG A 90 -0.88 7.08 3.91
C ARG A 90 -0.35 5.69 3.59
N GLY A 91 0.95 5.49 3.80
CA GLY A 91 1.55 4.21 3.53
C GLY A 91 2.23 3.61 4.74
N ILE A 92 2.53 2.32 4.68
CA ILE A 92 3.18 1.63 5.78
C ILE A 92 4.49 0.98 5.34
N ARG A 93 5.48 0.99 6.23
CA ARG A 93 6.78 0.40 5.93
C ARG A 93 6.68 -1.12 5.80
N ALA A 94 6.57 -1.59 4.56
CA ALA A 94 6.46 -3.02 4.29
C ALA A 94 7.84 -3.69 4.36
N ARG A 95 7.95 -4.71 5.20
CA ARG A 95 9.21 -5.44 5.36
C ARG A 95 8.99 -6.94 5.17
N THR A 96 10.07 -7.64 4.84
CA THR A 96 10.00 -9.08 4.63
C THR A 96 11.30 -9.77 5.05
N PRO A 97 11.18 -10.97 5.63
CA PRO A 97 12.33 -11.74 6.09
C PRO A 97 13.17 -12.28 4.93
N THR A 98 14.14 -13.13 5.25
CA THR A 98 15.00 -13.72 4.23
C THR A 98 14.75 -15.22 4.10
N SER A 99 14.04 -15.60 3.05
CA SER A 99 13.73 -17.01 2.81
C SER A 99 14.94 -17.89 3.13
N GLY A 100 14.83 -18.64 4.21
CA GLY A 100 15.92 -19.52 4.61
C GLY A 100 15.46 -20.65 5.50
N PRO A 101 15.81 -20.57 6.80
CA PRO A 101 15.44 -21.59 7.78
C PRO A 101 13.94 -21.59 8.09
N SER A 102 13.25 -20.55 7.62
CA SER A 102 11.82 -20.42 7.84
C SER A 102 11.14 -21.79 7.82
N SER A 103 10.38 -22.09 8.87
CA SER A 103 9.67 -23.36 8.96
C SER A 103 8.30 -23.28 8.32
N GLY A 104 8.23 -23.60 7.03
CA GLY A 104 6.97 -23.56 6.31
C GLY A 104 7.12 -23.86 4.84
N GLY A 1 -14.58 24.70 -8.54
CA GLY A 1 -15.04 23.49 -9.19
C GLY A 1 -15.69 22.52 -8.25
N SER A 2 -14.99 21.42 -7.95
CA SER A 2 -15.51 20.40 -7.05
C SER A 2 -16.09 21.03 -5.79
N SER A 3 -17.42 21.07 -5.71
CA SER A 3 -18.10 21.67 -4.56
C SER A 3 -18.29 20.63 -3.46
N GLY A 4 -18.65 21.10 -2.27
CA GLY A 4 -18.86 20.21 -1.14
C GLY A 4 -17.85 20.42 -0.04
N SER A 5 -18.20 21.27 0.92
CA SER A 5 -17.32 21.57 2.04
C SER A 5 -17.36 20.46 3.09
N SER A 6 -18.55 19.91 3.30
CA SER A 6 -18.73 18.84 4.27
C SER A 6 -18.54 17.47 3.62
N GLY A 7 -18.16 16.48 4.43
CA GLY A 7 -17.94 15.14 3.91
C GLY A 7 -16.49 14.88 3.59
N PRO A 8 -15.64 14.83 4.64
CA PRO A 8 -14.21 14.58 4.48
C PRO A 8 -13.91 13.15 4.06
N LEU A 9 -12.67 12.90 3.66
CA LEU A 9 -12.25 11.57 3.23
C LEU A 9 -11.17 11.01 4.14
N PRO A 10 -11.60 10.25 5.17
CA PRO A 10 -10.68 9.64 6.13
C PRO A 10 -9.85 8.52 5.52
N PRO A 11 -8.53 8.74 5.43
CA PRO A 11 -7.60 7.76 4.86
C PRO A 11 -7.44 6.53 5.76
N PRO A 12 -6.77 5.50 5.22
CA PRO A 12 -6.53 4.25 5.96
C PRO A 12 -5.53 4.43 7.08
N ARG A 13 -6.02 4.33 8.32
CA ARG A 13 -5.16 4.49 9.49
C ARG A 13 -4.75 3.13 10.05
N ALA A 14 -5.67 2.17 9.98
CA ALA A 14 -5.40 0.82 10.48
C ALA A 14 -4.56 0.03 9.48
N LEU A 15 -3.46 0.63 9.05
CA LEU A 15 -2.56 -0.04 8.10
C LEU A 15 -1.68 -1.06 8.80
N THR A 16 -2.15 -2.30 8.84
CA THR A 16 -1.41 -3.38 9.47
C THR A 16 -1.03 -4.46 8.46
N LEU A 17 0.03 -5.21 8.77
CA LEU A 17 0.50 -6.27 7.89
C LEU A 17 -0.20 -7.59 8.21
N ALA A 18 -1.12 -7.99 7.34
CA ALA A 18 -1.86 -9.24 7.54
C ALA A 18 -0.91 -10.43 7.56
N ALA A 19 0.06 -10.44 6.64
CA ALA A 19 1.02 -11.53 6.56
C ALA A 19 2.30 -11.06 5.86
N VAL A 20 3.44 -11.56 6.34
CA VAL A 20 4.73 -11.20 5.76
C VAL A 20 5.36 -12.39 5.03
N THR A 21 5.42 -12.31 3.71
CA THR A 21 5.99 -13.38 2.91
C THR A 21 7.15 -12.86 2.06
N PRO A 22 8.24 -13.65 2.00
CA PRO A 22 9.43 -13.30 1.23
C PRO A 22 9.18 -13.35 -0.28
N ARG A 23 8.00 -13.80 -0.66
CA ARG A 23 7.64 -13.91 -2.07
C ARG A 23 6.39 -13.09 -2.38
N THR A 24 5.69 -12.68 -1.33
CA THR A 24 4.48 -11.88 -1.48
C THR A 24 4.27 -10.95 -0.30
N VAL A 25 3.46 -9.92 -0.49
CA VAL A 25 3.17 -8.96 0.57
C VAL A 25 1.69 -8.65 0.64
N HIS A 26 1.08 -8.92 1.78
CA HIS A 26 -0.34 -8.67 1.98
C HIS A 26 -0.56 -7.56 3.01
N LEU A 27 -1.32 -6.54 2.63
CA LEU A 27 -1.61 -5.42 3.53
C LEU A 27 -3.11 -5.21 3.65
N THR A 28 -3.55 -4.84 4.86
CA THR A 28 -4.96 -4.59 5.12
C THR A 28 -5.16 -3.31 5.92
N TRP A 29 -6.13 -2.51 5.51
CA TRP A 29 -6.42 -1.25 6.20
C TRP A 29 -7.92 -1.05 6.35
N GLN A 30 -8.30 0.01 7.05
CA GLN A 30 -9.71 0.31 7.28
C GLN A 30 -10.30 1.07 6.09
N PRO A 31 -11.56 0.75 5.76
CA PRO A 31 -12.27 1.38 4.65
C PRO A 31 -12.60 2.85 4.93
N SER A 32 -13.07 3.55 3.90
CA SER A 32 -13.41 4.97 4.04
C SER A 32 -14.92 5.17 3.84
N ALA A 33 -15.47 6.13 4.58
CA ALA A 33 -16.90 6.43 4.47
C ALA A 33 -17.19 7.29 3.25
N GLY A 34 -17.35 6.64 2.10
CA GLY A 34 -17.63 7.36 0.87
C GLY A 34 -16.93 6.76 -0.33
N ALA A 35 -15.60 6.79 -0.31
CA ALA A 35 -14.81 6.24 -1.40
C ALA A 35 -15.19 4.79 -1.68
N THR A 36 -15.14 4.41 -2.95
CA THR A 36 -15.48 3.04 -3.35
C THR A 36 -14.24 2.28 -3.80
N HIS A 37 -13.23 3.01 -4.24
CA HIS A 37 -11.99 2.40 -4.69
C HIS A 37 -10.77 3.15 -4.13
N TYR A 38 -9.69 2.41 -3.90
CA TYR A 38 -8.47 3.01 -3.36
C TYR A 38 -7.30 2.83 -4.34
N LEU A 39 -6.28 3.65 -4.17
CA LEU A 39 -5.10 3.58 -5.03
C LEU A 39 -3.93 2.94 -4.30
N VAL A 40 -3.45 1.82 -4.83
CA VAL A 40 -2.33 1.11 -4.23
C VAL A 40 -1.03 1.43 -4.95
N ARG A 41 -0.16 2.18 -4.29
CA ARG A 41 1.12 2.56 -4.86
C ARG A 41 2.25 1.70 -4.30
N CYS A 42 2.83 0.86 -5.14
CA CYS A 42 3.91 -0.02 -4.74
C CYS A 42 5.26 0.52 -5.21
N SER A 43 5.99 1.15 -4.30
CA SER A 43 7.30 1.73 -4.63
C SER A 43 8.33 1.36 -3.56
N PRO A 44 9.52 0.92 -4.01
CA PRO A 44 10.60 0.55 -3.11
C PRO A 44 11.21 1.74 -2.39
N ALA A 45 11.59 1.55 -1.14
CA ALA A 45 12.19 2.61 -0.34
C ALA A 45 13.62 2.90 -0.79
N SER A 46 14.33 1.85 -1.21
CA SER A 46 15.71 1.99 -1.66
C SER A 46 15.76 2.47 -3.11
N PRO A 47 16.52 3.54 -3.35
CA PRO A 47 16.68 4.12 -4.69
C PRO A 47 17.47 3.21 -5.63
N LYS A 48 17.95 2.10 -5.09
CA LYS A 48 18.72 1.14 -5.88
C LYS A 48 17.95 0.69 -7.11
N GLY A 49 18.03 1.48 -8.18
CA GLY A 49 17.32 1.15 -9.40
C GLY A 49 16.66 2.36 -10.04
N GLU A 50 15.42 2.20 -10.49
CA GLU A 50 14.68 3.28 -11.12
C GLU A 50 13.39 3.56 -10.38
N GLU A 51 13.45 3.58 -9.06
CA GLU A 51 12.28 3.84 -8.23
C GLU A 51 11.03 3.22 -8.86
N GLU A 52 11.18 2.01 -9.37
CA GLU A 52 10.06 1.31 -10.01
C GLU A 52 8.81 1.40 -9.14
N GLU A 53 7.83 2.17 -9.62
CA GLU A 53 6.57 2.34 -8.89
C GLU A 53 5.42 1.69 -9.64
N ARG A 54 4.45 1.17 -8.88
CA ARG A 54 3.29 0.52 -9.48
C ARG A 54 2.00 0.99 -8.80
N GLU A 55 1.23 1.81 -9.50
CA GLU A 55 -0.01 2.32 -8.96
C GLU A 55 -1.21 1.54 -9.52
N VAL A 56 -1.77 0.67 -8.69
CA VAL A 56 -2.92 -0.14 -9.10
C VAL A 56 -4.18 0.29 -8.35
N GLN A 57 -5.32 -0.20 -8.82
CA GLN A 57 -6.60 0.13 -8.21
C GLN A 57 -7.32 -1.12 -7.72
N VAL A 58 -7.58 -1.19 -6.42
CA VAL A 58 -8.26 -2.34 -5.84
C VAL A 58 -9.60 -1.93 -5.23
N GLY A 59 -10.60 -2.80 -5.39
CA GLY A 59 -11.92 -2.52 -4.87
C GLY A 59 -11.99 -2.72 -3.37
N ARG A 60 -11.08 -3.53 -2.83
CA ARG A 60 -11.06 -3.81 -1.40
C ARG A 60 -9.85 -3.15 -0.74
N PRO A 61 -9.98 -2.84 0.56
CA PRO A 61 -8.91 -2.20 1.33
C PRO A 61 -7.73 -3.13 1.57
N GLU A 62 -7.80 -4.33 0.99
CA GLU A 62 -6.72 -5.30 1.14
C GLU A 62 -6.05 -5.57 -0.20
N VAL A 63 -4.72 -5.60 -0.19
CA VAL A 63 -3.94 -5.85 -1.40
C VAL A 63 -2.85 -6.87 -1.15
N LEU A 64 -2.60 -7.73 -2.14
CA LEU A 64 -1.57 -8.75 -2.02
C LEU A 64 -0.65 -8.73 -3.23
N LEU A 65 0.57 -8.24 -3.04
CA LEU A 65 1.55 -8.16 -4.11
C LEU A 65 2.23 -9.50 -4.33
N ASP A 66 2.35 -9.91 -5.59
CA ASP A 66 2.98 -11.17 -5.93
C ASP A 66 4.26 -10.95 -6.74
N GLY A 67 5.25 -11.81 -6.52
CA GLY A 67 6.50 -11.69 -7.23
C GLY A 67 7.40 -10.61 -6.63
N LEU A 68 7.92 -10.87 -5.44
CA LEU A 68 8.79 -9.93 -4.76
C LEU A 68 10.11 -10.58 -4.37
N GLU A 69 11.02 -9.78 -3.82
CA GLU A 69 12.33 -10.30 -3.39
C GLU A 69 12.42 -10.33 -1.87
N PRO A 70 13.04 -11.40 -1.34
CA PRO A 70 13.21 -11.58 0.10
C PRO A 70 14.21 -10.59 0.69
N GLY A 71 13.82 -9.94 1.78
CA GLY A 71 14.70 -8.98 2.43
C GLY A 71 14.75 -7.66 1.69
N ARG A 72 13.57 -7.08 1.42
CA ARG A 72 13.49 -5.81 0.71
C ARG A 72 12.43 -4.91 1.34
N ASP A 73 12.73 -3.63 1.45
CA ASP A 73 11.80 -2.67 2.03
C ASP A 73 10.90 -2.07 0.95
N TYR A 74 9.60 -2.02 1.24
CA TYR A 74 8.64 -1.47 0.29
C TYR A 74 7.78 -0.39 0.95
N GLU A 75 7.26 0.51 0.13
CA GLU A 75 6.43 1.60 0.62
C GLU A 75 5.04 1.56 -0.02
N VAL A 76 4.18 0.68 0.49
CA VAL A 76 2.83 0.55 -0.03
C VAL A 76 1.92 1.65 0.50
N SER A 77 1.58 2.60 -0.36
CA SER A 77 0.73 3.71 0.03
C SER A 77 -0.69 3.52 -0.52
N VAL A 78 -1.68 3.92 0.28
CA VAL A 78 -3.08 3.79 -0.11
C VAL A 78 -3.78 5.14 -0.10
N GLN A 79 -4.52 5.43 -1.16
CA GLN A 79 -5.25 6.69 -1.27
C GLN A 79 -6.72 6.45 -1.57
N SER A 80 -7.59 6.86 -0.65
CA SER A 80 -9.03 6.69 -0.83
C SER A 80 -9.54 7.54 -1.99
N LEU A 81 -10.04 6.87 -3.02
CA LEU A 81 -10.57 7.56 -4.20
C LEU A 81 -12.10 7.47 -4.25
N ARG A 82 -12.74 8.63 -4.34
CA ARG A 82 -14.20 8.68 -4.40
C ARG A 82 -14.67 9.52 -5.58
N GLY A 83 -14.08 10.71 -5.73
CA GLY A 83 -14.46 11.59 -6.82
C GLY A 83 -13.25 12.15 -7.55
N PRO A 84 -13.36 13.40 -7.99
CA PRO A 84 -12.28 14.08 -8.72
C PRO A 84 -11.08 14.39 -7.83
N GLU A 85 -11.24 14.15 -6.53
CA GLU A 85 -10.17 14.40 -5.57
C GLU A 85 -9.89 13.16 -4.73
N GLY A 86 -8.62 12.92 -4.44
CA GLY A 86 -8.24 11.78 -3.64
C GLY A 86 -7.70 12.17 -2.28
N SER A 87 -7.77 11.24 -1.33
CA SER A 87 -7.29 11.49 0.03
C SER A 87 -5.77 11.54 0.07
N GLU A 88 -5.23 11.92 1.22
CA GLU A 88 -3.78 12.01 1.39
C GLU A 88 -3.14 10.64 1.24
N ALA A 89 -1.82 10.63 1.00
CA ALA A 89 -1.08 9.39 0.84
C ALA A 89 -0.65 8.82 2.20
N ARG A 90 -1.00 7.57 2.44
CA ARG A 90 -0.65 6.91 3.69
C ARG A 90 0.07 5.58 3.43
N GLY A 91 1.38 5.59 3.58
CA GLY A 91 2.17 4.38 3.36
C GLY A 91 2.78 3.85 4.64
N ILE A 92 2.94 2.53 4.70
CA ILE A 92 3.52 1.90 5.89
C ILE A 92 4.82 1.17 5.53
N ARG A 93 5.88 1.45 6.28
CA ARG A 93 7.17 0.82 6.05
C ARG A 93 7.04 -0.70 6.05
N ALA A 94 7.05 -1.29 4.86
CA ALA A 94 6.93 -2.73 4.72
C ALA A 94 8.29 -3.41 4.89
N ARG A 95 8.26 -4.65 5.36
CA ARG A 95 9.49 -5.42 5.58
C ARG A 95 9.26 -6.90 5.33
N THR A 96 10.29 -7.59 4.86
CA THR A 96 10.21 -9.01 4.57
C THR A 96 11.50 -9.73 4.94
N PRO A 97 11.37 -10.92 5.54
CA PRO A 97 12.53 -11.73 5.95
C PRO A 97 13.29 -12.29 4.76
N THR A 98 14.26 -13.15 5.04
CA THR A 98 15.06 -13.76 3.99
C THR A 98 15.01 -15.28 4.06
N SER A 99 14.42 -15.90 3.05
CA SER A 99 14.30 -17.35 3.00
C SER A 99 15.62 -18.00 2.60
N GLY A 100 16.47 -18.24 3.60
CA GLY A 100 17.76 -18.85 3.33
C GLY A 100 18.37 -19.49 4.57
N PRO A 101 19.62 -19.97 4.44
CA PRO A 101 20.32 -20.62 5.55
C PRO A 101 20.71 -19.62 6.64
N SER A 102 20.44 -19.99 7.88
CA SER A 102 20.75 -19.14 9.03
C SER A 102 22.08 -19.54 9.66
N SER A 103 23.16 -18.95 9.18
CA SER A 103 24.49 -19.25 9.69
C SER A 103 24.76 -18.48 10.99
N GLY A 104 25.87 -18.81 11.64
CA GLY A 104 26.23 -18.14 12.87
C GLY A 104 25.02 -17.89 13.77
N GLY A 1 0.86 27.09 1.28
CA GLY A 1 0.85 26.89 2.72
C GLY A 1 -0.48 26.39 3.23
N SER A 2 -1.56 27.03 2.78
CA SER A 2 -2.89 26.64 3.21
C SER A 2 -3.89 26.75 2.05
N SER A 3 -4.58 25.66 1.76
CA SER A 3 -5.56 25.62 0.69
C SER A 3 -6.92 25.17 1.19
N GLY A 4 -6.95 24.02 1.85
CA GLY A 4 -8.19 23.49 2.38
C GLY A 4 -8.44 22.06 1.97
N SER A 5 -9.04 21.28 2.85
CA SER A 5 -9.33 19.88 2.58
C SER A 5 -10.18 19.73 1.33
N SER A 6 -11.31 20.43 1.30
CA SER A 6 -12.23 20.38 0.17
C SER A 6 -12.50 18.94 -0.25
N GLY A 7 -12.78 18.09 0.73
CA GLY A 7 -13.05 16.70 0.45
C GLY A 7 -12.86 15.81 1.67
N PRO A 8 -13.95 15.61 2.44
CA PRO A 8 -13.93 14.79 3.65
C PRO A 8 -13.77 13.31 3.33
N LEU A 9 -12.53 12.82 3.41
CA LEU A 9 -12.24 11.42 3.14
C LEU A 9 -11.19 10.88 4.10
N PRO A 10 -11.63 10.08 5.07
CA PRO A 10 -10.74 9.47 6.07
C PRO A 10 -9.83 8.41 5.47
N PRO A 11 -8.53 8.72 5.40
CA PRO A 11 -7.54 7.80 4.85
C PRO A 11 -7.29 6.60 5.75
N PRO A 12 -6.54 5.61 5.23
CA PRO A 12 -6.23 4.38 5.99
C PRO A 12 -5.26 4.65 7.13
N ARG A 13 -5.78 4.64 8.36
CA ARG A 13 -4.96 4.88 9.53
C ARG A 13 -4.50 3.56 10.15
N ALA A 14 -5.45 2.66 10.39
CA ALA A 14 -5.13 1.36 10.97
C ALA A 14 -4.49 0.44 9.94
N LEU A 15 -3.37 0.88 9.37
CA LEU A 15 -2.66 0.10 8.37
C LEU A 15 -1.86 -1.03 9.01
N THR A 16 -2.41 -2.24 8.97
CA THR A 16 -1.75 -3.41 9.55
C THR A 16 -1.38 -4.42 8.48
N LEU A 17 -0.20 -5.02 8.61
CA LEU A 17 0.26 -6.01 7.66
C LEU A 17 -0.45 -7.35 7.86
N ALA A 18 -1.40 -7.65 6.99
CA ALA A 18 -2.15 -8.89 7.08
C ALA A 18 -1.22 -10.08 7.23
N ALA A 19 -0.22 -10.18 6.35
CA ALA A 19 0.74 -11.26 6.39
C ALA A 19 2.02 -10.89 5.66
N VAL A 20 3.15 -11.30 6.23
CA VAL A 20 4.46 -11.00 5.63
C VAL A 20 5.02 -12.22 4.92
N THR A 21 5.14 -12.12 3.59
CA THR A 21 5.67 -13.22 2.78
C THR A 21 6.90 -12.79 2.01
N PRO A 22 7.92 -13.66 1.98
CA PRO A 22 9.17 -13.38 1.26
C PRO A 22 8.99 -13.39 -0.25
N ARG A 23 7.78 -13.72 -0.69
CA ARG A 23 7.48 -13.76 -2.12
C ARG A 23 6.27 -12.91 -2.45
N THR A 24 5.57 -12.46 -1.41
CA THR A 24 4.38 -11.64 -1.59
C THR A 24 4.17 -10.71 -0.39
N VAL A 25 3.36 -9.68 -0.59
CA VAL A 25 3.08 -8.71 0.47
C VAL A 25 1.59 -8.43 0.57
N HIS A 26 1.00 -8.78 1.71
CA HIS A 26 -0.43 -8.56 1.93
C HIS A 26 -0.65 -7.46 2.97
N LEU A 27 -1.36 -6.42 2.58
CA LEU A 27 -1.64 -5.30 3.48
C LEU A 27 -3.15 -5.16 3.71
N THR A 28 -3.51 -4.56 4.85
CA THR A 28 -4.91 -4.37 5.20
C THR A 28 -5.09 -3.13 6.07
N TRP A 29 -6.03 -2.27 5.68
CA TRP A 29 -6.29 -1.05 6.43
C TRP A 29 -7.78 -0.93 6.75
N GLN A 30 -8.17 0.19 7.35
CA GLN A 30 -9.55 0.43 7.71
C GLN A 30 -10.37 0.88 6.50
N PRO A 31 -11.58 0.30 6.35
CA PRO A 31 -12.47 0.63 5.24
C PRO A 31 -13.05 2.04 5.35
N SER A 32 -13.00 2.78 4.24
CA SER A 32 -13.51 4.14 4.21
C SER A 32 -15.03 4.15 4.14
N ALA A 33 -15.62 5.29 4.51
CA ALA A 33 -17.08 5.43 4.49
C ALA A 33 -17.53 6.23 3.27
N GLY A 34 -17.13 5.78 2.09
CA GLY A 34 -17.51 6.46 0.86
C GLY A 34 -16.69 6.01 -0.33
N ALA A 35 -15.37 6.04 -0.19
CA ALA A 35 -14.48 5.63 -1.27
C ALA A 35 -14.85 4.26 -1.80
N THR A 36 -15.04 4.16 -3.11
CA THR A 36 -15.41 2.91 -3.75
C THR A 36 -14.18 2.05 -4.02
N HIS A 37 -13.06 2.70 -4.33
CA HIS A 37 -11.82 2.00 -4.62
C HIS A 37 -10.63 2.70 -3.94
N TYR A 38 -9.53 1.98 -3.80
CA TYR A 38 -8.34 2.52 -3.18
C TYR A 38 -7.12 2.37 -4.10
N LEU A 39 -6.28 3.40 -4.12
CA LEU A 39 -5.08 3.40 -4.96
C LEU A 39 -3.87 2.90 -4.17
N VAL A 40 -3.29 1.79 -4.61
CA VAL A 40 -2.13 1.23 -3.96
C VAL A 40 -0.87 1.37 -4.82
N ARG A 41 -0.02 2.31 -4.45
CA ARG A 41 1.21 2.57 -5.18
C ARG A 41 2.36 1.74 -4.62
N CYS A 42 2.91 0.85 -5.44
CA CYS A 42 4.01 0.00 -5.03
C CYS A 42 5.35 0.61 -5.42
N SER A 43 6.08 1.13 -4.44
CA SER A 43 7.37 1.74 -4.68
C SER A 43 8.39 1.30 -3.64
N PRO A 44 9.65 1.18 -4.07
CA PRO A 44 10.75 0.77 -3.19
C PRO A 44 11.10 1.83 -2.15
N ALA A 45 11.61 1.39 -1.00
CA ALA A 45 11.99 2.30 0.07
C ALA A 45 13.23 3.11 -0.30
N SER A 46 14.15 2.46 -1.02
CA SER A 46 15.38 3.12 -1.44
C SER A 46 15.21 3.81 -2.79
N PRO A 47 15.84 4.97 -2.94
CA PRO A 47 15.78 5.75 -4.19
C PRO A 47 16.51 5.07 -5.34
N LYS A 48 17.14 3.95 -5.04
CA LYS A 48 17.89 3.20 -6.06
C LYS A 48 16.95 2.36 -6.91
N GLY A 49 16.58 2.87 -8.07
CA GLY A 49 15.68 2.15 -8.96
C GLY A 49 15.36 2.92 -10.22
N GLU A 50 16.11 2.67 -11.29
CA GLU A 50 15.90 3.35 -12.55
C GLU A 50 14.47 3.17 -13.04
N GLU A 51 13.91 1.99 -12.80
CA GLU A 51 12.55 1.69 -13.22
C GLU A 51 11.56 2.67 -12.58
N GLU A 52 10.35 2.71 -13.12
CA GLU A 52 9.31 3.60 -12.61
C GLU A 52 8.52 2.92 -11.49
N GLU A 53 7.71 3.72 -10.78
CA GLU A 53 6.90 3.20 -9.69
C GLU A 53 5.67 2.49 -10.23
N ARG A 54 5.15 1.55 -9.45
CA ARG A 54 3.96 0.79 -9.84
C ARG A 54 2.74 1.22 -9.04
N GLU A 55 1.57 1.11 -9.65
CA GLU A 55 0.32 1.49 -8.98
C GLU A 55 -0.83 0.58 -9.41
N VAL A 56 -1.69 0.24 -8.46
CA VAL A 56 -2.83 -0.63 -8.73
C VAL A 56 -4.06 -0.16 -7.98
N GLN A 57 -5.23 -0.63 -8.40
CA GLN A 57 -6.48 -0.26 -7.77
C GLN A 57 -7.21 -1.49 -7.22
N VAL A 58 -7.74 -1.37 -6.01
CA VAL A 58 -8.45 -2.47 -5.38
C VAL A 58 -9.73 -1.99 -4.71
N GLY A 59 -10.82 -2.73 -4.92
CA GLY A 59 -12.10 -2.36 -4.34
C GLY A 59 -12.10 -2.49 -2.83
N ARG A 60 -11.30 -3.42 -2.32
CA ARG A 60 -11.22 -3.64 -0.88
C ARG A 60 -9.95 -3.03 -0.31
N PRO A 61 -9.98 -2.71 0.99
CA PRO A 61 -8.83 -2.12 1.69
C PRO A 61 -7.68 -3.10 1.86
N GLU A 62 -7.85 -4.30 1.30
CA GLU A 62 -6.82 -5.33 1.39
C GLU A 62 -6.12 -5.52 0.05
N VAL A 63 -4.81 -5.29 0.02
CA VAL A 63 -4.04 -5.43 -1.20
C VAL A 63 -2.98 -6.52 -1.05
N LEU A 64 -2.76 -7.28 -2.12
CA LEU A 64 -1.77 -8.36 -2.11
C LEU A 64 -0.82 -8.24 -3.30
N LEU A 65 0.41 -7.81 -3.02
CA LEU A 65 1.41 -7.65 -4.06
C LEU A 65 2.15 -8.96 -4.32
N ASP A 66 2.25 -9.35 -5.58
CA ASP A 66 2.94 -10.58 -5.95
C ASP A 66 4.23 -10.28 -6.68
N GLY A 67 5.07 -11.31 -6.84
CA GLY A 67 6.34 -11.14 -7.54
C GLY A 67 7.23 -10.13 -6.85
N LEU A 68 7.74 -10.48 -5.67
CA LEU A 68 8.62 -9.60 -4.91
C LEU A 68 9.87 -10.35 -4.43
N GLU A 69 10.87 -9.59 -4.00
CA GLU A 69 12.11 -10.18 -3.52
C GLU A 69 12.18 -10.14 -1.99
N PRO A 70 12.74 -11.20 -1.40
CA PRO A 70 12.88 -11.31 0.06
C PRO A 70 13.91 -10.33 0.61
N GLY A 71 13.66 -9.82 1.82
CA GLY A 71 14.56 -8.88 2.45
C GLY A 71 14.61 -7.56 1.72
N ARG A 72 13.44 -7.05 1.34
CA ARG A 72 13.37 -5.78 0.63
C ARG A 72 12.18 -4.95 1.13
N ASP A 73 12.45 -3.68 1.43
CA ASP A 73 11.41 -2.78 1.93
C ASP A 73 10.71 -2.08 0.77
N TYR A 74 9.38 -2.03 0.84
CA TYR A 74 8.58 -1.39 -0.21
C TYR A 74 7.65 -0.36 0.39
N GLU A 75 7.83 0.89 -0.01
CA GLU A 75 7.00 1.99 0.49
C GLU A 75 5.61 1.94 -0.15
N VAL A 76 4.76 1.03 0.34
CA VAL A 76 3.41 0.88 -0.17
C VAL A 76 2.50 1.98 0.35
N SER A 77 2.06 2.86 -0.55
CA SER A 77 1.19 3.96 -0.17
C SER A 77 -0.26 3.64 -0.54
N VAL A 78 -1.18 4.06 0.33
CA VAL A 78 -2.61 3.82 0.11
C VAL A 78 -3.38 5.14 0.07
N GLN A 79 -4.43 5.18 -0.75
CA GLN A 79 -5.25 6.38 -0.88
C GLN A 79 -6.68 6.02 -1.26
N SER A 80 -7.63 6.46 -0.45
CA SER A 80 -9.05 6.18 -0.70
C SER A 80 -9.58 7.06 -1.83
N LEU A 81 -10.17 6.41 -2.84
CA LEU A 81 -10.73 7.13 -3.98
C LEU A 81 -12.25 7.17 -3.91
N ARG A 82 -12.81 8.37 -4.01
CA ARG A 82 -14.25 8.55 -3.95
C ARG A 82 -14.74 9.44 -5.09
N GLY A 83 -13.98 9.44 -6.19
CA GLY A 83 -14.34 10.27 -7.34
C GLY A 83 -13.14 10.83 -8.05
N PRO A 84 -13.25 12.07 -8.53
CA PRO A 84 -12.17 12.76 -9.25
C PRO A 84 -11.00 13.11 -8.33
N GLU A 85 -11.24 13.08 -7.03
CA GLU A 85 -10.21 13.40 -6.05
C GLU A 85 -10.09 12.29 -5.01
N GLY A 86 -8.87 12.08 -4.53
CA GLY A 86 -8.63 11.04 -3.53
C GLY A 86 -8.04 11.59 -2.25
N SER A 87 -7.97 10.74 -1.22
CA SER A 87 -7.42 11.16 0.06
C SER A 87 -5.91 11.32 -0.03
N GLU A 88 -5.29 11.61 1.12
CA GLU A 88 -3.84 11.79 1.17
C GLU A 88 -3.12 10.45 1.11
N ALA A 89 -1.84 10.49 0.76
CA ALA A 89 -1.04 9.28 0.67
C ALA A 89 -0.64 8.78 2.06
N ARG A 90 -0.98 7.53 2.35
CA ARG A 90 -0.65 6.93 3.64
C ARG A 90 -0.09 5.53 3.47
N GLY A 91 1.24 5.42 3.51
CA GLY A 91 1.88 4.13 3.35
C GLY A 91 2.41 3.58 4.67
N ILE A 92 2.72 2.29 4.69
CA ILE A 92 3.23 1.64 5.89
C ILE A 92 4.52 0.87 5.58
N ARG A 93 5.47 0.92 6.51
CA ARG A 93 6.73 0.23 6.35
C ARG A 93 6.51 -1.26 6.09
N ALA A 94 6.67 -1.66 4.83
CA ALA A 94 6.49 -3.05 4.45
C ALA A 94 7.83 -3.77 4.32
N ARG A 95 8.06 -4.73 5.21
CA ARG A 95 9.31 -5.48 5.20
C ARG A 95 9.04 -6.98 5.08
N THR A 96 10.00 -7.71 4.53
CA THR A 96 9.86 -9.15 4.36
C THR A 96 11.15 -9.87 4.75
N PRO A 97 11.00 -11.06 5.36
CA PRO A 97 12.13 -11.88 5.79
C PRO A 97 12.91 -12.46 4.62
N THR A 98 13.90 -13.30 4.92
CA THR A 98 14.71 -13.93 3.88
C THR A 98 14.68 -15.45 4.00
N SER A 99 13.97 -16.09 3.08
CA SER A 99 13.84 -17.55 3.09
C SER A 99 15.21 -18.20 2.90
N GLY A 100 15.94 -17.79 1.87
CA GLY A 100 17.25 -18.35 1.60
C GLY A 100 18.21 -18.11 2.75
N PRO A 101 19.17 -19.04 2.90
CA PRO A 101 20.18 -18.95 3.96
C PRO A 101 21.17 -17.80 3.74
N SER A 102 21.25 -16.89 4.71
CA SER A 102 22.15 -15.75 4.61
C SER A 102 22.48 -15.19 5.99
N SER A 103 23.69 -14.68 6.14
CA SER A 103 24.14 -14.12 7.41
C SER A 103 24.77 -12.75 7.21
N GLY A 104 24.82 -11.97 8.28
CA GLY A 104 25.41 -10.64 8.20
C GLY A 104 25.24 -9.85 9.49
N GLY A 1 -8.09 23.60 -13.38
CA GLY A 1 -8.57 22.75 -12.30
C GLY A 1 -10.02 22.35 -12.48
N SER A 2 -10.35 21.11 -12.14
CA SER A 2 -11.71 20.62 -12.26
C SER A 2 -12.56 21.04 -11.06
N SER A 3 -13.87 21.01 -11.24
CA SER A 3 -14.79 21.39 -10.17
C SER A 3 -15.56 20.19 -9.64
N GLY A 4 -15.72 20.11 -8.33
CA GLY A 4 -16.44 19.01 -7.73
C GLY A 4 -16.40 19.05 -6.21
N SER A 5 -17.56 18.87 -5.58
CA SER A 5 -17.64 18.88 -4.13
C SER A 5 -17.78 17.46 -3.57
N SER A 6 -17.04 17.18 -2.52
CA SER A 6 -17.07 15.86 -1.89
C SER A 6 -16.98 15.98 -0.37
N GLY A 7 -17.66 15.07 0.33
CA GLY A 7 -17.65 15.09 1.78
C GLY A 7 -16.30 14.72 2.35
N PRO A 8 -16.28 14.34 3.63
CA PRO A 8 -15.04 13.95 4.33
C PRO A 8 -14.49 12.62 3.82
N LEU A 9 -13.26 12.65 3.31
CA LEU A 9 -12.62 11.45 2.80
C LEU A 9 -11.50 10.98 3.73
N PRO A 10 -11.87 10.23 4.78
CA PRO A 10 -10.91 9.71 5.76
C PRO A 10 -10.01 8.62 5.16
N PRO A 11 -8.73 8.96 5.00
CA PRO A 11 -7.73 8.03 4.45
C PRO A 11 -7.42 6.88 5.40
N PRO A 12 -6.69 5.88 4.91
CA PRO A 12 -6.30 4.71 5.70
C PRO A 12 -5.27 5.05 6.78
N ARG A 13 -5.61 4.73 8.02
CA ARG A 13 -4.72 5.00 9.15
C ARG A 13 -4.31 3.71 9.83
N ALA A 14 -5.28 2.88 10.17
CA ALA A 14 -5.02 1.60 10.83
C ALA A 14 -4.44 0.58 9.85
N LEU A 15 -3.31 0.92 9.25
CA LEU A 15 -2.65 0.04 8.28
C LEU A 15 -1.96 -1.11 8.99
N THR A 16 -2.64 -2.26 9.04
CA THR A 16 -2.08 -3.44 9.69
C THR A 16 -1.68 -4.50 8.66
N LEU A 17 -0.54 -5.15 8.90
CA LEU A 17 -0.06 -6.18 8.00
C LEU A 17 -0.82 -7.49 8.20
N ALA A 18 -1.24 -8.10 7.09
CA ALA A 18 -1.97 -9.35 7.15
C ALA A 18 -1.02 -10.54 7.32
N ALA A 19 -0.01 -10.60 6.47
CA ALA A 19 0.97 -11.68 6.52
C ALA A 19 2.26 -11.29 5.83
N VAL A 20 3.38 -11.56 6.49
CA VAL A 20 4.69 -11.23 5.95
C VAL A 20 5.31 -12.43 5.25
N THR A 21 5.44 -12.36 3.92
CA THR A 21 6.02 -13.44 3.15
C THR A 21 7.21 -12.96 2.32
N PRO A 22 8.27 -13.77 2.29
CA PRO A 22 9.50 -13.43 1.55
C PRO A 22 9.28 -13.49 0.04
N ARG A 23 8.10 -13.94 -0.38
CA ARG A 23 7.78 -14.04 -1.79
C ARG A 23 6.55 -13.21 -2.13
N THR A 24 5.83 -12.79 -1.09
CA THR A 24 4.62 -11.98 -1.28
C THR A 24 4.39 -11.06 -0.09
N VAL A 25 3.57 -10.04 -0.29
CA VAL A 25 3.25 -9.09 0.77
C VAL A 25 1.76 -8.77 0.81
N HIS A 26 1.13 -9.02 1.95
CA HIS A 26 -0.29 -8.76 2.11
C HIS A 26 -0.53 -7.66 3.16
N LEU A 27 -1.19 -6.59 2.73
CA LEU A 27 -1.49 -5.47 3.61
C LEU A 27 -2.99 -5.24 3.74
N THR A 28 -3.42 -4.71 4.87
CA THR A 28 -4.83 -4.44 5.12
C THR A 28 -5.02 -3.17 5.93
N TRP A 29 -5.90 -2.30 5.46
CA TRP A 29 -6.18 -1.04 6.15
C TRP A 29 -7.66 -0.87 6.40
N GLN A 30 -8.04 0.23 7.03
CA GLN A 30 -9.43 0.51 7.34
C GLN A 30 -10.15 1.10 6.12
N PRO A 31 -11.30 0.52 5.78
CA PRO A 31 -12.11 0.95 4.63
C PRO A 31 -12.75 2.32 4.88
N SER A 32 -12.62 3.21 3.90
CA SER A 32 -13.18 4.55 4.00
C SER A 32 -14.67 4.54 3.68
N ALA A 33 -15.47 5.08 4.59
CA ALA A 33 -16.92 5.13 4.40
C ALA A 33 -17.29 6.17 3.35
N GLY A 34 -17.34 5.73 2.09
CA GLY A 34 -17.69 6.64 1.00
C GLY A 34 -16.82 6.42 -0.22
N ALA A 35 -15.52 6.26 0.00
CA ALA A 35 -14.58 6.05 -1.09
C ALA A 35 -15.05 4.94 -2.02
N THR A 36 -15.11 5.24 -3.32
CA THR A 36 -15.54 4.27 -4.31
C THR A 36 -14.47 3.21 -4.55
N HIS A 37 -13.21 3.60 -4.41
CA HIS A 37 -12.09 2.69 -4.61
C HIS A 37 -10.83 3.22 -3.93
N TYR A 38 -9.84 2.34 -3.79
CA TYR A 38 -8.58 2.72 -3.16
C TYR A 38 -7.41 2.55 -4.12
N LEU A 39 -6.63 3.61 -4.30
CA LEU A 39 -5.48 3.58 -5.19
C LEU A 39 -4.22 3.16 -4.44
N VAL A 40 -3.61 2.06 -4.88
CA VAL A 40 -2.39 1.56 -4.25
C VAL A 40 -1.19 1.78 -5.14
N ARG A 41 -0.17 2.44 -4.61
CA ARG A 41 1.05 2.73 -5.36
C ARG A 41 2.23 1.94 -4.80
N CYS A 42 2.66 0.92 -5.54
CA CYS A 42 3.78 0.09 -5.11
C CYS A 42 5.11 0.68 -5.57
N SER A 43 5.94 1.08 -4.61
CA SER A 43 7.23 1.67 -4.91
C SER A 43 8.29 1.20 -3.93
N PRO A 44 9.48 0.89 -4.45
CA PRO A 44 10.61 0.42 -3.63
C PRO A 44 11.17 1.52 -2.74
N ALA A 45 11.56 1.14 -1.53
CA ALA A 45 12.13 2.10 -0.58
C ALA A 45 13.51 2.56 -1.02
N SER A 46 14.29 1.63 -1.57
CA SER A 46 15.65 1.94 -2.03
C SER A 46 15.66 2.21 -3.53
N PRO A 47 16.26 3.34 -3.92
CA PRO A 47 16.36 3.74 -5.33
C PRO A 47 17.31 2.85 -6.12
N LYS A 48 17.90 1.87 -5.44
CA LYS A 48 18.83 0.95 -6.07
C LYS A 48 18.09 -0.17 -6.78
N GLY A 49 18.66 -0.66 -7.87
CA GLY A 49 18.03 -1.74 -8.62
C GLY A 49 17.22 -1.23 -9.80
N GLU A 50 15.92 -1.54 -9.80
CA GLU A 50 15.04 -1.12 -10.87
C GLU A 50 13.93 -0.22 -10.33
N GLU A 51 14.31 0.74 -9.49
CA GLU A 51 13.34 1.67 -8.91
C GLU A 51 12.25 2.02 -9.91
N GLU A 52 11.01 1.64 -9.59
CA GLU A 52 9.87 1.91 -10.45
C GLU A 52 8.58 2.01 -9.66
N GLU A 53 7.67 2.86 -10.11
CA GLU A 53 6.39 3.05 -9.44
C GLU A 53 5.27 2.30 -10.16
N ARG A 54 4.49 1.54 -9.40
CA ARG A 54 3.40 0.76 -9.97
C ARG A 54 2.07 1.16 -9.32
N GLU A 55 1.21 1.80 -10.11
CA GLU A 55 -0.09 2.24 -9.61
C GLU A 55 -1.17 1.22 -9.97
N VAL A 56 -1.93 0.81 -8.96
CA VAL A 56 -3.01 -0.16 -9.16
C VAL A 56 -4.26 0.25 -8.41
N GLN A 57 -5.39 -0.38 -8.75
CA GLN A 57 -6.66 -0.08 -8.10
C GLN A 57 -7.31 -1.36 -7.57
N VAL A 58 -7.44 -1.45 -6.25
CA VAL A 58 -8.04 -2.61 -5.61
C VAL A 58 -9.40 -2.26 -5.00
N GLY A 59 -10.43 -2.99 -5.41
CA GLY A 59 -11.77 -2.74 -4.90
C GLY A 59 -11.86 -2.96 -3.40
N ARG A 60 -10.82 -3.56 -2.83
CA ARG A 60 -10.79 -3.83 -1.40
C ARG A 60 -9.60 -3.15 -0.75
N PRO A 61 -9.74 -2.84 0.55
CA PRO A 61 -8.67 -2.18 1.33
C PRO A 61 -7.49 -3.12 1.58
N GLU A 62 -7.55 -4.32 1.03
CA GLU A 62 -6.49 -5.30 1.20
C GLU A 62 -5.89 -5.68 -0.15
N VAL A 63 -4.56 -5.58 -0.25
CA VAL A 63 -3.86 -5.92 -1.49
C VAL A 63 -2.75 -6.93 -1.22
N LEU A 64 -2.43 -7.72 -2.23
CA LEU A 64 -1.38 -8.73 -2.12
C LEU A 64 -0.37 -8.59 -3.26
N LEU A 65 0.84 -8.17 -2.92
CA LEU A 65 1.90 -8.01 -3.92
C LEU A 65 2.70 -9.29 -4.07
N ASP A 66 2.60 -9.92 -5.24
CA ASP A 66 3.33 -11.15 -5.51
C ASP A 66 4.60 -10.87 -6.30
N GLY A 67 5.55 -11.80 -6.23
CA GLY A 67 6.81 -11.63 -6.94
C GLY A 67 7.66 -10.53 -6.35
N LEU A 68 8.09 -10.71 -5.11
CA LEU A 68 8.91 -9.72 -4.43
C LEU A 68 10.25 -10.32 -4.00
N GLU A 69 11.12 -9.50 -3.45
CA GLU A 69 12.42 -9.95 -2.99
C GLU A 69 12.51 -9.96 -1.47
N PRO A 70 13.10 -11.02 -0.91
CA PRO A 70 13.26 -11.17 0.54
C PRO A 70 14.26 -10.18 1.12
N GLY A 71 13.99 -9.70 2.33
CA GLY A 71 14.87 -8.76 2.97
C GLY A 71 14.94 -7.43 2.24
N ARG A 72 13.78 -6.91 1.84
CA ARG A 72 13.71 -5.64 1.13
C ARG A 72 12.53 -4.81 1.61
N ASP A 73 12.75 -3.50 1.72
CA ASP A 73 11.71 -2.59 2.16
C ASP A 73 10.87 -2.09 0.99
N TYR A 74 9.56 -1.99 1.21
CA TYR A 74 8.65 -1.54 0.16
C TYR A 74 7.76 -0.42 0.67
N GLU A 75 7.61 0.64 -0.13
CA GLU A 75 6.78 1.77 0.25
C GLU A 75 5.39 1.65 -0.36
N VAL A 76 4.51 0.95 0.34
CA VAL A 76 3.14 0.76 -0.14
C VAL A 76 2.20 1.81 0.46
N SER A 77 1.87 2.82 -0.33
CA SER A 77 0.98 3.89 0.13
C SER A 77 -0.44 3.66 -0.37
N VAL A 78 -1.42 3.98 0.47
CA VAL A 78 -2.82 3.81 0.12
C VAL A 78 -3.55 5.15 0.11
N GLN A 79 -4.30 5.41 -0.95
CA GLN A 79 -5.05 6.65 -1.08
C GLN A 79 -6.51 6.38 -1.44
N SER A 80 -7.41 6.83 -0.58
CA SER A 80 -8.84 6.63 -0.79
C SER A 80 -9.36 7.55 -1.89
N LEU A 81 -10.04 6.97 -2.88
CA LEU A 81 -10.57 7.73 -3.99
C LEU A 81 -12.09 7.91 -3.84
N ARG A 82 -12.58 9.09 -4.22
CA ARG A 82 -14.00 9.38 -4.12
C ARG A 82 -14.56 9.78 -5.48
N GLY A 83 -13.78 10.53 -6.25
CA GLY A 83 -14.21 10.97 -7.56
C GLY A 83 -13.15 11.77 -8.29
N PRO A 84 -13.20 13.10 -8.15
CA PRO A 84 -12.25 14.01 -8.79
C PRO A 84 -10.85 13.91 -8.18
N GLU A 85 -10.78 14.00 -6.85
CA GLU A 85 -9.51 13.92 -6.14
C GLU A 85 -9.57 12.87 -5.03
N GLY A 86 -8.42 12.28 -4.73
CA GLY A 86 -8.37 11.28 -3.68
C GLY A 86 -8.02 11.86 -2.32
N SER A 87 -7.58 11.01 -1.41
CA SER A 87 -7.20 11.44 -0.07
C SER A 87 -5.69 11.47 0.09
N GLU A 88 -5.23 12.01 1.23
CA GLU A 88 -3.80 12.09 1.50
C GLU A 88 -3.13 10.73 1.32
N ALA A 89 -1.79 10.75 1.25
CA ALA A 89 -1.04 9.52 1.08
C ALA A 89 -0.64 8.93 2.43
N ARG A 90 -1.06 7.69 2.67
CA ARG A 90 -0.77 7.01 3.92
C ARG A 90 -0.19 5.63 3.66
N GLY A 91 1.12 5.48 3.85
CA GLY A 91 1.77 4.20 3.62
C GLY A 91 2.41 3.65 4.89
N ILE A 92 2.76 2.38 4.86
CA ILE A 92 3.38 1.73 6.01
C ILE A 92 4.76 1.17 5.64
N ARG A 93 5.64 1.05 6.63
CA ARG A 93 6.97 0.54 6.42
C ARG A 93 6.95 -0.99 6.27
N ALA A 94 6.72 -1.46 5.06
CA ALA A 94 6.68 -2.89 4.79
C ALA A 94 8.06 -3.53 4.91
N ARG A 95 8.13 -4.70 5.51
CA ARG A 95 9.39 -5.41 5.68
C ARG A 95 9.20 -6.91 5.55
N THR A 96 10.19 -7.58 4.98
CA THR A 96 10.13 -9.03 4.78
C THR A 96 11.46 -9.69 5.18
N PRO A 97 11.36 -10.87 5.81
CA PRO A 97 12.54 -11.63 6.24
C PRO A 97 13.32 -12.21 5.07
N THR A 98 14.34 -13.00 5.38
CA THR A 98 15.17 -13.62 4.35
C THR A 98 14.94 -15.13 4.29
N SER A 99 14.37 -15.60 3.18
CA SER A 99 14.10 -17.01 3.01
C SER A 99 15.31 -17.85 3.42
N GLY A 100 15.06 -18.87 4.22
CA GLY A 100 16.13 -19.74 4.68
C GLY A 100 17.01 -19.08 5.73
N PRO A 101 17.65 -19.90 6.57
CA PRO A 101 18.53 -19.41 7.63
C PRO A 101 19.82 -18.80 7.09
N SER A 102 19.92 -18.75 5.77
CA SER A 102 21.11 -18.19 5.12
C SER A 102 21.51 -16.87 5.77
N SER A 103 22.67 -16.36 5.40
CA SER A 103 23.18 -15.10 5.95
C SER A 103 22.21 -13.96 5.68
N GLY A 104 21.70 -13.37 6.75
CA GLY A 104 20.76 -12.27 6.61
C GLY A 104 19.93 -12.06 7.85
N GLY A 1 -25.81 24.98 -6.36
CA GLY A 1 -24.56 25.48 -6.89
C GLY A 1 -23.85 24.46 -7.76
N SER A 2 -22.79 24.90 -8.42
CA SER A 2 -22.03 24.01 -9.29
C SER A 2 -20.52 24.13 -9.02
N SER A 3 -19.78 23.08 -9.34
CA SER A 3 -18.34 23.07 -9.12
C SER A 3 -18.01 23.32 -7.65
N GLY A 4 -18.83 22.76 -6.77
CA GLY A 4 -18.61 22.92 -5.34
C GLY A 4 -17.69 21.86 -4.77
N SER A 5 -17.50 21.89 -3.46
CA SER A 5 -16.63 20.93 -2.79
C SER A 5 -17.09 20.69 -1.35
N SER A 6 -17.36 19.43 -1.03
CA SER A 6 -17.81 19.06 0.31
C SER A 6 -17.74 17.55 0.51
N GLY A 7 -17.73 17.13 1.77
CA GLY A 7 -17.67 15.71 2.07
C GLY A 7 -16.29 15.28 2.52
N PRO A 8 -16.16 14.95 3.82
CA PRO A 8 -14.88 14.51 4.40
C PRO A 8 -14.47 13.13 3.90
N LEU A 9 -13.23 13.02 3.44
CA LEU A 9 -12.71 11.75 2.94
C LEU A 9 -11.59 11.22 3.84
N PRO A 10 -11.98 10.51 4.91
CA PRO A 10 -11.03 9.94 5.87
C PRO A 10 -10.22 8.79 5.26
N PRO A 11 -8.92 9.02 5.10
CA PRO A 11 -8.00 8.01 4.52
C PRO A 11 -7.78 6.84 5.47
N PRO A 12 -7.14 5.77 4.97
CA PRO A 12 -6.85 4.57 5.74
C PRO A 12 -5.79 4.81 6.82
N ARG A 13 -6.13 4.51 8.06
CA ARG A 13 -5.21 4.70 9.18
C ARG A 13 -4.90 3.37 9.85
N ALA A 14 -5.86 2.46 9.85
CA ALA A 14 -5.69 1.14 10.45
C ALA A 14 -4.87 0.22 9.55
N LEU A 15 -3.67 0.64 9.22
CA LEU A 15 -2.79 -0.14 8.36
C LEU A 15 -1.96 -1.12 9.18
N THR A 16 -2.15 -2.42 8.90
CA THR A 16 -1.43 -3.47 9.62
C THR A 16 -1.01 -4.58 8.67
N LEU A 17 0.10 -5.24 9.00
CA LEU A 17 0.61 -6.33 8.18
C LEU A 17 -0.05 -7.65 8.55
N ALA A 18 -0.98 -8.10 7.70
CA ALA A 18 -1.69 -9.36 7.94
C ALA A 18 -0.73 -10.53 7.97
N ALA A 19 0.21 -10.55 7.04
CA ALA A 19 1.19 -11.63 6.96
C ALA A 19 2.47 -11.16 6.27
N VAL A 20 3.58 -11.85 6.54
CA VAL A 20 4.86 -11.50 5.95
C VAL A 20 5.48 -12.70 5.23
N THR A 21 5.52 -12.64 3.91
CA THR A 21 6.09 -13.72 3.10
C THR A 21 7.23 -13.21 2.24
N PRO A 22 8.33 -13.99 2.18
CA PRO A 22 9.51 -13.64 1.39
C PRO A 22 9.24 -13.74 -0.11
N ARG A 23 8.01 -14.07 -0.47
CA ARG A 23 7.63 -14.19 -1.87
C ARG A 23 6.48 -13.23 -2.22
N THR A 24 5.61 -12.99 -1.24
CA THR A 24 4.48 -12.10 -1.44
C THR A 24 4.22 -11.25 -0.20
N VAL A 25 3.52 -10.14 -0.38
CA VAL A 25 3.21 -9.25 0.72
C VAL A 25 1.70 -9.01 0.83
N HIS A 26 1.15 -9.24 2.02
CA HIS A 26 -0.27 -9.06 2.25
C HIS A 26 -0.52 -7.91 3.22
N LEU A 27 -1.34 -6.96 2.80
CA LEU A 27 -1.66 -5.80 3.64
C LEU A 27 -3.16 -5.64 3.80
N THR A 28 -3.58 -4.96 4.87
CA THR A 28 -4.99 -4.75 5.15
C THR A 28 -5.21 -3.46 5.93
N TRP A 29 -6.22 -2.70 5.53
CA TRP A 29 -6.53 -1.43 6.20
C TRP A 29 -8.04 -1.22 6.29
N GLN A 30 -8.44 -0.09 6.85
CA GLN A 30 -9.85 0.23 7.00
C GLN A 30 -10.35 1.07 5.83
N PRO A 31 -11.58 0.79 5.38
CA PRO A 31 -12.19 1.51 4.25
C PRO A 31 -12.56 2.94 4.63
N SER A 32 -13.09 3.68 3.66
CA SER A 32 -13.48 5.07 3.88
C SER A 32 -14.96 5.28 3.56
N ALA A 33 -15.55 6.30 4.17
CA ALA A 33 -16.96 6.61 3.94
C ALA A 33 -17.16 7.32 2.61
N GLY A 34 -17.72 6.61 1.64
CA GLY A 34 -17.96 7.20 0.32
C GLY A 34 -16.98 6.70 -0.72
N ALA A 35 -15.72 6.52 -0.31
CA ALA A 35 -14.68 6.05 -1.22
C ALA A 35 -15.12 4.78 -1.94
N THR A 36 -15.27 4.87 -3.25
CA THR A 36 -15.70 3.72 -4.06
C THR A 36 -14.50 3.00 -4.65
N HIS A 37 -13.31 3.56 -4.44
CA HIS A 37 -12.08 2.95 -4.94
C HIS A 37 -10.87 3.49 -4.19
N TYR A 38 -9.79 2.71 -4.20
CA TYR A 38 -8.56 3.10 -3.51
C TYR A 38 -7.35 2.91 -4.41
N LEU A 39 -6.51 3.94 -4.47
CA LEU A 39 -5.31 3.90 -5.30
C LEU A 39 -4.11 3.38 -4.49
N VAL A 40 -3.44 2.37 -5.02
CA VAL A 40 -2.28 1.79 -4.35
C VAL A 40 -1.04 1.89 -5.24
N ARG A 41 0.06 2.34 -4.65
CA ARG A 41 1.32 2.49 -5.38
C ARG A 41 2.43 1.69 -4.71
N CYS A 42 3.12 0.86 -5.49
CA CYS A 42 4.21 0.06 -4.98
C CYS A 42 5.56 0.57 -5.46
N SER A 43 6.41 0.98 -4.51
CA SER A 43 7.72 1.50 -4.85
C SER A 43 8.74 1.12 -3.78
N PRO A 44 9.99 0.89 -4.21
CA PRO A 44 11.09 0.52 -3.29
C PRO A 44 11.51 1.67 -2.40
N ALA A 45 11.90 1.35 -1.17
CA ALA A 45 12.33 2.36 -0.21
C ALA A 45 13.74 2.85 -0.54
N SER A 46 14.46 2.08 -1.35
CA SER A 46 15.83 2.44 -1.73
C SER A 46 15.86 3.02 -3.14
N PRO A 47 16.47 4.21 -3.28
CA PRO A 47 16.58 4.89 -4.56
C PRO A 47 17.54 4.18 -5.52
N LYS A 48 18.16 3.12 -5.03
CA LYS A 48 19.10 2.35 -5.83
C LYS A 48 18.42 1.81 -7.10
N GLY A 49 18.67 2.46 -8.23
CA GLY A 49 18.08 2.04 -9.48
C GLY A 49 17.20 3.11 -10.10
N GLU A 50 16.95 2.98 -11.39
CA GLU A 50 16.12 3.94 -12.11
C GLU A 50 14.86 3.27 -12.66
N GLU A 51 13.94 2.95 -11.76
CA GLU A 51 12.69 2.31 -12.15
C GLU A 51 11.51 3.26 -11.97
N GLU A 52 10.34 2.85 -12.45
CA GLU A 52 9.13 3.66 -12.34
C GLU A 52 8.24 3.15 -11.22
N GLU A 53 7.38 4.03 -10.71
CA GLU A 53 6.46 3.66 -9.64
C GLU A 53 5.24 2.93 -10.18
N ARG A 54 4.93 1.78 -9.59
CA ARG A 54 3.79 0.98 -10.03
C ARG A 54 2.50 1.47 -9.37
N GLU A 55 1.49 1.74 -10.19
CA GLU A 55 0.20 2.22 -9.69
C GLU A 55 -0.92 1.27 -10.09
N VAL A 56 -1.79 0.95 -9.13
CA VAL A 56 -2.92 0.06 -9.38
C VAL A 56 -4.10 0.41 -8.49
N GLN A 57 -5.29 -0.03 -8.91
CA GLN A 57 -6.51 0.25 -8.15
C GLN A 57 -7.15 -1.06 -7.67
N VAL A 58 -7.55 -1.09 -6.41
CA VAL A 58 -8.18 -2.27 -5.83
C VAL A 58 -9.54 -1.94 -5.25
N GLY A 59 -10.53 -2.77 -5.55
CA GLY A 59 -11.87 -2.55 -5.05
C GLY A 59 -12.02 -2.93 -3.59
N ARG A 60 -10.92 -3.33 -2.98
CA ARG A 60 -10.93 -3.73 -1.57
C ARG A 60 -9.77 -3.08 -0.81
N PRO A 61 -9.98 -2.83 0.49
CA PRO A 61 -8.96 -2.22 1.35
C PRO A 61 -7.79 -3.15 1.61
N GLU A 62 -7.81 -4.32 1.00
CA GLU A 62 -6.74 -5.30 1.17
C GLU A 62 -6.07 -5.61 -0.17
N VAL A 63 -4.74 -5.64 -0.16
CA VAL A 63 -3.98 -5.91 -1.38
C VAL A 63 -2.89 -6.94 -1.11
N LEU A 64 -2.58 -7.76 -2.11
CA LEU A 64 -1.56 -8.78 -1.99
C LEU A 64 -0.59 -8.73 -3.16
N LEU A 65 0.63 -8.28 -2.90
CA LEU A 65 1.66 -8.18 -3.93
C LEU A 65 2.47 -9.47 -4.02
N ASP A 66 2.20 -10.26 -5.04
CA ASP A 66 2.91 -11.53 -5.24
C ASP A 66 4.12 -11.33 -6.15
N GLY A 67 5.22 -11.99 -5.82
CA GLY A 67 6.42 -11.87 -6.62
C GLY A 67 7.38 -10.81 -6.10
N LEU A 68 7.93 -11.05 -4.92
CA LEU A 68 8.86 -10.10 -4.30
C LEU A 68 10.15 -10.80 -3.90
N GLU A 69 11.16 -10.01 -3.56
CA GLU A 69 12.46 -10.55 -3.15
C GLU A 69 12.57 -10.57 -1.63
N PRO A 70 13.21 -11.63 -1.10
CA PRO A 70 13.41 -11.80 0.34
C PRO A 70 14.39 -10.79 0.92
N GLY A 71 13.97 -10.10 1.97
CA GLY A 71 14.84 -9.12 2.60
C GLY A 71 14.86 -7.80 1.85
N ARG A 72 13.68 -7.26 1.56
CA ARG A 72 13.57 -6.01 0.83
C ARG A 72 12.48 -5.12 1.43
N ASP A 73 12.74 -3.82 1.49
CA ASP A 73 11.79 -2.87 2.04
C ASP A 73 10.94 -2.25 0.93
N TYR A 74 9.66 -2.04 1.22
CA TYR A 74 8.74 -1.45 0.26
C TYR A 74 7.92 -0.33 0.88
N GLU A 75 7.45 0.59 0.05
CA GLU A 75 6.66 1.72 0.52
C GLU A 75 5.31 1.76 -0.19
N VAL A 76 4.34 1.03 0.35
CA VAL A 76 3.00 0.99 -0.22
C VAL A 76 2.15 2.15 0.29
N SER A 77 1.65 2.97 -0.64
CA SER A 77 0.82 4.10 -0.29
C SER A 77 -0.62 3.89 -0.73
N VAL A 78 -1.54 3.99 0.22
CA VAL A 78 -2.97 3.81 -0.08
C VAL A 78 -3.73 5.13 0.02
N GLN A 79 -4.79 5.25 -0.76
CA GLN A 79 -5.60 6.46 -0.76
C GLN A 79 -7.07 6.14 -1.00
N SER A 80 -7.94 6.74 -0.20
CA SER A 80 -9.38 6.50 -0.32
C SER A 80 -10.01 7.48 -1.30
N LEU A 81 -10.10 7.08 -2.56
CA LEU A 81 -10.68 7.93 -3.60
C LEU A 81 -12.19 7.76 -3.65
N ARG A 82 -12.89 8.79 -4.11
CA ARG A 82 -14.33 8.76 -4.22
C ARG A 82 -14.78 8.98 -5.65
N GLY A 83 -14.00 9.74 -6.41
CA GLY A 83 -14.33 10.00 -7.79
C GLY A 83 -13.46 11.09 -8.41
N PRO A 84 -13.85 12.34 -8.22
CA PRO A 84 -13.12 13.50 -8.75
C PRO A 84 -11.78 13.70 -8.04
N GLU A 85 -11.83 13.74 -6.71
CA GLU A 85 -10.62 13.94 -5.91
C GLU A 85 -10.46 12.81 -4.89
N GLY A 86 -9.20 12.52 -4.54
CA GLY A 86 -8.94 11.47 -3.58
C GLY A 86 -8.60 12.01 -2.21
N SER A 87 -8.18 11.12 -1.31
CA SER A 87 -7.83 11.51 0.05
C SER A 87 -6.31 11.54 0.24
N GLU A 88 -5.88 12.02 1.40
CA GLU A 88 -4.45 12.10 1.70
C GLU A 88 -3.76 10.77 1.43
N ALA A 89 -2.44 10.80 1.38
CA ALA A 89 -1.65 9.60 1.13
C ALA A 89 -1.23 8.94 2.44
N ARG A 90 -1.62 7.68 2.61
CA ARG A 90 -1.27 6.94 3.83
C ARG A 90 -0.61 5.61 3.48
N GLY A 91 0.70 5.55 3.69
CA GLY A 91 1.45 4.33 3.40
C GLY A 91 2.16 3.78 4.62
N ILE A 92 2.53 2.50 4.55
CA ILE A 92 3.23 1.86 5.66
C ILE A 92 4.54 1.23 5.20
N ARG A 93 5.51 1.19 6.10
CA ARG A 93 6.82 0.63 5.78
C ARG A 93 6.78 -0.90 5.82
N ALA A 94 6.64 -1.52 4.65
CA ALA A 94 6.59 -2.97 4.55
C ALA A 94 7.98 -3.57 4.60
N ARG A 95 8.07 -4.83 5.05
CA ARG A 95 9.36 -5.52 5.15
C ARG A 95 9.18 -7.01 4.93
N THR A 96 10.29 -7.72 4.80
CA THR A 96 10.26 -9.17 4.59
C THR A 96 11.58 -9.81 5.01
N PRO A 97 11.49 -10.99 5.63
CA PRO A 97 12.66 -11.74 6.09
C PRO A 97 13.49 -12.30 4.94
N THR A 98 14.46 -13.14 5.27
CA THR A 98 15.32 -13.74 4.26
C THR A 98 15.48 -15.24 4.50
N SER A 99 14.59 -16.03 3.92
CA SER A 99 14.64 -17.47 4.07
C SER A 99 16.06 -18.00 3.89
N GLY A 100 16.72 -18.29 4.99
CA GLY A 100 18.09 -18.79 4.94
C GLY A 100 19.11 -17.75 5.33
N PRO A 101 19.26 -17.53 6.64
CA PRO A 101 20.21 -16.55 7.18
C PRO A 101 21.66 -16.98 7.00
N SER A 102 22.58 -16.03 7.10
CA SER A 102 23.99 -16.31 6.94
C SER A 102 24.47 -17.33 7.97
N SER A 103 25.09 -18.40 7.49
CA SER A 103 25.58 -19.45 8.38
C SER A 103 26.96 -19.11 8.91
N GLY A 104 27.91 -18.91 8.00
CA GLY A 104 29.26 -18.57 8.40
C GLY A 104 30.27 -19.63 8.00
N GLY A 1 -1.89 31.03 -6.46
CA GLY A 1 -2.07 31.68 -5.17
C GLY A 1 -2.89 30.84 -4.22
N SER A 2 -3.54 31.50 -3.26
CA SER A 2 -4.36 30.80 -2.27
C SER A 2 -5.22 29.73 -2.94
N SER A 3 -5.22 28.53 -2.35
CA SER A 3 -5.99 27.42 -2.90
C SER A 3 -6.48 26.50 -1.77
N GLY A 4 -7.53 25.73 -2.07
CA GLY A 4 -8.07 24.83 -1.07
C GLY A 4 -8.10 23.39 -1.55
N SER A 5 -9.11 23.06 -2.34
CA SER A 5 -9.27 21.71 -2.86
C SER A 5 -9.13 20.68 -1.75
N SER A 6 -9.87 20.87 -0.67
CA SER A 6 -9.83 19.97 0.47
C SER A 6 -11.20 19.33 0.70
N GLY A 7 -11.28 18.02 0.48
CA GLY A 7 -12.53 17.31 0.68
C GLY A 7 -12.47 16.35 1.85
N PRO A 8 -13.62 16.17 2.52
CA PRO A 8 -13.72 15.28 3.68
C PRO A 8 -13.62 13.81 3.28
N LEU A 9 -12.44 13.23 3.45
CA LEU A 9 -12.21 11.83 3.10
C LEU A 9 -11.25 11.17 4.10
N PRO A 10 -11.80 10.34 5.00
CA PRO A 10 -11.02 9.63 6.00
C PRO A 10 -10.13 8.55 5.39
N PRO A 11 -8.81 8.78 5.42
CA PRO A 11 -7.83 7.84 4.87
C PRO A 11 -7.72 6.57 5.72
N PRO A 12 -7.00 5.57 5.18
CA PRO A 12 -6.80 4.29 5.87
C PRO A 12 -5.89 4.42 7.09
N ARG A 13 -6.42 4.09 8.25
CA ARG A 13 -5.66 4.17 9.49
C ARG A 13 -5.31 2.77 10.02
N ALA A 14 -6.14 1.79 9.65
CA ALA A 14 -5.93 0.42 10.09
C ALA A 14 -4.92 -0.29 9.19
N LEU A 15 -3.89 0.45 8.78
CA LEU A 15 -2.84 -0.11 7.92
C LEU A 15 -1.84 -0.93 8.74
N THR A 16 -1.90 -2.24 8.57
CA THR A 16 -0.99 -3.14 9.28
C THR A 16 -0.61 -4.35 8.43
N LEU A 17 0.64 -4.76 8.53
CA LEU A 17 1.12 -5.91 7.77
C LEU A 17 0.37 -7.18 8.16
N ALA A 18 -0.57 -7.58 7.31
CA ALA A 18 -1.36 -8.78 7.56
C ALA A 18 -0.48 -10.01 7.67
N ALA A 19 0.40 -10.20 6.69
CA ALA A 19 1.31 -11.33 6.68
C ALA A 19 2.58 -11.02 5.91
N VAL A 20 3.73 -11.26 6.53
CA VAL A 20 5.01 -10.99 5.90
C VAL A 20 5.60 -12.26 5.27
N THR A 21 5.61 -12.30 3.95
CA THR A 21 6.14 -13.46 3.23
C THR A 21 7.28 -13.06 2.31
N PRO A 22 8.36 -13.85 2.32
CA PRO A 22 9.54 -13.61 1.49
C PRO A 22 9.27 -13.84 0.00
N ARG A 23 8.00 -14.09 -0.33
CA ARG A 23 7.61 -14.33 -1.71
C ARG A 23 6.52 -13.36 -2.13
N THR A 24 5.67 -12.97 -1.19
CA THR A 24 4.58 -12.05 -1.47
C THR A 24 4.30 -11.14 -0.27
N VAL A 25 3.62 -10.03 -0.53
CA VAL A 25 3.28 -9.08 0.53
C VAL A 25 1.78 -8.89 0.65
N HIS A 26 1.27 -9.00 1.87
CA HIS A 26 -0.16 -8.86 2.13
C HIS A 26 -0.41 -7.71 3.11
N LEU A 27 -1.38 -6.86 2.78
CA LEU A 27 -1.73 -5.73 3.63
C LEU A 27 -3.25 -5.57 3.73
N THR A 28 -3.70 -5.01 4.85
CA THR A 28 -5.13 -4.79 5.06
C THR A 28 -5.38 -3.50 5.83
N TRP A 29 -6.46 -2.81 5.48
CA TRP A 29 -6.82 -1.56 6.15
C TRP A 29 -8.32 -1.39 6.21
N GLN A 30 -8.77 -0.25 6.75
CA GLN A 30 -10.19 0.03 6.87
C GLN A 30 -10.70 0.79 5.65
N PRO A 31 -11.91 0.43 5.19
CA PRO A 31 -12.54 1.06 4.02
C PRO A 31 -12.95 2.49 4.30
N SER A 32 -13.08 3.28 3.23
CA SER A 32 -13.47 4.68 3.36
C SER A 32 -14.98 4.82 3.25
N ALA A 33 -15.53 5.78 4.01
CA ALA A 33 -16.97 6.02 4.00
C ALA A 33 -17.37 6.87 2.81
N GLY A 34 -17.25 6.30 1.61
CA GLY A 34 -17.61 7.03 0.41
C GLY A 34 -16.73 6.65 -0.77
N ALA A 35 -15.45 6.44 -0.51
CA ALA A 35 -14.51 6.07 -1.56
C ALA A 35 -14.92 4.77 -2.24
N THR A 36 -15.33 4.87 -3.50
CA THR A 36 -15.75 3.70 -4.26
C THR A 36 -14.56 2.81 -4.60
N HIS A 37 -13.35 3.34 -4.43
CA HIS A 37 -12.13 2.58 -4.72
C HIS A 37 -10.93 3.22 -4.03
N TYR A 38 -9.85 2.45 -3.94
CA TYR A 38 -8.63 2.95 -3.30
C TYR A 38 -7.43 2.82 -4.24
N LEU A 39 -6.52 3.79 -4.16
CA LEU A 39 -5.33 3.79 -5.00
C LEU A 39 -4.12 3.26 -4.23
N VAL A 40 -3.55 2.16 -4.70
CA VAL A 40 -2.39 1.56 -4.07
C VAL A 40 -1.14 1.76 -4.91
N ARG A 41 -0.15 2.42 -4.33
CA ARG A 41 1.11 2.68 -5.02
C ARG A 41 2.24 1.83 -4.45
N CYS A 42 2.81 0.96 -5.28
CA CYS A 42 3.90 0.09 -4.86
C CYS A 42 5.25 0.64 -5.33
N SER A 43 6.13 0.90 -4.37
CA SER A 43 7.45 1.43 -4.68
C SER A 43 8.48 0.98 -3.64
N PRO A 44 9.71 0.70 -4.10
CA PRO A 44 10.80 0.26 -3.23
C PRO A 44 11.29 1.38 -2.30
N ALA A 45 11.72 1.00 -1.10
CA ALA A 45 12.23 1.96 -0.13
C ALA A 45 13.61 2.47 -0.53
N SER A 46 14.25 1.77 -1.45
CA SER A 46 15.59 2.15 -1.91
C SER A 46 15.50 3.04 -3.14
N PRO A 47 16.10 4.24 -3.05
CA PRO A 47 16.10 5.21 -4.14
C PRO A 47 16.97 4.76 -5.32
N LYS A 48 17.64 3.62 -5.15
CA LYS A 48 18.50 3.08 -6.19
C LYS A 48 17.68 2.68 -7.41
N GLY A 49 17.88 3.40 -8.52
CA GLY A 49 17.15 3.09 -9.74
C GLY A 49 16.29 4.25 -10.20
N GLU A 50 15.68 4.95 -9.25
CA GLU A 50 14.83 6.09 -9.57
C GLU A 50 13.79 5.71 -10.63
N GLU A 51 13.29 4.48 -10.54
CA GLU A 51 12.29 4.00 -11.49
C GLU A 51 10.91 4.58 -11.18
N GLU A 52 9.98 4.41 -12.11
CA GLU A 52 8.63 4.92 -11.93
C GLU A 52 7.86 4.10 -10.89
N GLU A 53 7.02 4.77 -10.12
CA GLU A 53 6.22 4.11 -9.09
C GLU A 53 5.03 3.39 -9.70
N ARG A 54 4.76 2.19 -9.21
CA ARG A 54 3.64 1.40 -9.70
C ARG A 54 2.34 1.80 -9.02
N GLU A 55 1.33 2.14 -9.82
CA GLU A 55 0.03 2.55 -9.30
C GLU A 55 -1.06 1.61 -9.76
N VAL A 56 -1.81 1.06 -8.81
CA VAL A 56 -2.90 0.14 -9.12
C VAL A 56 -4.11 0.40 -8.24
N GLN A 57 -5.29 0.01 -8.73
CA GLN A 57 -6.52 0.21 -7.99
C GLN A 57 -7.13 -1.13 -7.58
N VAL A 58 -7.62 -1.20 -6.34
CA VAL A 58 -8.23 -2.42 -5.81
C VAL A 58 -9.57 -2.12 -5.18
N GLY A 59 -10.58 -2.91 -5.55
CA GLY A 59 -11.91 -2.72 -5.00
C GLY A 59 -12.00 -3.15 -3.55
N ARG A 60 -10.91 -3.67 -3.02
CA ARG A 60 -10.88 -4.11 -1.63
C ARG A 60 -9.72 -3.45 -0.88
N PRO A 61 -9.93 -3.19 0.42
CA PRO A 61 -8.91 -2.56 1.27
C PRO A 61 -7.74 -3.48 1.56
N GLU A 62 -7.75 -4.67 0.95
CA GLU A 62 -6.69 -5.64 1.13
C GLU A 62 -6.01 -5.97 -0.21
N VAL A 63 -4.71 -5.72 -0.28
CA VAL A 63 -3.96 -5.98 -1.51
C VAL A 63 -2.83 -6.98 -1.24
N LEU A 64 -2.66 -7.93 -2.15
CA LEU A 64 -1.61 -8.93 -2.02
C LEU A 64 -0.70 -8.93 -3.24
N LEU A 65 0.56 -8.57 -3.04
CA LEU A 65 1.53 -8.54 -4.12
C LEU A 65 2.32 -9.84 -4.19
N ASP A 66 2.09 -10.61 -5.25
CA ASP A 66 2.77 -11.88 -5.44
C ASP A 66 3.94 -11.73 -6.42
N GLY A 67 5.08 -12.31 -6.05
CA GLY A 67 6.25 -12.22 -6.90
C GLY A 67 7.24 -11.17 -6.43
N LEU A 68 7.70 -11.30 -5.19
CA LEU A 68 8.65 -10.35 -4.63
C LEU A 68 9.94 -11.04 -4.20
N GLU A 69 10.95 -10.24 -3.87
CA GLU A 69 12.24 -10.79 -3.45
C GLU A 69 12.42 -10.67 -1.93
N PRO A 70 13.05 -11.67 -1.33
CA PRO A 70 13.30 -11.70 0.11
C PRO A 70 14.32 -10.67 0.55
N GLY A 71 14.14 -10.12 1.74
CA GLY A 71 15.06 -9.12 2.25
C GLY A 71 15.00 -7.82 1.48
N ARG A 72 13.78 -7.33 1.24
CA ARG A 72 13.57 -6.09 0.50
C ARG A 72 12.48 -5.25 1.14
N ASP A 73 12.77 -3.97 1.36
CA ASP A 73 11.81 -3.05 1.96
C ASP A 73 10.95 -2.39 0.90
N TYR A 74 9.64 -2.45 1.08
CA TYR A 74 8.71 -1.85 0.13
C TYR A 74 7.89 -0.75 0.79
N GLU A 75 7.33 0.14 -0.03
CA GLU A 75 6.52 1.24 0.47
C GLU A 75 5.19 1.33 -0.27
N VAL A 76 4.13 0.84 0.38
CA VAL A 76 2.80 0.86 -0.21
C VAL A 76 1.97 2.00 0.34
N SER A 77 1.61 2.95 -0.53
CA SER A 77 0.82 4.09 -0.12
C SER A 77 -0.61 3.98 -0.65
N VAL A 78 -1.59 4.00 0.26
CA VAL A 78 -2.99 3.91 -0.11
C VAL A 78 -3.65 5.28 -0.10
N GLN A 79 -4.53 5.52 -1.07
CA GLN A 79 -5.24 6.78 -1.17
C GLN A 79 -6.70 6.56 -1.57
N SER A 80 -7.61 6.96 -0.68
CA SER A 80 -9.04 6.80 -0.94
C SER A 80 -9.48 7.67 -2.11
N LEU A 81 -9.97 7.04 -3.16
CA LEU A 81 -10.43 7.75 -4.35
C LEU A 81 -11.95 7.77 -4.41
N ARG A 82 -12.53 8.97 -4.39
CA ARG A 82 -13.98 9.12 -4.45
C ARG A 82 -14.36 10.22 -5.44
N GLY A 83 -13.60 10.33 -6.53
CA GLY A 83 -13.88 11.34 -7.52
C GLY A 83 -12.61 11.93 -8.13
N PRO A 84 -12.70 13.19 -8.57
CA PRO A 84 -11.56 13.89 -9.18
C PRO A 84 -10.48 14.22 -8.16
N GLU A 85 -10.78 13.99 -6.89
CA GLU A 85 -9.82 14.27 -5.82
C GLU A 85 -9.64 13.05 -4.92
N GLY A 86 -8.46 12.92 -4.34
CA GLY A 86 -8.18 11.80 -3.47
C GLY A 86 -7.76 12.23 -2.08
N SER A 87 -7.91 11.33 -1.11
CA SER A 87 -7.55 11.63 0.27
C SER A 87 -6.03 11.70 0.44
N GLU A 88 -5.58 11.89 1.68
CA GLU A 88 -4.16 11.98 1.97
C GLU A 88 -3.46 10.66 1.68
N ALA A 89 -2.15 10.73 1.47
CA ALA A 89 -1.37 9.54 1.17
C ALA A 89 -0.90 8.86 2.47
N ARG A 90 -1.50 7.71 2.76
CA ARG A 90 -1.15 6.96 3.97
C ARG A 90 -0.45 5.65 3.62
N GLY A 91 0.85 5.60 3.88
CA GLY A 91 1.62 4.39 3.58
C GLY A 91 2.19 3.74 4.83
N ILE A 92 2.45 2.45 4.74
CA ILE A 92 3.00 1.71 5.88
C ILE A 92 4.35 1.09 5.52
N ARG A 93 5.23 0.98 6.51
CA ARG A 93 6.55 0.41 6.30
C ARG A 93 6.49 -1.12 6.30
N ALA A 94 6.65 -1.72 5.13
CA ALA A 94 6.61 -3.17 4.99
C ALA A 94 8.02 -3.74 4.86
N ARG A 95 8.16 -5.03 5.15
CA ARG A 95 9.44 -5.71 5.06
C ARG A 95 9.28 -7.17 4.69
N THR A 96 10.39 -7.85 4.43
CA THR A 96 10.36 -9.26 4.05
C THR A 96 11.66 -9.95 4.45
N PRO A 97 11.54 -11.04 5.22
CA PRO A 97 12.69 -11.82 5.68
C PRO A 97 13.35 -12.59 4.55
N THR A 98 14.29 -13.46 4.89
CA THR A 98 15.00 -14.27 3.91
C THR A 98 14.86 -15.76 4.19
N SER A 99 14.15 -16.46 3.31
CA SER A 99 13.94 -17.90 3.48
C SER A 99 15.25 -18.65 3.40
N GLY A 100 15.72 -19.14 4.55
CA GLY A 100 16.96 -19.88 4.58
C GLY A 100 16.75 -21.37 4.81
N PRO A 101 16.42 -22.09 3.73
CA PRO A 101 16.18 -23.54 3.80
C PRO A 101 17.46 -24.33 4.07
N SER A 102 18.53 -23.97 3.37
CA SER A 102 19.82 -24.64 3.53
C SER A 102 20.24 -24.67 4.99
N SER A 103 21.07 -25.65 5.34
CA SER A 103 21.54 -25.80 6.72
C SER A 103 22.97 -25.27 6.85
N GLY A 104 23.85 -25.73 5.97
CA GLY A 104 25.23 -25.30 6.00
C GLY A 104 26.18 -26.42 6.37
N GLY A 1 -29.66 27.95 -1.54
CA GLY A 1 -30.28 27.11 -0.51
C GLY A 1 -29.24 26.34 0.29
N SER A 2 -29.03 25.08 -0.08
CA SER A 2 -28.08 24.23 0.62
C SER A 2 -26.82 25.01 0.98
N SER A 3 -26.16 24.60 2.05
CA SER A 3 -24.94 25.26 2.51
C SER A 3 -24.06 24.30 3.30
N GLY A 4 -22.81 24.69 3.52
CA GLY A 4 -21.88 23.86 4.27
C GLY A 4 -21.63 22.53 3.58
N SER A 5 -21.24 22.59 2.31
CA SER A 5 -20.96 21.38 1.54
C SER A 5 -19.56 20.85 1.83
N SER A 6 -19.44 20.04 2.88
CA SER A 6 -18.15 19.48 3.27
C SER A 6 -18.11 17.98 2.97
N GLY A 7 -16.99 17.53 2.41
CA GLY A 7 -16.83 16.13 2.09
C GLY A 7 -15.65 15.49 2.79
N PRO A 8 -15.86 15.07 4.05
CA PRO A 8 -14.81 14.43 4.86
C PRO A 8 -14.45 13.05 4.35
N LEU A 9 -13.19 12.89 3.93
CA LEU A 9 -12.72 11.61 3.42
C LEU A 9 -11.56 11.09 4.26
N PRO A 10 -11.88 10.36 5.33
CA PRO A 10 -10.88 9.79 6.24
C PRO A 10 -10.10 8.66 5.59
N PRO A 11 -8.81 8.91 5.32
CA PRO A 11 -7.92 7.92 4.69
C PRO A 11 -7.60 6.76 5.63
N PRO A 12 -6.97 5.71 5.08
CA PRO A 12 -6.58 4.52 5.86
C PRO A 12 -5.45 4.81 6.84
N ARG A 13 -5.75 4.67 8.13
CA ARG A 13 -4.76 4.92 9.16
C ARG A 13 -4.41 3.63 9.91
N ALA A 14 -5.43 2.79 10.13
CA ALA A 14 -5.23 1.53 10.82
C ALA A 14 -4.57 0.50 9.92
N LEU A 15 -3.44 0.88 9.35
CA LEU A 15 -2.69 -0.01 8.45
C LEU A 15 -1.97 -1.10 9.25
N THR A 16 -2.33 -2.36 8.98
CA THR A 16 -1.72 -3.49 9.67
C THR A 16 -1.34 -4.58 8.69
N LEU A 17 -0.18 -5.19 8.91
CA LEU A 17 0.30 -6.26 8.04
C LEU A 17 -0.38 -7.58 8.38
N ALA A 18 -1.06 -8.16 7.39
CA ALA A 18 -1.75 -9.42 7.57
C ALA A 18 -0.77 -10.59 7.64
N ALA A 19 0.14 -10.64 6.67
CA ALA A 19 1.14 -11.70 6.62
C ALA A 19 2.39 -11.25 5.88
N VAL A 20 3.55 -11.59 6.42
CA VAL A 20 4.82 -11.21 5.81
C VAL A 20 5.48 -12.41 5.13
N THR A 21 5.45 -12.43 3.81
CA THR A 21 6.04 -13.50 3.04
C THR A 21 7.12 -12.99 2.10
N PRO A 22 8.24 -13.73 2.03
CA PRO A 22 9.39 -13.37 1.18
C PRO A 22 9.07 -13.52 -0.31
N ARG A 23 7.82 -13.87 -0.60
CA ARG A 23 7.39 -14.06 -1.99
C ARG A 23 6.16 -13.20 -2.30
N THR A 24 5.40 -12.88 -1.26
CA THR A 24 4.20 -12.08 -1.42
C THR A 24 3.95 -11.20 -0.19
N VAL A 25 3.33 -10.05 -0.40
CA VAL A 25 3.03 -9.13 0.69
C VAL A 25 1.54 -8.88 0.80
N HIS A 26 0.98 -9.19 1.97
CA HIS A 26 -0.45 -8.99 2.21
C HIS A 26 -0.68 -7.85 3.21
N LEU A 27 -1.35 -6.80 2.75
CA LEU A 27 -1.64 -5.65 3.60
C LEU A 27 -3.14 -5.45 3.75
N THR A 28 -3.54 -4.81 4.85
CA THR A 28 -4.95 -4.55 5.11
C THR A 28 -5.14 -3.31 5.98
N TRP A 29 -6.03 -2.42 5.56
CA TRP A 29 -6.29 -1.20 6.30
C TRP A 29 -7.79 -1.03 6.56
N GLN A 30 -8.15 0.06 7.22
CA GLN A 30 -9.55 0.34 7.53
C GLN A 30 -10.23 1.05 6.37
N PRO A 31 -11.35 0.48 5.90
CA PRO A 31 -12.13 1.04 4.78
C PRO A 31 -12.83 2.34 5.17
N SER A 32 -12.69 3.36 4.32
CA SER A 32 -13.31 4.65 4.57
C SER A 32 -14.81 4.59 4.31
N ALA A 33 -15.54 5.55 4.86
CA ALA A 33 -16.99 5.61 4.69
C ALA A 33 -17.37 6.55 3.55
N GLY A 34 -16.97 6.19 2.34
CA GLY A 34 -17.28 7.01 1.18
C GLY A 34 -16.45 6.63 -0.03
N ALA A 35 -15.15 6.46 0.16
CA ALA A 35 -14.25 6.09 -0.92
C ALA A 35 -14.76 4.88 -1.68
N THR A 36 -15.01 5.05 -2.97
CA THR A 36 -15.50 3.96 -3.80
C THR A 36 -14.39 2.99 -4.17
N HIS A 37 -13.17 3.51 -4.27
CA HIS A 37 -12.01 2.69 -4.61
C HIS A 37 -10.74 3.27 -3.99
N TYR A 38 -9.78 2.38 -3.71
CA TYR A 38 -8.52 2.80 -3.12
C TYR A 38 -7.36 2.62 -4.09
N LEU A 39 -6.42 3.55 -4.07
CA LEU A 39 -5.25 3.49 -4.95
C LEU A 39 -4.04 2.93 -4.22
N VAL A 40 -3.51 1.82 -4.74
CA VAL A 40 -2.35 1.18 -4.14
C VAL A 40 -1.09 1.43 -4.98
N ARG A 41 -0.25 2.35 -4.51
CA ARG A 41 0.99 2.68 -5.22
C ARG A 41 2.16 1.86 -4.67
N CYS A 42 2.71 1.00 -5.51
CA CYS A 42 3.84 0.16 -5.12
C CYS A 42 5.16 0.82 -5.47
N SER A 43 5.87 1.30 -4.45
CA SER A 43 7.15 1.96 -4.65
C SER A 43 8.15 1.55 -3.58
N PRO A 44 9.43 1.42 -3.97
CA PRO A 44 10.51 1.03 -3.07
C PRO A 44 10.83 2.11 -2.05
N ALA A 45 11.34 1.70 -0.89
CA ALA A 45 11.69 2.64 0.17
C ALA A 45 12.92 3.45 -0.21
N SER A 46 13.92 2.79 -0.79
CA SER A 46 15.15 3.45 -1.19
C SER A 46 15.07 3.91 -2.64
N PRO A 47 15.60 5.12 -2.90
CA PRO A 47 15.59 5.71 -4.25
C PRO A 47 16.54 4.97 -5.20
N LYS A 48 17.15 3.90 -4.71
CA LYS A 48 18.07 3.11 -5.53
C LYS A 48 17.37 2.57 -6.76
N GLY A 49 17.38 3.35 -7.84
CA GLY A 49 16.75 2.92 -9.07
C GLY A 49 16.45 4.08 -10.00
N GLU A 50 15.59 3.85 -10.98
CA GLU A 50 15.22 4.88 -11.94
C GLU A 50 13.73 5.15 -11.92
N GLU A 51 13.28 5.95 -10.95
CA GLU A 51 11.86 6.27 -10.82
C GLU A 51 10.99 5.05 -11.10
N GLU A 52 11.41 3.90 -10.56
CA GLU A 52 10.67 2.66 -10.75
C GLU A 52 9.53 2.55 -9.74
N GLU A 53 8.38 3.09 -10.12
CA GLU A 53 7.21 3.05 -9.24
C GLU A 53 6.00 2.47 -9.98
N ARG A 54 5.16 1.74 -9.24
CA ARG A 54 3.97 1.12 -9.82
C ARG A 54 2.72 1.53 -9.05
N GLU A 55 1.57 1.47 -9.72
CA GLU A 55 0.30 1.83 -9.09
C GLU A 55 -0.83 0.98 -9.64
N VAL A 56 -1.74 0.58 -8.76
CA VAL A 56 -2.87 -0.25 -9.15
C VAL A 56 -4.12 0.10 -8.32
N GLN A 57 -5.27 -0.42 -8.75
CA GLN A 57 -6.52 -0.16 -8.06
C GLN A 57 -7.17 -1.46 -7.61
N VAL A 58 -7.52 -1.53 -6.32
CA VAL A 58 -8.15 -2.72 -5.77
C VAL A 58 -9.53 -2.41 -5.20
N GLY A 59 -10.47 -3.32 -5.41
CA GLY A 59 -11.82 -3.11 -4.91
C GLY A 59 -11.96 -3.51 -3.45
N ARG A 60 -10.93 -3.22 -2.67
CA ARG A 60 -10.95 -3.55 -1.24
C ARG A 60 -9.75 -2.93 -0.52
N PRO A 61 -9.89 -2.69 0.79
CA PRO A 61 -8.82 -2.12 1.61
C PRO A 61 -7.66 -3.07 1.80
N GLU A 62 -7.75 -4.26 1.21
CA GLU A 62 -6.71 -5.26 1.33
C GLU A 62 -6.06 -5.53 -0.04
N VAL A 63 -4.74 -5.53 -0.08
CA VAL A 63 -4.01 -5.77 -1.32
C VAL A 63 -2.93 -6.84 -1.11
N LEU A 64 -2.62 -7.57 -2.18
CA LEU A 64 -1.61 -8.61 -2.12
C LEU A 64 -0.69 -8.55 -3.33
N LEU A 65 0.57 -8.23 -3.10
CA LEU A 65 1.56 -8.14 -4.18
C LEU A 65 2.26 -9.47 -4.39
N ASP A 66 2.29 -9.92 -5.64
CA ASP A 66 2.93 -11.19 -5.98
C ASP A 66 4.19 -10.95 -6.82
N GLY A 67 5.15 -11.85 -6.68
CA GLY A 67 6.39 -11.73 -7.43
C GLY A 67 7.32 -10.69 -6.84
N LEU A 68 7.62 -10.83 -5.56
CA LEU A 68 8.51 -9.89 -4.88
C LEU A 68 9.80 -10.57 -4.44
N GLU A 69 10.83 -9.76 -4.20
CA GLU A 69 12.13 -10.29 -3.78
C GLU A 69 12.25 -10.28 -2.26
N PRO A 70 12.83 -11.35 -1.71
CA PRO A 70 13.03 -11.50 -0.26
C PRO A 70 14.07 -10.53 0.28
N GLY A 71 13.89 -10.10 1.52
CA GLY A 71 14.82 -9.17 2.14
C GLY A 71 14.86 -7.83 1.44
N ARG A 72 13.68 -7.29 1.15
CA ARG A 72 13.59 -6.00 0.46
C ARG A 72 12.58 -5.09 1.16
N ASP A 73 12.84 -3.79 1.12
CA ASP A 73 11.95 -2.82 1.75
C ASP A 73 10.99 -2.21 0.72
N TYR A 74 9.73 -2.08 1.11
CA TYR A 74 8.72 -1.53 0.22
C TYR A 74 7.88 -0.47 0.94
N GLU A 75 7.35 0.47 0.17
CA GLU A 75 6.53 1.55 0.72
C GLU A 75 5.21 1.68 -0.02
N VAL A 76 4.25 0.82 0.33
CA VAL A 76 2.94 0.84 -0.32
C VAL A 76 2.08 1.97 0.24
N SER A 77 1.77 2.94 -0.61
CA SER A 77 0.95 4.08 -0.20
C SER A 77 -0.48 3.92 -0.70
N VAL A 78 -1.42 3.96 0.23
CA VAL A 78 -2.84 3.82 -0.11
C VAL A 78 -3.55 5.17 -0.07
N GLN A 79 -4.37 5.43 -1.09
CA GLN A 79 -5.11 6.68 -1.16
C GLN A 79 -6.60 6.42 -1.37
N SER A 80 -7.42 6.98 -0.47
CA SER A 80 -8.85 6.80 -0.55
C SER A 80 -9.44 7.59 -1.72
N LEU A 81 -9.66 6.90 -2.84
CA LEU A 81 -10.22 7.54 -4.03
C LEU A 81 -11.73 7.37 -4.08
N ARG A 82 -12.43 8.47 -4.38
CA ARG A 82 -13.88 8.44 -4.47
C ARG A 82 -14.36 8.96 -5.82
N GLY A 83 -13.56 9.81 -6.43
CA GLY A 83 -13.91 10.38 -7.73
C GLY A 83 -12.77 11.17 -8.35
N PRO A 84 -13.03 12.45 -8.62
CA PRO A 84 -12.03 13.34 -9.23
C PRO A 84 -10.88 13.66 -8.27
N GLU A 85 -11.15 13.56 -6.98
CA GLU A 85 -10.15 13.85 -5.96
C GLU A 85 -10.04 12.69 -4.96
N GLY A 86 -8.85 12.52 -4.39
CA GLY A 86 -8.64 11.46 -3.43
C GLY A 86 -8.12 11.96 -2.11
N SER A 87 -7.87 11.05 -1.17
CA SER A 87 -7.38 11.42 0.15
C SER A 87 -5.86 11.53 0.15
N GLU A 88 -5.30 11.85 1.31
CA GLU A 88 -3.85 11.98 1.45
C GLU A 88 -3.15 10.63 1.25
N ALA A 89 -1.87 10.67 0.94
CA ALA A 89 -1.08 9.47 0.73
C ALA A 89 -0.68 8.84 2.07
N ARG A 90 -1.27 7.70 2.40
CA ARG A 90 -0.97 7.01 3.64
C ARG A 90 -0.27 5.68 3.36
N GLY A 91 1.06 5.68 3.49
CA GLY A 91 1.83 4.48 3.26
C GLY A 91 2.45 3.92 4.53
N ILE A 92 2.88 2.66 4.47
CA ILE A 92 3.49 2.03 5.62
C ILE A 92 4.86 1.45 5.27
N ARG A 93 5.65 1.14 6.29
CA ARG A 93 6.97 0.58 6.10
C ARG A 93 6.92 -0.93 5.96
N ALA A 94 6.76 -1.41 4.72
CA ALA A 94 6.69 -2.84 4.46
C ALA A 94 8.06 -3.49 4.59
N ARG A 95 8.07 -4.75 5.03
CA ARG A 95 9.33 -5.48 5.21
C ARG A 95 9.13 -6.97 4.90
N THR A 96 10.19 -7.62 4.46
CA THR A 96 10.14 -9.04 4.14
C THR A 96 11.45 -9.73 4.47
N PRO A 97 11.37 -10.87 5.18
CA PRO A 97 12.54 -11.65 5.58
C PRO A 97 13.22 -12.33 4.39
N THR A 98 14.19 -13.19 4.67
CA THR A 98 14.91 -13.89 3.63
C THR A 98 14.95 -15.39 3.91
N SER A 99 14.44 -16.18 2.97
CA SER A 99 14.41 -17.63 3.11
C SER A 99 15.77 -18.24 2.77
N GLY A 100 16.50 -18.66 3.79
CA GLY A 100 17.81 -19.26 3.58
C GLY A 100 18.01 -20.51 4.40
N PRO A 101 19.29 -20.86 4.65
CA PRO A 101 19.66 -22.04 5.43
C PRO A 101 19.30 -21.89 6.91
N SER A 102 18.96 -20.67 7.31
CA SER A 102 18.61 -20.38 8.70
C SER A 102 17.14 -19.99 8.82
N SER A 103 16.64 -19.99 10.04
CA SER A 103 15.24 -19.64 10.30
C SER A 103 15.08 -18.13 10.39
N GLY A 104 15.82 -17.50 11.29
CA GLY A 104 15.73 -16.06 11.47
C GLY A 104 17.10 -15.43 11.63
N GLY A 1 1.45 20.10 -7.55
CA GLY A 1 0.60 21.22 -7.16
C GLY A 1 0.66 21.50 -5.68
N SER A 2 1.29 22.61 -5.32
CA SER A 2 1.42 22.99 -3.92
C SER A 2 0.05 23.06 -3.24
N SER A 3 -0.87 23.80 -3.84
CA SER A 3 -2.22 23.94 -3.30
C SER A 3 -3.13 22.86 -3.84
N GLY A 4 -3.90 22.24 -2.94
CA GLY A 4 -4.82 21.19 -3.34
C GLY A 4 -5.99 21.05 -2.40
N SER A 5 -7.20 21.21 -2.93
CA SER A 5 -8.41 21.11 -2.13
C SER A 5 -8.74 19.65 -1.83
N SER A 6 -9.60 19.43 -0.84
CA SER A 6 -10.00 18.08 -0.45
C SER A 6 -11.26 18.12 0.41
N GLY A 7 -12.13 17.14 0.20
CA GLY A 7 -13.37 17.08 0.96
C GLY A 7 -13.27 16.15 2.16
N PRO A 8 -14.41 15.89 2.82
CA PRO A 8 -14.47 15.03 3.99
C PRO A 8 -14.23 13.56 3.64
N LEU A 9 -12.97 13.17 3.60
CA LEU A 9 -12.60 11.79 3.28
C LEU A 9 -11.53 11.26 4.23
N PRO A 10 -11.98 10.55 5.28
CA PRO A 10 -11.07 9.98 6.28
C PRO A 10 -10.24 8.83 5.72
N PRO A 11 -8.93 9.07 5.58
CA PRO A 11 -7.99 8.07 5.05
C PRO A 11 -7.77 6.92 6.03
N PRO A 12 -7.11 5.86 5.54
CA PRO A 12 -6.82 4.67 6.36
C PRO A 12 -5.78 4.95 7.44
N ARG A 13 -6.02 4.44 8.64
CA ARG A 13 -5.11 4.63 9.76
C ARG A 13 -4.69 3.29 10.36
N ALA A 14 -5.65 2.37 10.47
CA ALA A 14 -5.39 1.05 11.03
C ALA A 14 -4.67 0.16 10.02
N LEU A 15 -3.51 0.63 9.54
CA LEU A 15 -2.73 -0.11 8.56
C LEU A 15 -1.91 -1.21 9.25
N THR A 16 -2.20 -2.46 8.92
CA THR A 16 -1.49 -3.59 9.50
C THR A 16 -1.16 -4.64 8.45
N LEU A 17 -0.05 -5.34 8.64
CA LEU A 17 0.37 -6.36 7.70
C LEU A 17 -0.24 -7.72 8.06
N ALA A 18 -1.20 -8.15 7.25
CA ALA A 18 -1.87 -9.43 7.47
C ALA A 18 -0.86 -10.56 7.54
N ALA A 19 0.14 -10.53 6.67
CA ALA A 19 1.18 -11.55 6.63
C ALA A 19 2.44 -11.04 5.94
N VAL A 20 3.58 -11.54 6.38
CA VAL A 20 4.86 -11.13 5.79
C VAL A 20 5.54 -12.31 5.09
N THR A 21 5.48 -12.31 3.76
CA THR A 21 6.09 -13.37 2.97
C THR A 21 7.14 -12.82 2.02
N PRO A 22 8.29 -13.52 1.91
CA PRO A 22 9.39 -13.10 1.04
C PRO A 22 9.04 -13.27 -0.43
N ARG A 23 7.82 -13.69 -0.71
CA ARG A 23 7.37 -13.90 -2.08
C ARG A 23 6.18 -12.99 -2.40
N THR A 24 5.37 -12.71 -1.38
CA THR A 24 4.20 -11.87 -1.55
C THR A 24 3.95 -11.01 -0.31
N VAL A 25 3.39 -9.83 -0.52
CA VAL A 25 3.11 -8.91 0.58
C VAL A 25 1.61 -8.66 0.71
N HIS A 26 1.06 -8.96 1.88
CA HIS A 26 -0.36 -8.76 2.13
C HIS A 26 -0.59 -7.67 3.17
N LEU A 27 -1.39 -6.67 2.82
CA LEU A 27 -1.68 -5.57 3.72
C LEU A 27 -3.18 -5.35 3.85
N THR A 28 -3.60 -4.80 4.98
CA THR A 28 -5.01 -4.54 5.24
C THR A 28 -5.20 -3.30 6.09
N TRP A 29 -6.17 -2.48 5.73
CA TRP A 29 -6.46 -1.24 6.47
C TRP A 29 -7.97 -1.07 6.67
N GLN A 30 -8.34 -0.03 7.41
CA GLN A 30 -9.75 0.25 7.67
C GLN A 30 -10.41 0.88 6.45
N PRO A 31 -11.68 0.51 6.22
CA PRO A 31 -12.46 1.03 5.09
C PRO A 31 -12.81 2.50 5.26
N SER A 32 -12.70 3.27 4.18
CA SER A 32 -13.00 4.69 4.20
C SER A 32 -14.51 4.93 4.16
N ALA A 33 -14.91 6.19 4.09
CA ALA A 33 -16.32 6.55 4.03
C ALA A 33 -16.69 7.09 2.66
N GLY A 34 -17.34 6.26 1.84
CA GLY A 34 -17.74 6.67 0.51
C GLY A 34 -16.61 6.59 -0.48
N ALA A 35 -15.86 5.49 -0.46
CA ALA A 35 -14.74 5.29 -1.37
C ALA A 35 -15.07 4.25 -2.43
N THR A 36 -15.26 4.70 -3.66
CA THR A 36 -15.58 3.80 -4.76
C THR A 36 -14.42 2.86 -5.06
N HIS A 37 -13.20 3.38 -4.94
CA HIS A 37 -12.01 2.57 -5.19
C HIS A 37 -10.83 3.11 -4.39
N TYR A 38 -9.69 2.40 -4.48
CA TYR A 38 -8.49 2.80 -3.76
C TYR A 38 -7.26 2.63 -4.65
N LEU A 39 -6.29 3.52 -4.49
CA LEU A 39 -5.06 3.47 -5.27
C LEU A 39 -3.89 3.04 -4.40
N VAL A 40 -3.29 1.91 -4.76
CA VAL A 40 -2.14 1.38 -4.01
C VAL A 40 -0.85 1.56 -4.80
N ARG A 41 0.00 2.47 -4.34
CA ARG A 41 1.28 2.74 -5.00
C ARG A 41 2.39 1.91 -4.38
N CYS A 42 3.11 1.16 -5.21
CA CYS A 42 4.21 0.33 -4.74
C CYS A 42 5.54 0.83 -5.26
N SER A 43 6.37 1.35 -4.37
CA SER A 43 7.67 1.88 -4.75
C SER A 43 8.76 1.38 -3.81
N PRO A 44 9.95 1.12 -4.36
CA PRO A 44 11.09 0.63 -3.58
C PRO A 44 11.65 1.68 -2.63
N ALA A 45 11.98 1.26 -1.42
CA ALA A 45 12.53 2.18 -0.42
C ALA A 45 13.99 2.47 -0.69
N SER A 46 14.60 1.70 -1.60
CA SER A 46 16.00 1.88 -1.95
C SER A 46 16.14 2.43 -3.36
N PRO A 47 16.81 3.58 -3.48
CA PRO A 47 17.04 4.23 -4.77
C PRO A 47 18.01 3.47 -5.65
N LYS A 48 18.51 2.35 -5.13
CA LYS A 48 19.46 1.51 -5.87
C LYS A 48 18.95 1.24 -7.28
N GLY A 49 17.64 1.25 -7.45
CA GLY A 49 17.05 1.01 -8.75
C GLY A 49 16.30 2.21 -9.29
N GLU A 50 15.35 2.71 -8.50
CA GLU A 50 14.56 3.87 -8.90
C GLU A 50 13.64 3.51 -10.06
N GLU A 51 13.29 2.23 -10.17
CA GLU A 51 12.41 1.76 -11.23
C GLU A 51 11.01 2.37 -11.08
N GLU A 52 10.31 2.50 -12.21
CA GLU A 52 8.97 3.06 -12.21
C GLU A 52 8.13 2.48 -11.07
N GLU A 53 7.26 3.31 -10.50
CA GLU A 53 6.41 2.88 -9.40
C GLU A 53 5.16 2.16 -9.92
N ARG A 54 4.76 1.11 -9.23
CA ARG A 54 3.59 0.34 -9.62
C ARG A 54 2.32 0.94 -9.04
N GLU A 55 1.34 1.20 -9.91
CA GLU A 55 0.07 1.78 -9.48
C GLU A 55 -1.09 0.83 -9.78
N VAL A 56 -1.67 0.28 -8.73
CA VAL A 56 -2.80 -0.63 -8.87
C VAL A 56 -4.01 -0.15 -8.08
N GLN A 57 -5.19 -0.61 -8.47
CA GLN A 57 -6.43 -0.23 -7.81
C GLN A 57 -7.14 -1.45 -7.23
N VAL A 58 -7.41 -1.42 -5.93
CA VAL A 58 -8.09 -2.52 -5.26
C VAL A 58 -9.42 -2.07 -4.69
N GLY A 59 -10.50 -2.73 -5.12
CA GLY A 59 -11.82 -2.38 -4.64
C GLY A 59 -11.97 -2.60 -3.15
N ARG A 60 -11.02 -3.32 -2.56
CA ARG A 60 -11.05 -3.59 -1.12
C ARG A 60 -9.85 -2.95 -0.42
N PRO A 61 -10.00 -2.68 0.89
CA PRO A 61 -8.95 -2.07 1.70
C PRO A 61 -7.77 -3.01 1.93
N GLU A 62 -7.82 -4.18 1.31
CA GLU A 62 -6.77 -5.17 1.45
C GLU A 62 -6.08 -5.42 0.11
N VAL A 63 -4.77 -5.19 0.08
CA VAL A 63 -3.99 -5.39 -1.14
C VAL A 63 -2.96 -6.50 -0.96
N LEU A 64 -2.69 -7.23 -2.04
CA LEU A 64 -1.72 -8.32 -1.99
C LEU A 64 -0.78 -8.27 -3.20
N LEU A 65 0.46 -7.87 -2.97
CA LEU A 65 1.45 -7.77 -4.03
C LEU A 65 2.24 -9.08 -4.16
N ASP A 66 2.16 -9.70 -5.33
CA ASP A 66 2.86 -10.95 -5.58
C ASP A 66 4.10 -10.70 -6.45
N GLY A 67 5.16 -11.48 -6.19
CA GLY A 67 6.38 -11.33 -6.94
C GLY A 67 7.29 -10.24 -6.39
N LEU A 68 7.89 -10.51 -5.23
CA LEU A 68 8.78 -9.55 -4.59
C LEU A 68 10.08 -10.22 -4.16
N GLU A 69 11.03 -9.41 -3.71
CA GLU A 69 12.33 -9.92 -3.27
C GLU A 69 12.41 -9.93 -1.75
N PRO A 70 13.07 -10.96 -1.20
CA PRO A 70 13.24 -11.10 0.25
C PRO A 70 14.19 -10.08 0.83
N GLY A 71 13.94 -9.66 2.07
CA GLY A 71 14.79 -8.68 2.71
C GLY A 71 14.81 -7.35 1.98
N ARG A 72 13.62 -6.88 1.59
CA ARG A 72 13.50 -5.61 0.87
C ARG A 72 12.37 -4.77 1.45
N ASP A 73 12.64 -3.48 1.64
CA ASP A 73 11.65 -2.57 2.18
C ASP A 73 10.87 -1.88 1.07
N TYR A 74 9.55 -1.86 1.19
CA TYR A 74 8.69 -1.25 0.19
C TYR A 74 7.85 -0.14 0.82
N GLU A 75 7.50 0.86 0.01
CA GLU A 75 6.69 1.98 0.48
C GLU A 75 5.30 1.95 -0.16
N VAL A 76 4.40 1.15 0.42
CA VAL A 76 3.04 1.03 -0.08
C VAL A 76 2.14 2.11 0.51
N SER A 77 1.71 3.04 -0.33
CA SER A 77 0.85 4.13 0.11
C SER A 77 -0.58 3.93 -0.40
N VAL A 78 -1.55 4.08 0.49
CA VAL A 78 -2.95 3.91 0.12
C VAL A 78 -3.69 5.25 0.17
N GLN A 79 -4.54 5.48 -0.82
CA GLN A 79 -5.31 6.73 -0.89
C GLN A 79 -6.76 6.45 -1.27
N SER A 80 -7.68 6.81 -0.37
CA SER A 80 -9.09 6.59 -0.60
C SER A 80 -9.58 7.41 -1.81
N LEU A 81 -9.91 6.71 -2.89
CA LEU A 81 -10.39 7.37 -4.11
C LEU A 81 -11.90 7.24 -4.23
N ARG A 82 -12.58 8.39 -4.21
CA ARG A 82 -14.04 8.40 -4.32
C ARG A 82 -14.47 8.85 -5.71
N GLY A 83 -13.50 9.32 -6.50
CA GLY A 83 -13.80 9.78 -7.85
C GLY A 83 -12.85 10.86 -8.32
N PRO A 84 -13.27 12.12 -8.18
CA PRO A 84 -12.47 13.27 -8.58
C PRO A 84 -11.25 13.47 -7.70
N GLU A 85 -11.47 13.49 -6.39
CA GLU A 85 -10.38 13.67 -5.43
C GLU A 85 -10.40 12.58 -4.37
N GLY A 86 -9.21 12.24 -3.86
CA GLY A 86 -9.12 11.21 -2.84
C GLY A 86 -8.68 11.75 -1.49
N SER A 87 -8.20 10.87 -0.63
CA SER A 87 -7.76 11.26 0.70
C SER A 87 -6.24 11.46 0.73
N GLU A 88 -5.71 11.74 1.91
CA GLU A 88 -4.28 11.95 2.07
C GLU A 88 -3.50 10.65 1.85
N ALA A 89 -2.21 10.78 1.60
CA ALA A 89 -1.35 9.62 1.38
C ALA A 89 -0.95 8.97 2.69
N ARG A 90 -1.38 7.72 2.88
CA ARG A 90 -1.06 6.98 4.10
C ARG A 90 -0.52 5.60 3.76
N GLY A 91 0.81 5.46 3.81
CA GLY A 91 1.42 4.19 3.52
C GLY A 91 2.17 3.61 4.70
N ILE A 92 2.48 2.32 4.64
CA ILE A 92 3.19 1.65 5.72
C ILE A 92 4.40 0.89 5.19
N ARG A 93 5.46 0.84 5.99
CA ARG A 93 6.68 0.14 5.61
C ARG A 93 6.41 -1.33 5.36
N ALA A 94 6.87 -1.84 4.22
CA ALA A 94 6.68 -3.24 3.86
C ALA A 94 7.98 -4.02 4.01
N ARG A 95 8.15 -4.66 5.17
CA ARG A 95 9.35 -5.44 5.44
C ARG A 95 9.11 -6.92 5.13
N THR A 96 10.16 -7.60 4.68
CA THR A 96 10.06 -9.02 4.36
C THR A 96 11.35 -9.75 4.73
N PRO A 97 11.19 -10.94 5.34
CA PRO A 97 12.33 -11.77 5.76
C PRO A 97 13.08 -12.37 4.57
N THR A 98 13.90 -13.37 4.85
CA THR A 98 14.67 -14.04 3.80
C THR A 98 14.48 -15.55 3.86
N SER A 99 13.57 -16.06 3.02
CA SER A 99 13.30 -17.49 2.99
C SER A 99 14.57 -18.30 3.24
N GLY A 100 14.58 -19.04 4.35
CA GLY A 100 15.74 -19.85 4.68
C GLY A 100 16.95 -19.01 5.04
N PRO A 101 17.95 -19.63 5.66
CA PRO A 101 19.19 -18.95 6.05
C PRO A 101 20.05 -18.55 4.86
N SER A 102 20.89 -17.54 5.06
CA SER A 102 21.77 -17.05 4.00
C SER A 102 23.23 -17.29 4.35
N SER A 103 23.62 -16.86 5.54
CA SER A 103 25.00 -17.02 5.99
C SER A 103 25.98 -16.70 4.87
N GLY A 104 25.70 -15.63 4.13
CA GLY A 104 26.57 -15.24 3.04
C GLY A 104 27.50 -14.11 3.42
N GLY A 1 -8.25 19.02 -13.58
CA GLY A 1 -8.02 19.73 -12.33
C GLY A 1 -6.60 19.55 -11.83
N SER A 2 -6.02 20.64 -11.33
CA SER A 2 -4.65 20.61 -10.82
C SER A 2 -4.65 20.42 -9.30
N SER A 3 -4.42 19.18 -8.87
CA SER A 3 -4.39 18.85 -7.45
C SER A 3 -5.51 19.59 -6.70
N GLY A 4 -6.71 19.54 -7.26
CA GLY A 4 -7.84 20.19 -6.64
C GLY A 4 -8.50 19.34 -5.57
N SER A 5 -7.86 19.26 -4.40
CA SER A 5 -8.40 18.46 -3.31
C SER A 5 -9.51 19.20 -2.58
N SER A 6 -10.69 18.57 -2.52
CA SER A 6 -11.84 19.18 -1.85
C SER A 6 -12.94 18.14 -1.63
N GLY A 7 -13.15 17.79 -0.36
CA GLY A 7 -14.17 16.81 -0.03
C GLY A 7 -13.76 15.92 1.14
N PRO A 8 -14.74 15.55 1.96
CA PRO A 8 -14.51 14.69 3.13
C PRO A 8 -14.15 13.26 2.74
N LEU A 9 -12.85 12.97 2.71
CA LEU A 9 -12.38 11.63 2.35
C LEU A 9 -11.30 11.17 3.32
N PRO A 10 -11.73 10.47 4.39
CA PRO A 10 -10.82 9.95 5.41
C PRO A 10 -9.96 8.80 4.89
N PRO A 11 -8.66 9.07 4.73
CA PRO A 11 -7.70 8.06 4.24
C PRO A 11 -7.45 6.95 5.26
N PRO A 12 -6.77 5.89 4.82
CA PRO A 12 -6.45 4.74 5.67
C PRO A 12 -5.43 5.08 6.74
N ARG A 13 -5.71 4.65 7.97
CA ARG A 13 -4.81 4.91 9.09
C ARG A 13 -4.40 3.61 9.77
N ALA A 14 -5.37 2.73 10.02
CA ALA A 14 -5.09 1.45 10.66
C ALA A 14 -4.46 0.47 9.67
N LEU A 15 -3.33 0.87 9.10
CA LEU A 15 -2.63 0.02 8.13
C LEU A 15 -1.92 -1.13 8.84
N THR A 16 -2.56 -2.29 8.84
CA THR A 16 -2.00 -3.48 9.48
C THR A 16 -1.51 -4.49 8.43
N LEU A 17 -0.40 -5.15 8.73
CA LEU A 17 0.17 -6.13 7.83
C LEU A 17 -0.44 -7.50 8.05
N ALA A 18 -1.32 -7.91 7.14
CA ALA A 18 -1.99 -9.20 7.24
C ALA A 18 -0.98 -10.32 7.48
N ALA A 19 0.13 -10.28 6.75
CA ALA A 19 1.17 -11.29 6.89
C ALA A 19 2.46 -10.85 6.19
N VAL A 20 3.54 -11.55 6.49
CA VAL A 20 4.85 -11.22 5.90
C VAL A 20 5.46 -12.44 5.22
N THR A 21 5.47 -12.44 3.89
CA THR A 21 6.03 -13.54 3.12
C THR A 21 7.16 -13.07 2.23
N PRO A 22 8.25 -13.84 2.18
CA PRO A 22 9.42 -13.52 1.37
C PRO A 22 9.14 -13.67 -0.13
N ARG A 23 7.91 -14.06 -0.46
CA ARG A 23 7.53 -14.23 -1.85
C ARG A 23 6.36 -13.31 -2.21
N THR A 24 5.62 -12.89 -1.19
CA THR A 24 4.47 -12.01 -1.40
C THR A 24 4.24 -11.11 -0.19
N VAL A 25 3.56 -10.00 -0.40
CA VAL A 25 3.27 -9.06 0.68
C VAL A 25 1.77 -8.79 0.78
N HIS A 26 1.22 -9.00 1.98
CA HIS A 26 -0.20 -8.78 2.21
C HIS A 26 -0.43 -7.59 3.14
N LEU A 27 -1.31 -6.69 2.74
CA LEU A 27 -1.61 -5.50 3.54
C LEU A 27 -3.11 -5.36 3.74
N THR A 28 -3.50 -4.68 4.82
CA THR A 28 -4.91 -4.47 5.13
C THR A 28 -5.10 -3.19 5.94
N TRP A 29 -6.03 -2.35 5.50
CA TRP A 29 -6.32 -1.10 6.20
C TRP A 29 -7.82 -0.92 6.40
N GLN A 30 -8.20 0.18 7.05
CA GLN A 30 -9.60 0.46 7.32
C GLN A 30 -10.27 1.10 6.11
N PRO A 31 -11.51 0.68 5.82
CA PRO A 31 -12.28 1.20 4.69
C PRO A 31 -12.72 2.64 4.91
N SER A 32 -12.81 3.40 3.81
CA SER A 32 -13.22 4.80 3.88
C SER A 32 -14.72 4.94 3.68
N ALA A 33 -15.33 5.83 4.44
CA ALA A 33 -16.78 6.07 4.34
C ALA A 33 -17.11 6.89 3.10
N GLY A 34 -17.40 6.20 2.00
CA GLY A 34 -17.74 6.87 0.76
C GLY A 34 -16.86 6.44 -0.40
N ALA A 35 -15.57 6.31 -0.14
CA ALA A 35 -14.62 5.89 -1.16
C ALA A 35 -15.09 4.63 -1.87
N THR A 36 -15.53 4.76 -3.11
CA THR A 36 -16.00 3.63 -3.88
C THR A 36 -14.86 2.68 -4.23
N HIS A 37 -13.64 3.18 -4.18
CA HIS A 37 -12.46 2.38 -4.49
C HIS A 37 -11.24 2.92 -3.77
N TYR A 38 -10.14 2.17 -3.83
CA TYR A 38 -8.90 2.57 -3.17
C TYR A 38 -7.69 2.26 -4.06
N LEU A 39 -6.75 3.18 -4.11
CA LEU A 39 -5.54 3.00 -4.90
C LEU A 39 -4.42 2.37 -4.08
N VAL A 40 -3.43 1.81 -4.76
CA VAL A 40 -2.30 1.18 -4.09
C VAL A 40 -0.99 1.45 -4.83
N ARG A 41 -0.14 2.28 -4.25
CA ARG A 41 1.14 2.61 -4.85
C ARG A 41 2.24 1.67 -4.38
N CYS A 42 2.78 0.88 -5.30
CA CYS A 42 3.83 -0.06 -4.97
C CYS A 42 5.19 0.45 -5.43
N SER A 43 5.94 1.04 -4.51
CA SER A 43 7.26 1.58 -4.82
C SER A 43 8.31 1.06 -3.84
N PRO A 44 9.55 0.92 -4.33
CA PRO A 44 10.67 0.43 -3.50
C PRO A 44 11.09 1.45 -2.44
N ALA A 45 11.62 0.94 -1.33
CA ALA A 45 12.06 1.81 -0.24
C ALA A 45 13.37 2.50 -0.60
N SER A 46 14.17 1.86 -1.44
CA SER A 46 15.46 2.42 -1.85
C SER A 46 15.41 2.85 -3.31
N PRO A 47 15.74 4.12 -3.56
CA PRO A 47 15.75 4.69 -4.91
C PRO A 47 16.87 4.14 -5.77
N LYS A 48 17.69 3.26 -5.18
CA LYS A 48 18.81 2.65 -5.90
C LYS A 48 18.37 2.18 -7.27
N GLY A 49 18.85 2.88 -8.31
CA GLY A 49 18.50 2.51 -9.67
C GLY A 49 17.44 3.41 -10.27
N GLU A 50 16.60 2.85 -11.11
CA GLU A 50 15.53 3.61 -11.76
C GLU A 50 14.31 3.72 -10.84
N GLU A 51 14.36 4.67 -9.91
CA GLU A 51 13.26 4.87 -8.97
C GLU A 51 11.93 5.00 -9.72
N GLU A 52 11.20 3.89 -9.79
CA GLU A 52 9.91 3.87 -10.47
C GLU A 52 8.79 3.53 -9.49
N GLU A 53 7.65 4.19 -9.65
CA GLU A 53 6.50 3.96 -8.79
C GLU A 53 5.34 3.34 -9.57
N ARG A 54 4.54 2.53 -8.89
CA ARG A 54 3.40 1.87 -9.52
C ARG A 54 2.09 2.44 -9.00
N GLU A 55 1.06 2.40 -9.84
CA GLU A 55 -0.26 2.91 -9.47
C GLU A 55 -1.36 1.96 -9.92
N VAL A 56 -1.96 1.26 -8.96
CA VAL A 56 -3.03 0.33 -9.27
C VAL A 56 -4.23 0.53 -8.35
N GLN A 57 -5.40 0.12 -8.81
CA GLN A 57 -6.62 0.27 -8.02
C GLN A 57 -7.09 -1.08 -7.48
N VAL A 58 -7.51 -1.11 -6.23
CA VAL A 58 -7.98 -2.33 -5.60
C VAL A 58 -9.41 -2.18 -5.08
N GLY A 59 -10.29 -3.08 -5.50
CA GLY A 59 -11.68 -3.02 -5.06
C GLY A 59 -11.83 -3.27 -3.58
N ARG A 60 -10.72 -3.62 -2.91
CA ARG A 60 -10.75 -3.90 -1.49
C ARG A 60 -9.58 -3.21 -0.78
N PRO A 61 -9.77 -2.89 0.50
CA PRO A 61 -8.75 -2.23 1.32
C PRO A 61 -7.56 -3.14 1.62
N GLU A 62 -7.59 -4.34 1.06
CA GLU A 62 -6.52 -5.31 1.27
C GLU A 62 -5.87 -5.69 -0.05
N VAL A 63 -4.57 -5.43 -0.17
CA VAL A 63 -3.82 -5.74 -1.38
C VAL A 63 -2.77 -6.80 -1.11
N LEU A 64 -2.53 -7.66 -2.11
CA LEU A 64 -1.54 -8.72 -1.98
C LEU A 64 -0.60 -8.73 -3.18
N LEU A 65 0.66 -8.41 -2.93
CA LEU A 65 1.66 -8.39 -3.99
C LEU A 65 2.42 -9.71 -4.05
N ASP A 66 2.35 -10.38 -5.20
CA ASP A 66 3.03 -11.65 -5.39
C ASP A 66 4.20 -11.50 -6.36
N GLY A 67 5.30 -12.18 -6.06
CA GLY A 67 6.48 -12.11 -6.91
C GLY A 67 7.48 -11.07 -6.42
N LEU A 68 7.77 -11.09 -5.13
CA LEU A 68 8.72 -10.15 -4.55
C LEU A 68 10.02 -10.85 -4.18
N GLU A 69 10.96 -10.09 -3.61
CA GLU A 69 12.25 -10.64 -3.22
C GLU A 69 12.43 -10.55 -1.71
N PRO A 70 13.08 -11.57 -1.13
CA PRO A 70 13.34 -11.63 0.32
C PRO A 70 14.37 -10.60 0.76
N GLY A 71 14.17 -10.06 1.96
CA GLY A 71 15.10 -9.07 2.49
C GLY A 71 15.03 -7.76 1.73
N ARG A 72 13.82 -7.32 1.40
CA ARG A 72 13.64 -6.08 0.66
C ARG A 72 12.50 -5.26 1.27
N ASP A 73 12.76 -3.97 1.48
CA ASP A 73 11.76 -3.08 2.06
C ASP A 73 10.96 -2.39 0.96
N TYR A 74 9.65 -2.21 1.20
CA TYR A 74 8.77 -1.58 0.24
C TYR A 74 7.95 -0.48 0.90
N GLU A 75 7.71 0.60 0.15
CA GLU A 75 6.94 1.72 0.66
C GLU A 75 5.57 1.78 0.00
N VAL A 76 4.65 0.96 0.48
CA VAL A 76 3.30 0.91 -0.07
C VAL A 76 2.46 2.10 0.43
N SER A 77 2.07 2.97 -0.49
CA SER A 77 1.27 4.14 -0.15
C SER A 77 -0.13 4.03 -0.72
N VAL A 78 -1.12 3.96 0.17
CA VAL A 78 -2.51 3.85 -0.24
C VAL A 78 -3.16 5.23 -0.37
N GLN A 79 -4.24 5.30 -1.15
CA GLN A 79 -4.94 6.56 -1.36
C GLN A 79 -6.40 6.31 -1.74
N SER A 80 -7.31 6.77 -0.90
CA SER A 80 -8.74 6.59 -1.14
C SER A 80 -9.20 7.43 -2.33
N LEU A 81 -10.09 6.87 -3.14
CA LEU A 81 -10.61 7.57 -4.30
C LEU A 81 -12.13 7.49 -4.36
N ARG A 82 -12.78 8.64 -4.30
CA ARG A 82 -14.24 8.69 -4.35
C ARG A 82 -14.71 9.61 -5.47
N GLY A 83 -13.81 10.44 -5.98
CA GLY A 83 -14.16 11.36 -7.05
C GLY A 83 -12.94 11.80 -7.84
N PRO A 84 -12.99 13.05 -8.35
CA PRO A 84 -11.89 13.62 -9.13
C PRO A 84 -10.65 13.90 -8.29
N GLU A 85 -10.79 13.76 -6.97
CA GLU A 85 -9.69 14.00 -6.05
C GLU A 85 -9.50 12.82 -5.11
N GLY A 86 -8.26 12.60 -4.69
CA GLY A 86 -7.97 11.50 -3.78
C GLY A 86 -7.63 11.97 -2.39
N SER A 87 -7.36 11.02 -1.49
CA SER A 87 -7.04 11.35 -0.11
C SER A 87 -5.52 11.42 0.08
N GLU A 88 -5.11 11.84 1.28
CA GLU A 88 -3.68 11.95 1.58
C GLU A 88 -2.98 10.60 1.42
N ALA A 89 -1.69 10.65 1.12
CA ALA A 89 -0.90 9.44 0.94
C ALA A 89 -0.55 8.80 2.28
N ARG A 90 -1.11 7.63 2.53
CA ARG A 90 -0.86 6.91 3.78
C ARG A 90 -0.30 5.52 3.50
N GLY A 91 1.03 5.37 3.63
CA GLY A 91 1.66 4.10 3.39
C GLY A 91 2.38 3.57 4.62
N ILE A 92 2.69 2.27 4.61
CA ILE A 92 3.38 1.65 5.73
C ILE A 92 4.74 1.11 5.31
N ARG A 93 5.64 0.94 6.28
CA ARG A 93 6.97 0.44 6.01
C ARG A 93 6.98 -1.10 5.97
N ALA A 94 6.58 -1.66 4.84
CA ALA A 94 6.55 -3.10 4.67
C ALA A 94 7.94 -3.71 4.84
N ARG A 95 7.98 -4.96 5.28
CA ARG A 95 9.25 -5.66 5.49
C ARG A 95 9.12 -7.14 5.15
N THR A 96 10.23 -7.75 4.77
CA THR A 96 10.24 -9.16 4.41
C THR A 96 11.56 -9.82 4.81
N PRO A 97 11.46 -10.95 5.51
CA PRO A 97 12.64 -11.70 5.97
C PRO A 97 13.38 -12.38 4.81
N THR A 98 14.35 -13.22 5.15
CA THR A 98 15.14 -13.92 4.15
C THR A 98 15.17 -15.43 4.42
N SER A 99 14.52 -16.19 3.56
CA SER A 99 14.47 -17.64 3.71
C SER A 99 15.81 -18.27 3.34
N GLY A 100 16.78 -18.15 4.24
CA GLY A 100 18.10 -18.71 3.99
C GLY A 100 18.97 -17.79 3.17
N PRO A 101 20.19 -17.50 3.69
CA PRO A 101 21.15 -16.63 3.01
C PRO A 101 21.71 -17.25 1.74
N SER A 102 21.83 -16.45 0.70
CA SER A 102 22.36 -16.92 -0.58
C SER A 102 23.45 -16.00 -1.09
N SER A 103 24.21 -16.47 -2.08
CA SER A 103 25.30 -15.69 -2.66
C SER A 103 24.86 -15.03 -3.96
N GLY A 104 25.60 -14.00 -4.37
CA GLY A 104 25.25 -13.30 -5.59
C GLY A 104 26.26 -13.55 -6.70
N GLY A 1 -1.79 22.71 -5.87
CA GLY A 1 -3.09 22.57 -5.23
C GLY A 1 -4.24 22.77 -6.21
N SER A 2 -5.12 21.78 -6.29
CA SER A 2 -6.26 21.84 -7.19
C SER A 2 -7.47 22.46 -6.49
N SER A 3 -8.10 23.41 -7.16
CA SER A 3 -9.27 24.09 -6.61
C SER A 3 -10.56 23.42 -7.08
N GLY A 4 -11.35 22.94 -6.13
CA GLY A 4 -12.60 22.28 -6.46
C GLY A 4 -13.47 22.04 -5.24
N SER A 5 -14.34 21.05 -5.33
CA SER A 5 -15.24 20.72 -4.23
C SER A 5 -14.50 19.98 -3.11
N SER A 6 -15.16 19.83 -1.97
CA SER A 6 -14.56 19.16 -0.83
C SER A 6 -15.61 18.34 -0.07
N GLY A 7 -15.21 17.16 0.38
CA GLY A 7 -16.11 16.30 1.12
C GLY A 7 -15.40 15.44 2.15
N PRO A 8 -16.19 14.81 3.03
CA PRO A 8 -15.65 13.95 4.09
C PRO A 8 -15.05 12.66 3.54
N LEU A 9 -13.73 12.63 3.41
CA LEU A 9 -13.05 11.45 2.89
C LEU A 9 -11.86 11.09 3.78
N PRO A 10 -12.14 10.34 4.86
CA PRO A 10 -11.10 9.90 5.80
C PRO A 10 -10.17 8.87 5.20
N PRO A 11 -8.86 9.20 5.14
CA PRO A 11 -7.84 8.31 4.58
C PRO A 11 -7.58 7.11 5.48
N PRO A 12 -6.96 6.07 4.91
CA PRO A 12 -6.64 4.83 5.64
C PRO A 12 -5.55 5.04 6.68
N ARG A 13 -5.84 4.67 7.92
CA ARG A 13 -4.88 4.82 9.01
C ARG A 13 -4.63 3.48 9.70
N ALA A 14 -5.64 2.61 9.68
CA ALA A 14 -5.53 1.30 10.30
C ALA A 14 -4.72 0.35 9.42
N LEU A 15 -3.56 0.79 8.99
CA LEU A 15 -2.69 -0.03 8.14
C LEU A 15 -1.90 -1.03 8.98
N THR A 16 -2.02 -2.31 8.64
CA THR A 16 -1.32 -3.36 9.36
C THR A 16 -0.88 -4.48 8.41
N LEU A 17 0.22 -5.13 8.75
CA LEU A 17 0.75 -6.22 7.93
C LEU A 17 0.04 -7.53 8.25
N ALA A 18 -0.87 -7.94 7.37
CA ALA A 18 -1.62 -9.17 7.56
C ALA A 18 -0.68 -10.36 7.68
N ALA A 19 0.36 -10.38 6.84
CA ALA A 19 1.33 -11.47 6.86
C ALA A 19 2.59 -11.09 6.09
N VAL A 20 3.74 -11.59 6.55
CA VAL A 20 5.01 -11.30 5.91
C VAL A 20 5.60 -12.55 5.26
N THR A 21 5.57 -12.58 3.93
CA THR A 21 6.09 -13.72 3.19
C THR A 21 7.23 -13.29 2.26
N PRO A 22 8.30 -14.10 2.22
CA PRO A 22 9.47 -13.83 1.38
C PRO A 22 9.16 -14.00 -0.11
N ARG A 23 7.89 -14.19 -0.43
CA ARG A 23 7.47 -14.38 -1.81
C ARG A 23 6.37 -13.38 -2.18
N THR A 24 5.56 -13.01 -1.20
CA THR A 24 4.47 -12.06 -1.42
C THR A 24 4.19 -11.25 -0.17
N VAL A 25 3.59 -10.07 -0.35
CA VAL A 25 3.27 -9.19 0.77
C VAL A 25 1.78 -8.90 0.82
N HIS A 26 1.18 -9.09 1.99
CA HIS A 26 -0.24 -8.86 2.18
C HIS A 26 -0.48 -7.71 3.16
N LEU A 27 -1.26 -6.72 2.73
CA LEU A 27 -1.56 -5.56 3.56
C LEU A 27 -3.07 -5.34 3.66
N THR A 28 -3.50 -4.82 4.80
CA THR A 28 -4.92 -4.56 5.02
C THR A 28 -5.13 -3.29 5.84
N TRP A 29 -6.06 -2.47 5.41
CA TRP A 29 -6.36 -1.21 6.11
C TRP A 29 -7.86 -1.04 6.31
N GLN A 30 -8.25 0.10 6.87
CA GLN A 30 -9.66 0.38 7.12
C GLN A 30 -10.28 1.14 5.95
N PRO A 31 -11.53 0.79 5.61
CA PRO A 31 -12.26 1.43 4.51
C PRO A 31 -12.63 2.87 4.81
N SER A 32 -13.17 3.56 3.81
CA SER A 32 -13.57 4.95 3.97
C SER A 32 -15.06 5.13 3.68
N ALA A 33 -15.70 6.02 4.44
CA ALA A 33 -17.12 6.28 4.27
C ALA A 33 -17.38 7.12 3.02
N GLY A 34 -17.59 6.44 1.90
CA GLY A 34 -17.85 7.13 0.66
C GLY A 34 -16.97 6.63 -0.47
N ALA A 35 -15.67 6.55 -0.21
CA ALA A 35 -14.72 6.09 -1.22
C ALA A 35 -15.07 4.67 -1.70
N THR A 36 -15.22 4.52 -3.00
CA THR A 36 -15.56 3.23 -3.58
C THR A 36 -14.33 2.56 -4.18
N HIS A 37 -13.23 3.31 -4.27
CA HIS A 37 -11.99 2.78 -4.82
C HIS A 37 -10.79 3.42 -4.13
N TYR A 38 -9.66 2.71 -4.15
CA TYR A 38 -8.44 3.20 -3.52
C TYR A 38 -7.23 2.98 -4.43
N LEU A 39 -6.33 3.96 -4.45
CA LEU A 39 -5.13 3.87 -5.28
C LEU A 39 -3.98 3.23 -4.50
N VAL A 40 -3.50 2.09 -4.99
CA VAL A 40 -2.40 1.39 -4.34
C VAL A 40 -1.08 1.69 -5.04
N ARG A 41 -0.25 2.51 -4.39
CA ARG A 41 1.05 2.88 -4.93
C ARG A 41 2.14 1.95 -4.42
N CYS A 42 2.65 1.11 -5.31
CA CYS A 42 3.70 0.15 -4.95
C CYS A 42 5.07 0.64 -5.43
N SER A 43 5.91 1.08 -4.49
CA SER A 43 7.23 1.58 -4.83
C SER A 43 8.24 1.18 -3.76
N PRO A 44 9.47 0.84 -4.20
CA PRO A 44 10.55 0.44 -3.29
C PRO A 44 11.07 1.61 -2.46
N ALA A 45 11.56 1.30 -1.27
CA ALA A 45 12.10 2.32 -0.38
C ALA A 45 13.49 2.77 -0.82
N SER A 46 14.23 1.86 -1.44
CA SER A 46 15.57 2.16 -1.91
C SER A 46 15.54 2.70 -3.34
N PRO A 47 16.11 3.90 -3.53
CA PRO A 47 16.16 4.55 -4.84
C PRO A 47 17.11 3.84 -5.81
N LYS A 48 17.81 2.83 -5.30
CA LYS A 48 18.75 2.08 -6.12
C LYS A 48 18.02 1.08 -7.00
N GLY A 49 17.02 1.55 -7.74
CA GLY A 49 16.26 0.68 -8.61
C GLY A 49 15.87 1.36 -9.91
N GLU A 50 16.10 0.67 -11.03
CA GLU A 50 15.78 1.22 -12.34
C GLU A 50 14.27 1.25 -12.56
N GLU A 51 13.62 0.13 -12.30
CA GLU A 51 12.17 0.03 -12.46
C GLU A 51 11.48 1.27 -11.91
N GLU A 52 10.31 1.60 -12.45
CA GLU A 52 9.54 2.75 -12.01
C GLU A 52 8.48 2.34 -11.00
N GLU A 53 7.69 3.32 -10.55
CA GLU A 53 6.63 3.06 -9.57
C GLU A 53 5.47 2.31 -10.22
N ARG A 54 4.75 1.53 -9.41
CA ARG A 54 3.62 0.76 -9.90
C ARG A 54 2.33 1.21 -9.25
N GLU A 55 1.49 1.91 -10.02
CA GLU A 55 0.23 2.41 -9.51
C GLU A 55 -0.93 1.54 -9.99
N VAL A 56 -1.70 1.02 -9.05
CA VAL A 56 -2.85 0.16 -9.37
C VAL A 56 -4.06 0.52 -8.53
N GLN A 57 -5.22 -0.01 -8.91
CA GLN A 57 -6.46 0.25 -8.17
C GLN A 57 -7.15 -1.04 -7.80
N VAL A 58 -7.44 -1.21 -6.51
CA VAL A 58 -8.10 -2.40 -6.01
C VAL A 58 -9.48 -2.08 -5.45
N GLY A 59 -10.40 -3.02 -5.57
CA GLY A 59 -11.76 -2.82 -5.07
C GLY A 59 -11.89 -3.19 -3.60
N ARG A 60 -10.76 -3.43 -2.95
CA ARG A 60 -10.75 -3.80 -1.54
C ARG A 60 -9.57 -3.16 -0.81
N PRO A 61 -9.77 -2.85 0.48
CA PRO A 61 -8.73 -2.24 1.31
C PRO A 61 -7.57 -3.20 1.60
N GLU A 62 -7.65 -4.40 1.04
CA GLU A 62 -6.62 -5.41 1.24
C GLU A 62 -5.99 -5.81 -0.09
N VAL A 63 -4.66 -5.66 -0.18
CA VAL A 63 -3.94 -6.01 -1.40
C VAL A 63 -2.86 -7.05 -1.12
N LEU A 64 -2.54 -7.85 -2.13
CA LEU A 64 -1.52 -8.89 -1.99
C LEU A 64 -0.56 -8.86 -3.17
N LEU A 65 0.67 -8.43 -2.91
CA LEU A 65 1.69 -8.36 -3.95
C LEU A 65 2.41 -9.70 -4.11
N ASP A 66 2.03 -10.45 -5.13
CA ASP A 66 2.64 -11.75 -5.39
C ASP A 66 3.89 -11.60 -6.26
N GLY A 67 4.93 -12.36 -5.93
CA GLY A 67 6.16 -12.29 -6.69
C GLY A 67 7.08 -11.19 -6.20
N LEU A 68 7.73 -11.41 -5.07
CA LEU A 68 8.63 -10.43 -4.49
C LEU A 68 9.95 -11.08 -4.08
N GLU A 69 10.93 -10.26 -3.74
CA GLU A 69 12.24 -10.75 -3.32
C GLU A 69 12.43 -10.59 -1.81
N PRO A 70 13.10 -11.57 -1.20
CA PRO A 70 13.37 -11.55 0.24
C PRO A 70 14.38 -10.49 0.64
N GLY A 71 14.17 -9.88 1.81
CA GLY A 71 15.07 -8.85 2.28
C GLY A 71 15.03 -7.61 1.42
N ARG A 72 13.83 -7.06 1.24
CA ARG A 72 13.65 -5.86 0.43
C ARG A 72 12.64 -4.91 1.07
N ASP A 73 12.97 -3.62 1.08
CA ASP A 73 12.10 -2.61 1.67
C ASP A 73 11.12 -2.06 0.63
N TYR A 74 9.83 -2.16 0.92
CA TYR A 74 8.80 -1.67 0.02
C TYR A 74 7.88 -0.69 0.71
N GLU A 75 7.55 0.40 0.02
CA GLU A 75 6.67 1.42 0.58
C GLU A 75 5.32 1.43 -0.14
N VAL A 76 4.30 0.90 0.52
CA VAL A 76 2.96 0.85 -0.05
C VAL A 76 2.10 1.99 0.46
N SER A 77 1.66 2.84 -0.47
CA SER A 77 0.82 3.99 -0.11
C SER A 77 -0.61 3.78 -0.58
N VAL A 78 -1.55 3.86 0.35
CA VAL A 78 -2.97 3.67 0.03
C VAL A 78 -3.71 5.01 0.09
N GLN A 79 -4.49 5.29 -0.94
CA GLN A 79 -5.27 6.52 -1.01
C GLN A 79 -6.74 6.23 -1.27
N SER A 80 -7.60 6.84 -0.44
CA SER A 80 -9.04 6.64 -0.57
C SER A 80 -9.63 7.60 -1.60
N LEU A 81 -10.01 7.06 -2.75
CA LEU A 81 -10.60 7.88 -3.82
C LEU A 81 -12.10 7.67 -3.90
N ARG A 82 -12.82 8.73 -4.26
CA ARG A 82 -14.27 8.66 -4.39
C ARG A 82 -14.74 9.32 -5.68
N GLY A 83 -14.04 10.38 -6.08
CA GLY A 83 -14.40 11.08 -7.29
C GLY A 83 -13.19 11.53 -8.09
N PRO A 84 -13.20 12.79 -8.55
CA PRO A 84 -12.10 13.36 -9.33
C PRO A 84 -10.84 13.56 -8.50
N GLU A 85 -11.01 13.60 -7.18
CA GLU A 85 -9.88 13.79 -6.28
C GLU A 85 -9.85 12.71 -5.21
N GLY A 86 -8.65 12.39 -4.72
CA GLY A 86 -8.51 11.37 -3.70
C GLY A 86 -8.06 11.94 -2.36
N SER A 87 -8.08 11.12 -1.33
CA SER A 87 -7.68 11.55 0.00
C SER A 87 -6.16 11.59 0.12
N GLU A 88 -5.68 12.05 1.28
CA GLU A 88 -4.24 12.14 1.52
C GLU A 88 -3.57 10.78 1.34
N ALA A 89 -2.24 10.80 1.25
CA ALA A 89 -1.48 9.56 1.08
C ALA A 89 -1.06 8.99 2.42
N ARG A 90 -1.48 7.76 2.69
CA ARG A 90 -1.15 7.09 3.94
C ARG A 90 -0.56 5.71 3.68
N GLY A 91 0.75 5.59 3.81
CA GLY A 91 1.42 4.32 3.58
C GLY A 91 2.08 3.78 4.83
N ILE A 92 2.41 2.50 4.82
CA ILE A 92 3.05 1.86 5.96
C ILE A 92 4.35 1.19 5.55
N ARG A 93 5.33 1.21 6.47
CA ARG A 93 6.63 0.60 6.20
C ARG A 93 6.51 -0.92 6.11
N ALA A 94 6.76 -1.45 4.92
CA ALA A 94 6.69 -2.89 4.70
C ALA A 94 8.07 -3.49 4.52
N ARG A 95 8.26 -4.69 5.04
CA ARG A 95 9.55 -5.38 4.94
C ARG A 95 9.35 -6.89 4.85
N THR A 96 10.40 -7.59 4.43
CA THR A 96 10.34 -9.04 4.31
C THR A 96 11.66 -9.68 4.72
N PRO A 97 11.57 -10.81 5.43
CA PRO A 97 12.75 -11.55 5.91
C PRO A 97 13.51 -12.21 4.77
N THR A 98 14.48 -13.05 5.13
CA THR A 98 15.29 -13.75 4.14
C THR A 98 15.30 -15.25 4.40
N SER A 99 14.38 -15.96 3.77
CA SER A 99 14.27 -17.42 3.94
C SER A 99 15.45 -18.12 3.27
N GLY A 100 16.14 -18.95 4.03
CA GLY A 100 17.28 -19.68 3.49
C GLY A 100 18.27 -20.09 4.57
N PRO A 101 19.47 -20.50 4.15
CA PRO A 101 20.53 -20.92 5.08
C PRO A 101 21.11 -19.76 5.88
N SER A 102 20.74 -18.55 5.50
CA SER A 102 21.21 -17.36 6.18
C SER A 102 20.51 -17.17 7.52
N SER A 103 21.26 -17.29 8.61
CA SER A 103 20.70 -17.15 9.95
C SER A 103 21.29 -15.93 10.65
N GLY A 104 20.56 -14.82 10.61
CA GLY A 104 21.02 -13.60 11.24
C GLY A 104 21.77 -12.70 10.29
N GLY A 1 7.73 18.87 7.98
CA GLY A 1 6.59 18.17 7.43
C GLY A 1 5.59 19.10 6.78
N SER A 2 4.33 19.03 7.21
CA SER A 2 3.29 19.87 6.65
C SER A 2 2.23 20.19 7.72
N SER A 3 1.25 21.01 7.34
CA SER A 3 0.19 21.40 8.25
C SER A 3 -0.89 20.33 8.32
N GLY A 4 -1.66 20.33 9.40
CA GLY A 4 -2.73 19.37 9.57
C GLY A 4 -4.11 20.00 9.57
N SER A 5 -4.94 19.61 8.62
CA SER A 5 -6.29 20.15 8.51
C SER A 5 -7.25 19.11 7.95
N SER A 6 -8.51 19.21 8.36
CA SER A 6 -9.53 18.27 7.90
C SER A 6 -10.21 18.78 6.63
N GLY A 7 -10.88 17.88 5.92
CA GLY A 7 -11.56 18.26 4.70
C GLY A 7 -12.00 17.05 3.87
N PRO A 8 -11.01 16.37 3.26
CA PRO A 8 -11.27 15.18 2.44
C PRO A 8 -11.72 13.99 3.26
N LEU A 9 -11.97 12.87 2.60
CA LEU A 9 -12.40 11.65 3.26
C LEU A 9 -11.31 11.13 4.20
N PRO A 10 -11.73 10.37 5.22
CA PRO A 10 -10.81 9.78 6.21
C PRO A 10 -9.94 8.68 5.61
N PRO A 11 -8.64 8.97 5.47
CA PRO A 11 -7.69 8.00 4.91
C PRO A 11 -7.43 6.83 5.84
N PRO A 12 -6.73 5.80 5.34
CA PRO A 12 -6.40 4.60 6.12
C PRO A 12 -5.39 4.89 7.21
N ARG A 13 -5.78 4.64 8.46
CA ARG A 13 -4.90 4.87 9.60
C ARG A 13 -4.50 3.55 10.25
N ALA A 14 -5.46 2.64 10.36
CA ALA A 14 -5.22 1.33 10.96
C ALA A 14 -4.56 0.38 9.96
N LEU A 15 -3.38 0.77 9.47
CA LEU A 15 -2.65 -0.05 8.51
C LEU A 15 -1.86 -1.15 9.22
N THR A 16 -2.33 -2.38 9.08
CA THR A 16 -1.68 -3.52 9.69
C THR A 16 -1.35 -4.60 8.66
N LEU A 17 -0.13 -5.13 8.74
CA LEU A 17 0.30 -6.17 7.82
C LEU A 17 -0.34 -7.51 8.14
N ALA A 18 -1.03 -8.08 7.16
CA ALA A 18 -1.69 -9.36 7.34
C ALA A 18 -0.68 -10.50 7.49
N ALA A 19 0.32 -10.51 6.62
CA ALA A 19 1.36 -11.54 6.66
C ALA A 19 2.61 -11.08 5.91
N VAL A 20 3.76 -11.62 6.32
CA VAL A 20 5.02 -11.27 5.69
C VAL A 20 5.64 -12.47 4.97
N THR A 21 5.61 -12.44 3.65
CA THR A 21 6.17 -13.53 2.84
C THR A 21 7.25 -13.02 1.90
N PRO A 22 8.35 -13.78 1.79
CA PRO A 22 9.47 -13.43 0.93
C PRO A 22 9.12 -13.55 -0.55
N ARG A 23 7.89 -13.96 -0.83
CA ARG A 23 7.43 -14.11 -2.21
C ARG A 23 6.17 -13.28 -2.47
N THR A 24 5.51 -12.88 -1.38
CA THR A 24 4.29 -12.08 -1.49
C THR A 24 4.11 -11.20 -0.26
N VAL A 25 3.37 -10.10 -0.43
CA VAL A 25 3.13 -9.17 0.66
C VAL A 25 1.64 -8.85 0.78
N HIS A 26 1.09 -9.05 1.97
CA HIS A 26 -0.32 -8.76 2.22
C HIS A 26 -0.49 -7.59 3.17
N LEU A 27 -1.52 -6.79 2.93
CA LEU A 27 -1.79 -5.61 3.76
C LEU A 27 -3.30 -5.41 3.94
N THR A 28 -3.68 -4.79 5.04
CA THR A 28 -5.08 -4.53 5.33
C THR A 28 -5.25 -3.26 6.15
N TRP A 29 -6.19 -2.42 5.73
CA TRP A 29 -6.45 -1.16 6.43
C TRP A 29 -7.95 -0.95 6.65
N GLN A 30 -8.30 0.13 7.31
CA GLN A 30 -9.70 0.44 7.58
C GLN A 30 -10.37 1.08 6.37
N PRO A 31 -11.57 0.59 6.04
CA PRO A 31 -12.34 1.10 4.89
C PRO A 31 -12.87 2.51 5.12
N SER A 32 -12.82 3.33 4.08
CA SER A 32 -13.29 4.70 4.17
C SER A 32 -14.81 4.79 3.98
N ALA A 33 -15.39 5.90 4.41
CA ALA A 33 -16.83 6.09 4.29
C ALA A 33 -17.16 7.02 3.13
N GLY A 34 -17.24 6.46 1.93
CA GLY A 34 -17.54 7.25 0.75
C GLY A 34 -16.72 6.84 -0.45
N ALA A 35 -15.42 6.68 -0.26
CA ALA A 35 -14.52 6.29 -1.33
C ALA A 35 -14.98 4.99 -1.99
N THR A 36 -15.18 5.03 -3.30
CA THR A 36 -15.62 3.86 -4.04
C THR A 36 -14.44 2.98 -4.45
N HIS A 37 -13.30 3.61 -4.72
CA HIS A 37 -12.10 2.89 -5.10
C HIS A 37 -10.88 3.46 -4.40
N TYR A 38 -9.87 2.61 -4.18
CA TYR A 38 -8.65 3.02 -3.51
C TYR A 38 -7.44 2.79 -4.41
N LEU A 39 -6.52 3.76 -4.42
CA LEU A 39 -5.32 3.67 -5.24
C LEU A 39 -4.13 3.20 -4.41
N VAL A 40 -3.54 2.08 -4.82
CA VAL A 40 -2.39 1.52 -4.12
C VAL A 40 -1.12 1.65 -4.95
N ARG A 41 -0.25 2.58 -4.55
CA ARG A 41 1.00 2.79 -5.26
C ARG A 41 2.10 1.89 -4.70
N CYS A 42 2.83 1.23 -5.61
CA CYS A 42 3.91 0.34 -5.21
C CYS A 42 5.27 0.90 -5.63
N SER A 43 6.13 1.16 -4.65
CA SER A 43 7.45 1.70 -4.92
C SER A 43 8.45 1.24 -3.86
N PRO A 44 9.72 1.08 -4.27
CA PRO A 44 10.80 0.64 -3.37
C PRO A 44 11.17 1.72 -2.35
N ALA A 45 11.48 1.29 -1.14
CA ALA A 45 11.85 2.21 -0.08
C ALA A 45 13.24 2.81 -0.33
N SER A 46 14.15 1.97 -0.81
CA SER A 46 15.52 2.41 -1.09
C SER A 46 15.59 3.15 -2.43
N PRO A 47 16.25 4.31 -2.42
CA PRO A 47 16.41 5.14 -3.62
C PRO A 47 17.34 4.50 -4.64
N LYS A 48 17.89 3.34 -4.30
CA LYS A 48 18.80 2.62 -5.18
C LYS A 48 18.07 2.07 -6.39
N GLY A 49 18.45 2.55 -7.57
CA GLY A 49 17.81 2.09 -8.80
C GLY A 49 16.69 3.00 -9.24
N GLU A 50 16.67 3.32 -10.53
CA GLU A 50 15.64 4.19 -11.08
C GLU A 50 14.53 3.38 -11.74
N GLU A 51 13.70 2.73 -10.91
CA GLU A 51 12.60 1.93 -11.40
C GLU A 51 11.29 2.70 -11.37
N GLU A 52 10.59 2.73 -12.50
CA GLU A 52 9.32 3.43 -12.59
C GLU A 52 8.37 3.00 -11.48
N GLU A 53 7.72 3.98 -10.84
CA GLU A 53 6.79 3.68 -9.76
C GLU A 53 5.52 3.05 -10.29
N ARG A 54 5.11 1.93 -9.68
CA ARG A 54 3.91 1.22 -10.09
C ARG A 54 2.70 1.67 -9.28
N GLU A 55 1.52 1.51 -9.85
CA GLU A 55 0.28 1.91 -9.18
C GLU A 55 -0.86 0.97 -9.56
N VAL A 56 -1.43 0.30 -8.56
CA VAL A 56 -2.54 -0.62 -8.79
C VAL A 56 -3.74 -0.26 -7.92
N GLN A 57 -4.92 -0.65 -8.39
CA GLN A 57 -6.15 -0.36 -7.67
C GLN A 57 -6.82 -1.65 -7.18
N VAL A 58 -7.54 -1.57 -6.07
CA VAL A 58 -8.22 -2.73 -5.51
C VAL A 58 -9.59 -2.34 -4.96
N GLY A 59 -10.59 -3.17 -5.23
CA GLY A 59 -11.93 -2.90 -4.75
C GLY A 59 -12.04 -3.00 -3.24
N ARG A 60 -11.14 -3.76 -2.63
CA ARG A 60 -11.13 -3.94 -1.18
C ARG A 60 -9.93 -3.25 -0.55
N PRO A 61 -10.05 -2.89 0.74
CA PRO A 61 -8.98 -2.23 1.48
C PRO A 61 -7.79 -3.15 1.75
N GLU A 62 -7.87 -4.37 1.22
CA GLU A 62 -6.80 -5.35 1.42
C GLU A 62 -6.14 -5.69 0.08
N VAL A 63 -4.86 -5.38 -0.04
CA VAL A 63 -4.12 -5.66 -1.26
C VAL A 63 -3.01 -6.67 -1.02
N LEU A 64 -2.76 -7.52 -2.01
CA LEU A 64 -1.73 -8.54 -1.89
C LEU A 64 -0.81 -8.53 -3.11
N LEU A 65 0.40 -8.02 -2.93
CA LEU A 65 1.37 -7.95 -4.02
C LEU A 65 2.12 -9.27 -4.16
N ASP A 66 2.24 -9.75 -5.40
CA ASP A 66 2.93 -11.01 -5.68
C ASP A 66 4.21 -10.75 -6.47
N GLY A 67 4.99 -11.81 -6.68
CA GLY A 67 6.23 -11.68 -7.41
C GLY A 67 7.12 -10.60 -6.86
N LEU A 68 7.51 -10.74 -5.60
CA LEU A 68 8.38 -9.76 -4.94
C LEU A 68 9.73 -10.37 -4.60
N GLU A 69 10.61 -9.57 -4.00
CA GLU A 69 11.93 -10.03 -3.62
C GLU A 69 12.12 -9.96 -2.10
N PRO A 70 12.73 -11.02 -1.54
CA PRO A 70 12.97 -11.11 -0.10
C PRO A 70 14.04 -10.12 0.37
N GLY A 71 13.99 -9.77 1.66
CA GLY A 71 14.95 -8.83 2.20
C GLY A 71 14.93 -7.49 1.49
N ARG A 72 13.74 -6.95 1.28
CA ARG A 72 13.58 -5.67 0.61
C ARG A 72 12.52 -4.82 1.28
N ASP A 73 12.60 -3.51 1.09
CA ASP A 73 11.63 -2.58 1.68
C ASP A 73 10.76 -1.95 0.61
N TYR A 74 9.44 -2.02 0.80
CA TYR A 74 8.50 -1.46 -0.15
C TYR A 74 7.55 -0.47 0.52
N GLU A 75 7.52 0.75 0.01
CA GLU A 75 6.66 1.79 0.57
C GLU A 75 5.30 1.80 -0.13
N VAL A 76 4.37 0.99 0.38
CA VAL A 76 3.03 0.91 -0.20
C VAL A 76 2.12 1.98 0.38
N SER A 77 1.74 2.94 -0.46
CA SER A 77 0.87 4.03 -0.03
C SER A 77 -0.55 3.83 -0.54
N VAL A 78 -1.52 3.91 0.36
CA VAL A 78 -2.92 3.73 0.01
C VAL A 78 -3.67 5.05 0.06
N GLN A 79 -4.48 5.30 -0.96
CA GLN A 79 -5.26 6.54 -1.03
C GLN A 79 -6.69 6.25 -1.46
N SER A 80 -7.65 6.56 -0.58
CA SER A 80 -9.06 6.34 -0.87
C SER A 80 -9.56 7.35 -1.90
N LEU A 81 -9.90 6.84 -3.08
CA LEU A 81 -10.41 7.68 -4.16
C LEU A 81 -11.93 7.60 -4.25
N ARG A 82 -12.59 8.72 -3.95
CA ARG A 82 -14.04 8.77 -4.01
C ARG A 82 -14.52 9.42 -5.31
N GLY A 83 -13.72 9.28 -6.35
CA GLY A 83 -14.07 9.85 -7.64
C GLY A 83 -13.10 10.91 -8.09
N PRO A 84 -13.50 12.19 -7.95
CA PRO A 84 -12.67 13.33 -8.34
C PRO A 84 -11.47 13.50 -7.43
N GLU A 85 -11.71 13.50 -6.12
CA GLU A 85 -10.65 13.67 -5.14
C GLU A 85 -10.56 12.46 -4.22
N GLY A 86 -9.36 12.16 -3.76
CA GLY A 86 -9.17 11.02 -2.87
C GLY A 86 -8.75 11.44 -1.47
N SER A 87 -8.22 10.49 -0.70
CA SER A 87 -7.80 10.77 0.66
C SER A 87 -6.29 11.03 0.71
N GLU A 88 -5.80 11.41 1.88
CA GLU A 88 -4.38 11.69 2.07
C GLU A 88 -3.55 10.44 1.87
N ALA A 89 -2.29 10.63 1.46
CA ALA A 89 -1.38 9.51 1.24
C ALA A 89 -0.88 8.93 2.55
N ARG A 90 -1.24 7.68 2.83
CA ARG A 90 -0.83 7.01 4.06
C ARG A 90 -0.17 5.67 3.75
N GLY A 91 1.16 5.64 3.85
CA GLY A 91 1.89 4.42 3.58
C GLY A 91 2.43 3.78 4.84
N ILE A 92 2.84 2.51 4.74
CA ILE A 92 3.38 1.79 5.88
C ILE A 92 4.69 1.11 5.52
N ARG A 93 5.54 0.89 6.53
CA ARG A 93 6.82 0.24 6.32
C ARG A 93 6.65 -1.26 6.08
N ALA A 94 6.76 -1.67 4.82
CA ALA A 94 6.61 -3.08 4.47
C ALA A 94 7.97 -3.74 4.26
N ARG A 95 8.26 -4.75 5.06
CA ARG A 95 9.54 -5.46 4.97
C ARG A 95 9.31 -6.96 4.82
N THR A 96 10.34 -7.66 4.36
CA THR A 96 10.25 -9.11 4.16
C THR A 96 11.57 -9.79 4.50
N PRO A 97 11.48 -10.98 5.11
CA PRO A 97 12.66 -11.75 5.51
C PRO A 97 13.41 -12.32 4.30
N THR A 98 14.39 -13.18 4.57
CA THR A 98 15.18 -13.79 3.51
C THR A 98 15.16 -15.31 3.62
N SER A 99 14.72 -15.97 2.56
CA SER A 99 14.66 -17.43 2.54
C SER A 99 15.98 -18.03 2.07
N GLY A 100 17.07 -17.46 2.55
CA GLY A 100 18.39 -17.95 2.16
C GLY A 100 18.61 -19.39 2.57
N PRO A 101 19.39 -20.13 1.75
CA PRO A 101 19.69 -21.54 2.03
C PRO A 101 20.62 -21.72 3.22
N SER A 102 20.33 -22.71 4.05
CA SER A 102 21.13 -22.99 5.23
C SER A 102 20.70 -24.30 5.89
N SER A 103 21.68 -25.04 6.40
CA SER A 103 21.40 -26.32 7.06
C SER A 103 22.42 -26.60 8.15
N GLY A 104 21.93 -26.90 9.35
CA GLY A 104 22.81 -27.17 10.46
C GLY A 104 23.49 -28.53 10.33
N GLY A 1 -10.19 29.47 -1.00
CA GLY A 1 -10.96 29.03 -2.14
C GLY A 1 -11.18 27.53 -2.13
N SER A 2 -11.89 27.04 -1.12
CA SER A 2 -12.17 25.61 -0.99
C SER A 2 -13.66 25.37 -0.78
N SER A 3 -14.33 24.88 -1.81
CA SER A 3 -15.75 24.61 -1.73
C SER A 3 -16.24 23.88 -2.99
N GLY A 4 -17.20 22.97 -2.80
CA GLY A 4 -17.73 22.22 -3.93
C GLY A 4 -16.92 20.98 -4.23
N SER A 5 -16.94 20.02 -3.30
CA SER A 5 -16.20 18.77 -3.46
C SER A 5 -17.13 17.57 -3.32
N SER A 6 -16.61 16.40 -3.66
CA SER A 6 -17.39 15.16 -3.58
C SER A 6 -17.84 14.90 -2.13
N GLY A 7 -16.86 14.76 -1.24
CA GLY A 7 -17.16 14.50 0.15
C GLY A 7 -15.94 14.15 0.96
N PRO A 8 -16.13 13.92 2.27
CA PRO A 8 -15.04 13.56 3.18
C PRO A 8 -14.50 12.16 2.91
N LEU A 9 -13.27 12.09 2.40
CA LEU A 9 -12.64 10.81 2.10
C LEU A 9 -11.37 10.61 2.92
N PRO A 10 -11.55 10.14 4.17
CA PRO A 10 -10.43 9.90 5.09
C PRO A 10 -9.57 8.72 4.65
N PRO A 11 -8.24 8.92 4.68
CA PRO A 11 -7.28 7.88 4.30
C PRO A 11 -7.24 6.73 5.31
N PRO A 12 -6.54 5.65 4.93
CA PRO A 12 -6.39 4.48 5.79
C PRO A 12 -5.52 4.74 7.00
N ARG A 13 -6.11 4.65 8.18
CA ARG A 13 -5.38 4.88 9.43
C ARG A 13 -4.88 3.57 10.02
N ALA A 14 -5.78 2.60 10.15
CA ALA A 14 -5.44 1.29 10.70
C ALA A 14 -4.67 0.46 9.68
N LEU A 15 -3.53 0.98 9.22
CA LEU A 15 -2.71 0.28 8.25
C LEU A 15 -1.84 -0.77 8.93
N THR A 16 -2.29 -2.03 8.88
CA THR A 16 -1.54 -3.13 9.49
C THR A 16 -1.26 -4.22 8.47
N LEU A 17 -0.09 -4.84 8.59
CA LEU A 17 0.31 -5.91 7.68
C LEU A 17 -0.46 -7.19 7.98
N ALA A 18 -1.31 -7.60 7.04
CA ALA A 18 -2.10 -8.82 7.21
C ALA A 18 -1.21 -10.04 7.30
N ALA A 19 -0.27 -10.17 6.37
CA ALA A 19 0.65 -11.30 6.34
C ALA A 19 1.96 -10.93 5.64
N VAL A 20 3.07 -11.27 6.28
CA VAL A 20 4.39 -10.97 5.72
C VAL A 20 4.99 -12.20 5.05
N THR A 21 5.11 -12.14 3.72
CA THR A 21 5.66 -13.26 2.96
C THR A 21 6.89 -12.82 2.18
N PRO A 22 7.94 -13.65 2.18
CA PRO A 22 9.18 -13.38 1.47
C PRO A 22 9.02 -13.46 -0.05
N ARG A 23 7.81 -13.81 -0.49
CA ARG A 23 7.53 -13.91 -1.91
C ARG A 23 6.35 -13.03 -2.29
N THR A 24 5.59 -12.59 -1.28
CA THR A 24 4.43 -11.74 -1.52
C THR A 24 4.17 -10.83 -0.32
N VAL A 25 3.39 -9.77 -0.55
CA VAL A 25 3.06 -8.83 0.51
C VAL A 25 1.57 -8.52 0.53
N HIS A 26 0.97 -8.64 1.72
CA HIS A 26 -0.46 -8.38 1.88
C HIS A 26 -0.69 -7.30 2.94
N LEU A 27 -1.29 -6.19 2.52
CA LEU A 27 -1.57 -5.08 3.43
C LEU A 27 -3.07 -4.88 3.58
N THR A 28 -3.52 -4.70 4.82
CA THR A 28 -4.94 -4.49 5.10
C THR A 28 -5.15 -3.25 5.96
N TRP A 29 -6.11 -2.43 5.58
CA TRP A 29 -6.42 -1.21 6.32
C TRP A 29 -7.92 -1.10 6.60
N GLN A 30 -8.31 -0.02 7.25
CA GLN A 30 -9.72 0.21 7.59
C GLN A 30 -10.48 0.74 6.39
N PRO A 31 -11.72 0.24 6.20
CA PRO A 31 -12.58 0.66 5.08
C PRO A 31 -13.07 2.10 5.24
N SER A 32 -13.08 2.83 4.14
CA SER A 32 -13.52 4.22 4.14
C SER A 32 -15.05 4.31 4.07
N ALA A 33 -15.59 5.39 4.61
CA ALA A 33 -17.03 5.59 4.60
C ALA A 33 -17.49 6.26 3.31
N GLY A 34 -17.56 5.47 2.24
CA GLY A 34 -17.98 6.01 0.96
C GLY A 34 -17.13 5.49 -0.19
N ALA A 35 -15.81 5.54 -0.01
CA ALA A 35 -14.89 5.08 -1.04
C ALA A 35 -15.20 3.64 -1.46
N THR A 36 -15.31 3.41 -2.76
CA THR A 36 -15.60 2.08 -3.28
C THR A 36 -14.34 1.38 -3.78
N HIS A 37 -13.30 2.17 -4.01
CA HIS A 37 -12.03 1.64 -4.48
C HIS A 37 -10.86 2.44 -3.93
N TYR A 38 -9.72 1.77 -3.74
CA TYR A 38 -8.53 2.42 -3.22
C TYR A 38 -7.35 2.26 -4.17
N LEU A 39 -6.42 3.20 -4.11
CA LEU A 39 -5.24 3.17 -4.97
C LEU A 39 -4.01 2.71 -4.20
N VAL A 40 -3.32 1.71 -4.74
CA VAL A 40 -2.12 1.17 -4.11
C VAL A 40 -0.88 1.45 -4.95
N ARG A 41 0.07 2.17 -4.35
CA ARG A 41 1.31 2.51 -5.04
C ARG A 41 2.49 1.73 -4.46
N CYS A 42 3.04 0.82 -5.26
CA CYS A 42 4.17 0.01 -4.83
C CYS A 42 5.49 0.65 -5.25
N SER A 43 6.32 1.00 -4.27
CA SER A 43 7.61 1.63 -4.54
C SER A 43 8.67 1.12 -3.57
N PRO A 44 9.90 0.94 -4.07
CA PRO A 44 11.03 0.46 -3.27
C PRO A 44 11.50 1.50 -2.25
N ALA A 45 11.86 1.03 -1.07
CA ALA A 45 12.33 1.92 0.00
C ALA A 45 13.75 2.40 -0.28
N SER A 46 14.54 1.54 -0.92
CA SER A 46 15.93 1.88 -1.24
C SER A 46 16.00 2.72 -2.50
N PRO A 47 16.88 3.74 -2.49
CA PRO A 47 17.07 4.63 -3.63
C PRO A 47 17.75 3.94 -4.81
N LYS A 48 18.12 2.69 -4.61
CA LYS A 48 18.78 1.91 -5.66
C LYS A 48 17.97 1.95 -6.95
N GLY A 49 16.64 1.91 -6.82
CA GLY A 49 15.78 1.95 -7.99
C GLY A 49 14.86 3.15 -7.99
N GLU A 50 15.17 4.14 -8.83
CA GLU A 50 14.36 5.35 -8.92
C GLU A 50 13.43 5.29 -10.13
N GLU A 51 12.84 4.11 -10.36
CA GLU A 51 11.94 3.92 -11.48
C GLU A 51 10.50 4.27 -11.08
N GLU A 52 9.74 4.80 -12.05
CA GLU A 52 8.36 5.18 -11.80
C GLU A 52 7.70 4.23 -10.81
N GLU A 53 6.82 4.76 -9.98
CA GLU A 53 6.12 3.96 -8.98
C GLU A 53 4.94 3.23 -9.61
N ARG A 54 4.54 2.11 -9.00
CA ARG A 54 3.42 1.32 -9.49
C ARG A 54 2.10 1.93 -9.08
N GLU A 55 1.06 1.65 -9.85
CA GLU A 55 -0.27 2.17 -9.58
C GLU A 55 -1.35 1.14 -9.88
N VAL A 56 -2.03 0.66 -8.84
CA VAL A 56 -3.08 -0.33 -8.99
C VAL A 56 -4.33 0.07 -8.22
N GLN A 57 -5.46 -0.53 -8.59
CA GLN A 57 -6.73 -0.24 -7.93
C GLN A 57 -7.35 -1.51 -7.37
N VAL A 58 -7.89 -1.41 -6.15
CA VAL A 58 -8.52 -2.56 -5.51
C VAL A 58 -9.86 -2.16 -4.88
N GLY A 59 -10.89 -2.96 -5.15
CA GLY A 59 -12.20 -2.69 -4.61
C GLY A 59 -12.26 -2.83 -3.11
N ARG A 60 -11.30 -3.56 -2.55
CA ARG A 60 -11.24 -3.76 -1.10
C ARG A 60 -10.00 -3.11 -0.51
N PRO A 61 -10.06 -2.78 0.79
CA PRO A 61 -8.96 -2.14 1.51
C PRO A 61 -7.78 -3.10 1.71
N GLU A 62 -7.90 -4.31 1.16
CA GLU A 62 -6.84 -5.30 1.27
C GLU A 62 -6.21 -5.60 -0.08
N VAL A 63 -4.91 -5.36 -0.19
CA VAL A 63 -4.20 -5.60 -1.44
C VAL A 63 -3.08 -6.63 -1.24
N LEU A 64 -2.75 -7.35 -2.30
CA LEU A 64 -1.69 -8.36 -2.24
C LEU A 64 -0.74 -8.23 -3.42
N LEU A 65 0.50 -7.87 -3.13
CA LEU A 65 1.51 -7.71 -4.18
C LEU A 65 2.33 -8.99 -4.35
N ASP A 66 2.36 -9.51 -5.57
CA ASP A 66 3.11 -10.72 -5.87
C ASP A 66 4.39 -10.40 -6.64
N GLY A 67 5.33 -11.35 -6.62
CA GLY A 67 6.58 -11.14 -7.32
C GLY A 67 7.48 -10.14 -6.61
N LEU A 68 7.97 -10.50 -5.43
CA LEU A 68 8.84 -9.64 -4.66
C LEU A 68 10.06 -10.40 -4.16
N GLU A 69 10.99 -9.68 -3.52
CA GLU A 69 12.20 -10.29 -3.00
C GLU A 69 12.18 -10.30 -1.47
N PRO A 70 12.72 -11.38 -0.88
CA PRO A 70 12.78 -11.54 0.57
C PRO A 70 13.76 -10.58 1.22
N GLY A 71 13.58 -10.34 2.53
CA GLY A 71 14.46 -9.44 3.24
C GLY A 71 14.56 -8.08 2.58
N ARG A 72 13.43 -7.56 2.10
CA ARG A 72 13.40 -6.27 1.44
C ARG A 72 12.22 -5.44 1.92
N ASP A 73 12.45 -4.15 2.15
CA ASP A 73 11.40 -3.25 2.62
C ASP A 73 10.77 -2.51 1.45
N TYR A 74 9.45 -2.37 1.48
CA TYR A 74 8.72 -1.69 0.41
C TYR A 74 7.77 -0.65 0.99
N GLU A 75 7.69 0.50 0.33
CA GLU A 75 6.82 1.58 0.78
C GLU A 75 5.51 1.59 -0.02
N VAL A 76 4.48 0.95 0.54
CA VAL A 76 3.18 0.89 -0.12
C VAL A 76 2.27 2.01 0.36
N SER A 77 2.10 3.02 -0.49
CA SER A 77 1.26 4.17 -0.15
C SER A 77 -0.17 3.95 -0.66
N VAL A 78 -1.11 3.90 0.28
CA VAL A 78 -2.52 3.70 -0.08
C VAL A 78 -3.27 5.02 -0.10
N GLN A 79 -4.20 5.15 -1.04
CA GLN A 79 -4.99 6.37 -1.17
C GLN A 79 -6.44 6.04 -1.50
N SER A 80 -7.34 6.36 -0.58
CA SER A 80 -8.76 6.10 -0.77
C SER A 80 -9.30 6.88 -1.97
N LEU A 81 -10.15 6.22 -2.75
CA LEU A 81 -10.72 6.86 -3.93
C LEU A 81 -12.25 6.71 -3.93
N ARG A 82 -12.94 7.81 -4.20
CA ARG A 82 -14.40 7.80 -4.23
C ARG A 82 -14.92 8.54 -5.46
N GLY A 83 -14.38 9.73 -5.71
CA GLY A 83 -14.81 10.50 -6.86
C GLY A 83 -13.64 10.91 -7.74
N PRO A 84 -13.74 12.13 -8.31
CA PRO A 84 -12.69 12.67 -9.19
C PRO A 84 -11.41 13.01 -8.42
N GLU A 85 -11.50 12.99 -7.11
CA GLU A 85 -10.35 13.30 -6.26
C GLU A 85 -10.12 12.20 -5.23
N GLY A 86 -8.85 11.88 -4.99
CA GLY A 86 -8.51 10.84 -4.02
C GLY A 86 -8.27 11.40 -2.64
N SER A 87 -7.93 10.52 -1.70
CA SER A 87 -7.67 10.94 -0.33
C SER A 87 -6.17 11.10 -0.09
N GLU A 88 -5.82 11.52 1.12
CA GLU A 88 -4.42 11.73 1.49
C GLU A 88 -3.59 10.47 1.20
N ALA A 89 -2.28 10.62 1.23
CA ALA A 89 -1.38 9.50 0.98
C ALA A 89 -0.76 8.99 2.28
N ARG A 90 -1.04 7.74 2.61
CA ARG A 90 -0.52 7.13 3.83
C ARG A 90 0.22 5.83 3.52
N GLY A 91 1.53 5.84 3.77
CA GLY A 91 2.34 4.65 3.52
C GLY A 91 2.82 4.00 4.79
N ILE A 92 3.04 2.69 4.73
CA ILE A 92 3.51 1.94 5.88
C ILE A 92 4.72 1.08 5.53
N ARG A 93 5.63 0.91 6.49
CA ARG A 93 6.83 0.11 6.28
C ARG A 93 6.47 -1.36 6.09
N ALA A 94 6.69 -1.87 4.88
CA ALA A 94 6.39 -3.27 4.58
C ALA A 94 7.68 -4.09 4.46
N ARG A 95 8.02 -4.79 5.53
CA ARG A 95 9.22 -5.62 5.56
C ARG A 95 8.90 -7.05 5.13
N THR A 96 9.93 -7.90 5.14
CA THR A 96 9.76 -9.30 4.76
C THR A 96 10.94 -10.14 5.22
N PRO A 97 10.65 -11.36 5.68
CA PRO A 97 11.67 -12.30 6.16
C PRO A 97 12.56 -12.82 5.03
N THR A 98 13.46 -13.74 5.37
CA THR A 98 14.37 -14.31 4.39
C THR A 98 14.48 -15.82 4.56
N SER A 99 13.99 -16.56 3.56
CA SER A 99 14.03 -18.02 3.60
C SER A 99 15.24 -18.55 2.84
N GLY A 100 15.82 -19.63 3.34
CA GLY A 100 16.98 -20.23 2.68
C GLY A 100 16.64 -21.52 1.98
N PRO A 101 16.99 -21.61 0.68
CA PRO A 101 16.73 -22.80 -0.13
C PRO A 101 17.59 -23.98 0.28
N SER A 102 17.43 -25.10 -0.42
CA SER A 102 18.18 -26.31 -0.11
C SER A 102 19.58 -26.24 -0.73
N SER A 103 20.51 -25.67 0.01
CA SER A 103 21.89 -25.54 -0.45
C SER A 103 22.79 -26.60 0.18
N GLY A 104 23.07 -27.66 -0.58
CA GLY A 104 23.90 -28.73 -0.08
C GLY A 104 25.36 -28.31 0.07
N GLY A 1 -3.23 22.00 2.97
CA GLY A 1 -4.51 21.71 3.58
C GLY A 1 -5.67 22.30 2.82
N SER A 2 -6.89 22.03 3.28
CA SER A 2 -8.08 22.54 2.62
C SER A 2 -8.84 23.49 3.54
N SER A 3 -8.96 24.75 3.10
CA SER A 3 -9.66 25.76 3.90
C SER A 3 -11.07 25.29 4.26
N GLY A 4 -11.86 24.97 3.23
CA GLY A 4 -13.22 24.53 3.46
C GLY A 4 -13.74 23.65 2.33
N SER A 5 -13.99 22.38 2.63
CA SER A 5 -14.48 21.44 1.63
C SER A 5 -15.57 20.55 2.21
N SER A 6 -16.41 20.01 1.34
CA SER A 6 -17.50 19.14 1.77
C SER A 6 -17.30 17.71 1.25
N GLY A 7 -17.09 16.78 2.18
CA GLY A 7 -16.88 15.40 1.79
C GLY A 7 -15.89 14.69 2.70
N PRO A 8 -16.40 14.05 3.76
CA PRO A 8 -15.57 13.32 4.72
C PRO A 8 -14.96 12.06 4.13
N LEU A 9 -13.64 12.05 3.98
CA LEU A 9 -12.94 10.90 3.42
C LEU A 9 -11.81 10.45 4.35
N PRO A 10 -12.15 9.64 5.35
CA PRO A 10 -11.19 9.11 6.31
C PRO A 10 -10.22 8.11 5.68
N PRO A 11 -8.95 8.52 5.56
CA PRO A 11 -7.91 7.66 4.97
C PRO A 11 -7.54 6.49 5.87
N PRO A 12 -6.74 5.55 5.34
CA PRO A 12 -6.30 4.37 6.08
C PRO A 12 -5.32 4.71 7.18
N ARG A 13 -5.70 4.42 8.43
CA ARG A 13 -4.85 4.71 9.58
C ARG A 13 -4.39 3.41 10.25
N ALA A 14 -5.36 2.55 10.56
CA ALA A 14 -5.06 1.27 11.20
C ALA A 14 -4.47 0.28 10.21
N LEU A 15 -3.34 0.66 9.61
CA LEU A 15 -2.68 -0.20 8.63
C LEU A 15 -1.93 -1.34 9.33
N THR A 16 -2.43 -2.55 9.14
CA THR A 16 -1.81 -3.72 9.75
C THR A 16 -1.40 -4.74 8.69
N LEU A 17 -0.23 -5.35 8.89
CA LEU A 17 0.27 -6.35 7.95
C LEU A 17 -0.41 -7.69 8.16
N ALA A 18 -1.17 -8.12 7.15
CA ALA A 18 -1.88 -9.40 7.22
C ALA A 18 -0.91 -10.57 7.36
N ALA A 19 0.10 -10.61 6.49
CA ALA A 19 1.09 -11.67 6.52
C ALA A 19 2.38 -11.23 5.81
N VAL A 20 3.52 -11.61 6.39
CA VAL A 20 4.82 -11.26 5.83
C VAL A 20 5.46 -12.46 5.14
N THR A 21 5.48 -12.44 3.81
CA THR A 21 6.07 -13.53 3.04
C THR A 21 7.18 -13.03 2.13
N PRO A 22 8.29 -13.78 2.06
CA PRO A 22 9.43 -13.42 1.22
C PRO A 22 9.14 -13.56 -0.26
N ARG A 23 7.90 -13.94 -0.58
CA ARG A 23 7.48 -14.10 -1.97
C ARG A 23 6.25 -13.26 -2.28
N THR A 24 5.54 -12.86 -1.23
CA THR A 24 4.34 -12.05 -1.38
C THR A 24 4.12 -11.15 -0.17
N VAL A 25 3.45 -10.03 -0.40
CA VAL A 25 3.16 -9.07 0.67
C VAL A 25 1.68 -8.76 0.76
N HIS A 26 1.10 -8.97 1.94
CA HIS A 26 -0.31 -8.70 2.15
C HIS A 26 -0.51 -7.58 3.16
N LEU A 27 -1.34 -6.60 2.81
CA LEU A 27 -1.62 -5.47 3.68
C LEU A 27 -3.12 -5.27 3.86
N THR A 28 -3.51 -4.78 5.04
CA THR A 28 -4.92 -4.54 5.33
C THR A 28 -5.10 -3.25 6.12
N TRP A 29 -6.09 -2.46 5.73
CA TRP A 29 -6.37 -1.20 6.40
C TRP A 29 -7.87 -1.02 6.63
N GLN A 30 -8.24 0.09 7.25
CA GLN A 30 -9.65 0.38 7.53
C GLN A 30 -10.33 0.97 6.30
N PRO A 31 -11.50 0.42 5.96
CA PRO A 31 -12.28 0.89 4.80
C PRO A 31 -12.89 2.26 5.03
N SER A 32 -12.76 3.14 4.04
CA SER A 32 -13.30 4.49 4.13
C SER A 32 -14.80 4.50 3.86
N ALA A 33 -15.50 5.42 4.51
CA ALA A 33 -16.94 5.55 4.34
C ALA A 33 -17.28 6.56 3.25
N GLY A 34 -16.95 6.22 2.00
CA GLY A 34 -17.24 7.11 0.89
C GLY A 34 -16.51 6.70 -0.38
N ALA A 35 -15.19 6.57 -0.29
CA ALA A 35 -14.40 6.17 -1.44
C ALA A 35 -14.88 4.84 -2.02
N THR A 36 -15.08 4.81 -3.33
CA THR A 36 -15.54 3.60 -4.00
C THR A 36 -14.37 2.70 -4.36
N HIS A 37 -13.21 3.30 -4.59
CA HIS A 37 -12.02 2.55 -4.95
C HIS A 37 -10.78 3.15 -4.28
N TYR A 38 -9.73 2.34 -4.14
CA TYR A 38 -8.50 2.79 -3.53
C TYR A 38 -7.31 2.58 -4.46
N LEU A 39 -6.36 3.50 -4.42
CA LEU A 39 -5.17 3.41 -5.26
C LEU A 39 -3.95 3.01 -4.44
N VAL A 40 -3.36 1.87 -4.78
CA VAL A 40 -2.19 1.37 -4.08
C VAL A 40 -0.94 1.50 -4.94
N ARG A 41 -0.04 2.41 -4.54
CA ARG A 41 1.19 2.64 -5.28
C ARG A 41 2.34 1.84 -4.67
N CYS A 42 2.83 0.86 -5.42
CA CYS A 42 3.93 0.03 -4.96
C CYS A 42 5.28 0.57 -5.43
N SER A 43 6.08 1.05 -4.49
CA SER A 43 7.38 1.61 -4.80
C SER A 43 8.45 1.09 -3.85
N PRO A 44 9.65 0.83 -4.38
CA PRO A 44 10.78 0.33 -3.58
C PRO A 44 11.33 1.38 -2.63
N ALA A 45 11.61 0.97 -1.40
CA ALA A 45 12.15 1.88 -0.38
C ALA A 45 13.61 2.19 -0.66
N SER A 46 14.13 1.69 -1.78
CA SER A 46 15.52 1.91 -2.14
C SER A 46 15.66 3.15 -3.03
N PRO A 47 16.75 3.89 -2.84
CA PRO A 47 17.03 5.11 -3.61
C PRO A 47 17.38 4.81 -5.06
N LYS A 48 17.46 3.52 -5.40
CA LYS A 48 17.78 3.10 -6.75
C LYS A 48 16.81 3.70 -7.76
N GLY A 49 15.53 3.36 -7.61
CA GLY A 49 14.51 3.87 -8.52
C GLY A 49 13.80 5.09 -7.95
N GLU A 50 13.75 6.16 -8.73
CA GLU A 50 13.09 7.39 -8.30
C GLU A 50 11.71 7.52 -8.94
N GLU A 51 11.66 7.35 -10.27
CA GLU A 51 10.41 7.46 -10.99
C GLU A 51 9.87 6.08 -11.36
N GLU A 52 9.99 5.14 -10.43
CA GLU A 52 9.52 3.77 -10.65
C GLU A 52 8.47 3.38 -9.62
N GLU A 53 7.23 3.75 -9.90
CA GLU A 53 6.12 3.44 -8.98
C GLU A 53 4.99 2.75 -9.73
N ARG A 54 4.49 1.65 -9.17
CA ARG A 54 3.40 0.90 -9.78
C ARG A 54 2.06 1.28 -9.16
N GLU A 55 1.26 2.02 -9.91
CA GLU A 55 -0.05 2.45 -9.43
C GLU A 55 -1.13 1.44 -9.80
N VAL A 56 -1.72 0.80 -8.79
CA VAL A 56 -2.76 -0.19 -9.01
C VAL A 56 -4.05 0.21 -8.31
N GLN A 57 -5.14 -0.49 -8.63
CA GLN A 57 -6.43 -0.21 -8.03
C GLN A 57 -7.06 -1.48 -7.49
N VAL A 58 -7.35 -1.48 -6.18
CA VAL A 58 -7.97 -2.64 -5.54
C VAL A 58 -9.35 -2.29 -4.98
N GLY A 59 -10.33 -3.12 -5.30
CA GLY A 59 -11.68 -2.89 -4.82
C GLY A 59 -11.83 -3.18 -3.35
N ARG A 60 -10.76 -3.65 -2.72
CA ARG A 60 -10.78 -3.97 -1.30
C ARG A 60 -9.64 -3.26 -0.57
N PRO A 61 -9.85 -3.00 0.73
CA PRO A 61 -8.85 -2.33 1.57
C PRO A 61 -7.64 -3.20 1.84
N GLU A 62 -7.62 -4.38 1.23
CA GLU A 62 -6.51 -5.31 1.42
C GLU A 62 -5.90 -5.70 0.07
N VAL A 63 -4.64 -5.34 -0.14
CA VAL A 63 -3.95 -5.64 -1.38
C VAL A 63 -2.85 -6.67 -1.16
N LEU A 64 -2.73 -7.62 -2.08
CA LEU A 64 -1.71 -8.65 -1.98
C LEU A 64 -0.75 -8.60 -3.17
N LEU A 65 0.48 -8.16 -2.92
CA LEU A 65 1.49 -8.06 -3.96
C LEU A 65 2.21 -9.39 -4.14
N ASP A 66 2.20 -9.91 -5.36
CA ASP A 66 2.86 -11.17 -5.67
C ASP A 66 4.09 -10.94 -6.55
N GLY A 67 5.12 -11.75 -6.34
CA GLY A 67 6.33 -11.62 -7.11
C GLY A 67 7.26 -10.54 -6.57
N LEU A 68 7.86 -10.81 -5.42
CA LEU A 68 8.77 -9.86 -4.79
C LEU A 68 10.05 -10.54 -4.32
N GLU A 69 11.04 -9.74 -3.92
CA GLU A 69 12.31 -10.29 -3.46
C GLU A 69 12.38 -10.24 -1.93
N PRO A 70 12.96 -11.30 -1.35
CA PRO A 70 13.12 -11.40 0.11
C PRO A 70 14.13 -10.41 0.67
N GLY A 71 13.87 -9.91 1.88
CA GLY A 71 14.77 -8.96 2.49
C GLY A 71 14.77 -7.61 1.79
N ARG A 72 13.58 -7.10 1.49
CA ARG A 72 13.45 -5.82 0.81
C ARG A 72 12.35 -4.97 1.44
N ASP A 73 12.38 -3.68 1.17
CA ASP A 73 11.39 -2.76 1.72
C ASP A 73 10.59 -2.09 0.60
N TYR A 74 9.30 -1.93 0.81
CA TYR A 74 8.42 -1.31 -0.17
C TYR A 74 7.52 -0.26 0.47
N GLU A 75 7.57 0.96 -0.05
CA GLU A 75 6.76 2.05 0.48
C GLU A 75 5.35 2.03 -0.13
N VAL A 76 4.52 1.12 0.37
CA VAL A 76 3.15 1.00 -0.11
C VAL A 76 2.28 2.12 0.42
N SER A 77 1.96 3.08 -0.45
CA SER A 77 1.12 4.21 -0.06
C SER A 77 -0.32 4.01 -0.53
N VAL A 78 -1.25 4.01 0.42
CA VAL A 78 -2.66 3.83 0.10
C VAL A 78 -3.39 5.17 0.06
N GLN A 79 -4.45 5.23 -0.74
CA GLN A 79 -5.24 6.45 -0.87
C GLN A 79 -6.68 6.14 -1.24
N SER A 80 -7.62 6.73 -0.51
CA SER A 80 -9.04 6.52 -0.76
C SER A 80 -9.54 7.42 -1.89
N LEU A 81 -9.97 6.82 -2.98
CA LEU A 81 -10.48 7.57 -4.13
C LEU A 81 -12.00 7.61 -4.11
N ARG A 82 -12.55 8.82 -4.19
CA ARG A 82 -14.00 9.00 -4.18
C ARG A 82 -14.42 10.01 -5.25
N GLY A 83 -13.80 9.92 -6.42
CA GLY A 83 -14.12 10.83 -7.50
C GLY A 83 -12.89 11.41 -8.16
N PRO A 84 -12.96 12.70 -8.54
CA PRO A 84 -11.85 13.40 -9.18
C PRO A 84 -10.69 13.65 -8.24
N GLU A 85 -10.97 13.62 -6.94
CA GLU A 85 -9.95 13.85 -5.93
C GLU A 85 -9.93 12.72 -4.90
N GLY A 86 -8.75 12.40 -4.39
CA GLY A 86 -8.61 11.34 -3.41
C GLY A 86 -8.21 11.85 -2.05
N SER A 87 -7.94 10.93 -1.13
CA SER A 87 -7.56 11.30 0.23
C SER A 87 -6.04 11.48 0.33
N GLU A 88 -5.56 11.79 1.53
CA GLU A 88 -4.14 11.99 1.76
C GLU A 88 -3.37 10.69 1.56
N ALA A 89 -2.08 10.82 1.23
CA ALA A 89 -1.23 9.65 1.00
C ALA A 89 -0.77 9.05 2.33
N ARG A 90 -1.28 7.87 2.65
CA ARG A 90 -0.92 7.19 3.88
C ARG A 90 -0.32 5.82 3.59
N GLY A 91 0.98 5.68 3.85
CA GLY A 91 1.65 4.41 3.61
C GLY A 91 2.31 3.86 4.86
N ILE A 92 2.67 2.58 4.82
CA ILE A 92 3.31 1.93 5.96
C ILE A 92 4.62 1.27 5.55
N ARG A 93 5.53 1.12 6.50
CA ARG A 93 6.82 0.51 6.24
C ARG A 93 6.68 -1.00 6.09
N ALA A 94 6.73 -1.48 4.84
CA ALA A 94 6.61 -2.90 4.56
C ALA A 94 7.97 -3.57 4.49
N ARG A 95 8.14 -4.66 5.23
CA ARG A 95 9.39 -5.39 5.24
C ARG A 95 9.16 -6.89 5.09
N THR A 96 10.20 -7.60 4.66
CA THR A 96 10.11 -9.04 4.45
C THR A 96 11.43 -9.72 4.78
N PRO A 97 11.34 -10.88 5.45
CA PRO A 97 12.53 -11.66 5.85
C PRO A 97 13.22 -12.30 4.64
N THR A 98 14.14 -13.21 4.92
CA THR A 98 14.88 -13.90 3.87
C THR A 98 14.97 -15.40 4.14
N SER A 99 14.33 -16.19 3.29
CA SER A 99 14.34 -17.63 3.44
C SER A 99 15.76 -18.19 3.35
N GLY A 100 16.10 -19.08 4.28
CA GLY A 100 17.43 -19.66 4.30
C GLY A 100 17.41 -21.15 3.98
N PRO A 101 18.55 -21.82 4.24
CA PRO A 101 18.69 -23.26 3.99
C PRO A 101 17.87 -24.10 4.95
N SER A 102 17.12 -23.43 5.82
CA SER A 102 16.29 -24.11 6.81
C SER A 102 15.69 -25.38 6.23
N SER A 103 16.11 -26.52 6.76
CA SER A 103 15.62 -27.82 6.30
C SER A 103 14.11 -27.79 6.14
N GLY A 104 13.64 -27.83 4.89
CA GLY A 104 12.22 -27.81 4.61
C GLY A 104 11.91 -27.99 3.14
#